data_4JNB
# 
_entry.id   4JNB 
# 
_audit_conform.dict_name       mmcif_pdbx.dic 
_audit_conform.dict_version    5.388 
_audit_conform.dict_location   http://mmcif.pdb.org/dictionaries/ascii/mmcif_pdbx.dic 
# 
loop_
_database_2.database_id 
_database_2.database_code 
_database_2.pdbx_database_accession 
_database_2.pdbx_DOI 
PDB   4JNB         pdb_00004jnb 10.2210/pdb4jnb/pdb 
RCSB  RCSB078261   ?            ?                   
WWPDB D_1000078261 ?            ?                   
# 
loop_
_pdbx_audit_revision_history.ordinal 
_pdbx_audit_revision_history.data_content_type 
_pdbx_audit_revision_history.major_revision 
_pdbx_audit_revision_history.minor_revision 
_pdbx_audit_revision_history.revision_date 
1 'Structure model' 1 0 2014-03-26 
2 'Structure model' 1 1 2024-03-20 
# 
_pdbx_audit_revision_details.ordinal             1 
_pdbx_audit_revision_details.revision_ordinal    1 
_pdbx_audit_revision_details.data_content_type   'Structure model' 
_pdbx_audit_revision_details.provider            repository 
_pdbx_audit_revision_details.type                'Initial release' 
_pdbx_audit_revision_details.description         ? 
_pdbx_audit_revision_details.details             ? 
# 
loop_
_pdbx_audit_revision_group.ordinal 
_pdbx_audit_revision_group.revision_ordinal 
_pdbx_audit_revision_group.data_content_type 
_pdbx_audit_revision_group.group 
1 2 'Structure model' 'Data collection'      
2 2 'Structure model' 'Database references'  
3 2 'Structure model' 'Derived calculations' 
# 
loop_
_pdbx_audit_revision_category.ordinal 
_pdbx_audit_revision_category.revision_ordinal 
_pdbx_audit_revision_category.data_content_type 
_pdbx_audit_revision_category.category 
1 2 'Structure model' chem_comp_atom     
2 2 'Structure model' chem_comp_bond     
3 2 'Structure model' database_2         
4 2 'Structure model' struct_ref_seq_dif 
5 2 'Structure model' struct_site        
# 
loop_
_pdbx_audit_revision_item.ordinal 
_pdbx_audit_revision_item.revision_ordinal 
_pdbx_audit_revision_item.data_content_type 
_pdbx_audit_revision_item.item 
1 2 'Structure model' '_database_2.pdbx_DOI'                
2 2 'Structure model' '_database_2.pdbx_database_accession' 
3 2 'Structure model' '_struct_ref_seq_dif.details'         
4 2 'Structure model' '_struct_site.pdbx_auth_asym_id'      
5 2 'Structure model' '_struct_site.pdbx_auth_comp_id'      
6 2 'Structure model' '_struct_site.pdbx_auth_seq_id'       
# 
_pdbx_database_status.status_code                     REL 
_pdbx_database_status.entry_id                        4JNB 
_pdbx_database_status.recvd_initial_deposition_date   2013-03-15 
_pdbx_database_status.deposit_site                    RCSB 
_pdbx_database_status.process_site                    PDBJ 
_pdbx_database_status.methods_development_category    ? 
_pdbx_database_status.status_code_sf                  REL 
_pdbx_database_status.status_code_mr                  ? 
_pdbx_database_status.SG_entry                        ? 
_pdbx_database_status.status_code_cs                  ? 
_pdbx_database_status.pdb_format_compatible           Y 
_pdbx_database_status.status_code_nmr_data            ? 
# 
loop_
_audit_author.name 
_audit_author.pdbx_ordinal 
'Jeon, T.J.'  1 
'Chien, P.N.' 2 
'Ku, B.'      3 
'Kim, S.J.'   4 
'Ryu, S.E.'   5 
# 
_citation.id                        primary 
_citation.title                     'The family-wide structure and function of human dual-specificity protein phosphatases.' 
_citation.journal_abbrev            'Acta Crystallogr.,Sect.D' 
_citation.journal_volume            70 
_citation.page_first                421 
_citation.page_last                 435 
_citation.year                      2014 
_citation.journal_id_ASTM           ABCRE6 
_citation.country                   DK 
_citation.journal_id_ISSN           0907-4449 
_citation.journal_id_CSD            0766 
_citation.book_publisher            ? 
_citation.pdbx_database_id_PubMed   24531476 
_citation.pdbx_database_id_DOI      10.1107/S1399004713029866 
# 
loop_
_citation_author.citation_id 
_citation_author.name 
_citation_author.ordinal 
_citation_author.identifier_ORCID 
primary 'Jeong, D.G.' 1  ? 
primary 'Wei, C.H.'   2  ? 
primary 'Ku, B.'      3  ? 
primary 'Jeon, T.J.'  4  ? 
primary 'Chien, P.N.' 5  ? 
primary 'Kim, J.K.'   6  ? 
primary 'Park, S.Y.'  7  ? 
primary 'Hwang, H.S.' 8  ? 
primary 'Ryu, S.Y.'   9  ? 
primary 'Park, H.'    10 ? 
primary 'Kim, D.S.'   11 ? 
primary 'Kim, S.J.'   12 ? 
primary 'Ryu, S.E.'   13 ? 
# 
loop_
_entity.id 
_entity.type 
_entity.src_method 
_entity.pdbx_description 
_entity.formula_weight 
_entity.pdbx_number_of_molecules 
_entity.pdbx_ec 
_entity.pdbx_mutation 
_entity.pdbx_fragment 
_entity.details 
1 polymer     man 'Dual specificity protein phosphatase 12' 18619.234 1 '3.1.3.16, 3.1.3.48' 'C97A, C115S' 
'catalytic domain UNP RESIDUES 27-193' ? 
2 non-polymer syn 'SULFATE ION'                             96.063    1 ?                    ?             ? ? 
# 
_entity_name_com.entity_id   1 
_entity_name_com.name        'Dual specificity tyrosine phosphatase YVH1' 
# 
_entity_poly.entity_id                      1 
_entity_poly.type                           'polypeptide(L)' 
_entity_poly.nstd_linkage                   no 
_entity_poly.nstd_monomer                   no 
_entity_poly.pdbx_seq_one_letter_code       
;MLEVQPGLYFGGAAAVAEPDHLREAGITAVLTVDSEEPSFKAGPGVEDLWRLFVPALDKPETDLLSHLDRAVAFIGQARA
EGRAVLVHSHAGVSRSVAIITAFLMKTDQLPFEKAYEKLQILKPEAKMNEGFEWQLKLYQAMGYEVDTSSAIYKQYRLQK
VTEKYPE
;
_entity_poly.pdbx_seq_one_letter_code_can   
;MLEVQPGLYFGGAAAVAEPDHLREAGITAVLTVDSEEPSFKAGPGVEDLWRLFVPALDKPETDLLSHLDRAVAFIGQARA
EGRAVLVHSHAGVSRSVAIITAFLMKTDQLPFEKAYEKLQILKPEAKMNEGFEWQLKLYQAMGYEVDTSSAIYKQYRLQK
VTEKYPE
;
_entity_poly.pdbx_strand_id                 A 
_entity_poly.pdbx_target_identifier         ? 
# 
_pdbx_entity_nonpoly.entity_id   2 
_pdbx_entity_nonpoly.name        'SULFATE ION' 
_pdbx_entity_nonpoly.comp_id     SO4 
# 
loop_
_entity_poly_seq.entity_id 
_entity_poly_seq.num 
_entity_poly_seq.mon_id 
_entity_poly_seq.hetero 
1 1   MET n 
1 2   LEU n 
1 3   GLU n 
1 4   VAL n 
1 5   GLN n 
1 6   PRO n 
1 7   GLY n 
1 8   LEU n 
1 9   TYR n 
1 10  PHE n 
1 11  GLY n 
1 12  GLY n 
1 13  ALA n 
1 14  ALA n 
1 15  ALA n 
1 16  VAL n 
1 17  ALA n 
1 18  GLU n 
1 19  PRO n 
1 20  ASP n 
1 21  HIS n 
1 22  LEU n 
1 23  ARG n 
1 24  GLU n 
1 25  ALA n 
1 26  GLY n 
1 27  ILE n 
1 28  THR n 
1 29  ALA n 
1 30  VAL n 
1 31  LEU n 
1 32  THR n 
1 33  VAL n 
1 34  ASP n 
1 35  SER n 
1 36  GLU n 
1 37  GLU n 
1 38  PRO n 
1 39  SER n 
1 40  PHE n 
1 41  LYS n 
1 42  ALA n 
1 43  GLY n 
1 44  PRO n 
1 45  GLY n 
1 46  VAL n 
1 47  GLU n 
1 48  ASP n 
1 49  LEU n 
1 50  TRP n 
1 51  ARG n 
1 52  LEU n 
1 53  PHE n 
1 54  VAL n 
1 55  PRO n 
1 56  ALA n 
1 57  LEU n 
1 58  ASP n 
1 59  LYS n 
1 60  PRO n 
1 61  GLU n 
1 62  THR n 
1 63  ASP n 
1 64  LEU n 
1 65  LEU n 
1 66  SER n 
1 67  HIS n 
1 68  LEU n 
1 69  ASP n 
1 70  ARG n 
1 71  ALA n 
1 72  VAL n 
1 73  ALA n 
1 74  PHE n 
1 75  ILE n 
1 76  GLY n 
1 77  GLN n 
1 78  ALA n 
1 79  ARG n 
1 80  ALA n 
1 81  GLU n 
1 82  GLY n 
1 83  ARG n 
1 84  ALA n 
1 85  VAL n 
1 86  LEU n 
1 87  VAL n 
1 88  HIS n 
1 89  SER n 
1 90  HIS n 
1 91  ALA n 
1 92  GLY n 
1 93  VAL n 
1 94  SER n 
1 95  ARG n 
1 96  SER n 
1 97  VAL n 
1 98  ALA n 
1 99  ILE n 
1 100 ILE n 
1 101 THR n 
1 102 ALA n 
1 103 PHE n 
1 104 LEU n 
1 105 MET n 
1 106 LYS n 
1 107 THR n 
1 108 ASP n 
1 109 GLN n 
1 110 LEU n 
1 111 PRO n 
1 112 PHE n 
1 113 GLU n 
1 114 LYS n 
1 115 ALA n 
1 116 TYR n 
1 117 GLU n 
1 118 LYS n 
1 119 LEU n 
1 120 GLN n 
1 121 ILE n 
1 122 LEU n 
1 123 LYS n 
1 124 PRO n 
1 125 GLU n 
1 126 ALA n 
1 127 LYS n 
1 128 MET n 
1 129 ASN n 
1 130 GLU n 
1 131 GLY n 
1 132 PHE n 
1 133 GLU n 
1 134 TRP n 
1 135 GLN n 
1 136 LEU n 
1 137 LYS n 
1 138 LEU n 
1 139 TYR n 
1 140 GLN n 
1 141 ALA n 
1 142 MET n 
1 143 GLY n 
1 144 TYR n 
1 145 GLU n 
1 146 VAL n 
1 147 ASP n 
1 148 THR n 
1 149 SER n 
1 150 SER n 
1 151 ALA n 
1 152 ILE n 
1 153 TYR n 
1 154 LYS n 
1 155 GLN n 
1 156 TYR n 
1 157 ARG n 
1 158 LEU n 
1 159 GLN n 
1 160 LYS n 
1 161 VAL n 
1 162 THR n 
1 163 GLU n 
1 164 LYS n 
1 165 TYR n 
1 166 PRO n 
1 167 GLU n 
# 
_entity_src_gen.entity_id                          1 
_entity_src_gen.pdbx_src_id                        1 
_entity_src_gen.pdbx_alt_source_flag               sample 
_entity_src_gen.pdbx_seq_type                      ? 
_entity_src_gen.pdbx_beg_seq_num                   ? 
_entity_src_gen.pdbx_end_seq_num                   ? 
_entity_src_gen.gene_src_common_name               human 
_entity_src_gen.gene_src_genus                     ? 
_entity_src_gen.pdbx_gene_src_gene                 DUSP12 
_entity_src_gen.gene_src_species                   ? 
_entity_src_gen.gene_src_strain                    ? 
_entity_src_gen.gene_src_tissue                    ? 
_entity_src_gen.gene_src_tissue_fraction           ? 
_entity_src_gen.gene_src_details                   ? 
_entity_src_gen.pdbx_gene_src_fragment             ? 
_entity_src_gen.pdbx_gene_src_scientific_name      'Homo sapiens' 
_entity_src_gen.pdbx_gene_src_ncbi_taxonomy_id     9606 
_entity_src_gen.pdbx_gene_src_variant              ? 
_entity_src_gen.pdbx_gene_src_cell_line            ? 
_entity_src_gen.pdbx_gene_src_atcc                 ? 
_entity_src_gen.pdbx_gene_src_organ                ? 
_entity_src_gen.pdbx_gene_src_organelle            ? 
_entity_src_gen.pdbx_gene_src_cell                 ? 
_entity_src_gen.pdbx_gene_src_cellular_location    ? 
_entity_src_gen.host_org_common_name               ? 
_entity_src_gen.pdbx_host_org_scientific_name      'Escherichia coli' 
_entity_src_gen.pdbx_host_org_ncbi_taxonomy_id     562 
_entity_src_gen.host_org_genus                     ? 
_entity_src_gen.pdbx_host_org_gene                 ? 
_entity_src_gen.pdbx_host_org_organ                ? 
_entity_src_gen.host_org_species                   ? 
_entity_src_gen.pdbx_host_org_tissue               ? 
_entity_src_gen.pdbx_host_org_tissue_fraction      ? 
_entity_src_gen.pdbx_host_org_strain               ? 
_entity_src_gen.pdbx_host_org_variant              ? 
_entity_src_gen.pdbx_host_org_cell_line            ? 
_entity_src_gen.pdbx_host_org_atcc                 ? 
_entity_src_gen.pdbx_host_org_culture_collection   ? 
_entity_src_gen.pdbx_host_org_cell                 ? 
_entity_src_gen.pdbx_host_org_organelle            ? 
_entity_src_gen.pdbx_host_org_cellular_location    ? 
_entity_src_gen.pdbx_host_org_vector_type          ? 
_entity_src_gen.pdbx_host_org_vector               ? 
_entity_src_gen.host_org_details                   ? 
_entity_src_gen.expression_system_id               ? 
_entity_src_gen.plasmid_name                       ? 
_entity_src_gen.plasmid_details                    ? 
_entity_src_gen.pdbx_description                   ? 
# 
loop_
_chem_comp.id 
_chem_comp.type 
_chem_comp.mon_nstd_flag 
_chem_comp.name 
_chem_comp.pdbx_synonyms 
_chem_comp.formula 
_chem_comp.formula_weight 
ALA 'L-peptide linking' y ALANINE         ? 'C3 H7 N O2'     89.093  
ARG 'L-peptide linking' y ARGININE        ? 'C6 H15 N4 O2 1' 175.209 
ASN 'L-peptide linking' y ASPARAGINE      ? 'C4 H8 N2 O3'    132.118 
ASP 'L-peptide linking' y 'ASPARTIC ACID' ? 'C4 H7 N O4'     133.103 
CYS 'L-peptide linking' y CYSTEINE        ? 'C3 H7 N O2 S'   121.158 
GLN 'L-peptide linking' y GLUTAMINE       ? 'C5 H10 N2 O3'   146.144 
GLU 'L-peptide linking' y 'GLUTAMIC ACID' ? 'C5 H9 N O4'     147.129 
GLY 'peptide linking'   y GLYCINE         ? 'C2 H5 N O2'     75.067  
HIS 'L-peptide linking' y HISTIDINE       ? 'C6 H10 N3 O2 1' 156.162 
ILE 'L-peptide linking' y ISOLEUCINE      ? 'C6 H13 N O2'    131.173 
LEU 'L-peptide linking' y LEUCINE         ? 'C6 H13 N O2'    131.173 
LYS 'L-peptide linking' y LYSINE          ? 'C6 H15 N2 O2 1' 147.195 
MET 'L-peptide linking' y METHIONINE      ? 'C5 H11 N O2 S'  149.211 
PHE 'L-peptide linking' y PHENYLALANINE   ? 'C9 H11 N O2'    165.189 
PRO 'L-peptide linking' y PROLINE         ? 'C5 H9 N O2'     115.130 
SER 'L-peptide linking' y SERINE          ? 'C3 H7 N O3'     105.093 
SO4 non-polymer         . 'SULFATE ION'   ? 'O4 S -2'        96.063  
THR 'L-peptide linking' y THREONINE       ? 'C4 H9 N O3'     119.119 
TRP 'L-peptide linking' y TRYPTOPHAN      ? 'C11 H12 N2 O2'  204.225 
TYR 'L-peptide linking' y TYROSINE        ? 'C9 H11 N O3'    181.189 
VAL 'L-peptide linking' y VALINE          ? 'C5 H11 N O2'    117.146 
# 
loop_
_pdbx_poly_seq_scheme.asym_id 
_pdbx_poly_seq_scheme.entity_id 
_pdbx_poly_seq_scheme.seq_id 
_pdbx_poly_seq_scheme.mon_id 
_pdbx_poly_seq_scheme.ndb_seq_num 
_pdbx_poly_seq_scheme.pdb_seq_num 
_pdbx_poly_seq_scheme.auth_seq_num 
_pdbx_poly_seq_scheme.pdb_mon_id 
_pdbx_poly_seq_scheme.auth_mon_id 
_pdbx_poly_seq_scheme.pdb_strand_id 
_pdbx_poly_seq_scheme.pdb_ins_code 
_pdbx_poly_seq_scheme.hetero 
A 1 1   MET 1   27  27  MET MET A . n 
A 1 2   LEU 2   28  28  LEU LEU A . n 
A 1 3   GLU 3   29  29  GLU GLU A . n 
A 1 4   VAL 4   30  30  VAL VAL A . n 
A 1 5   GLN 5   31  31  GLN GLN A . n 
A 1 6   PRO 6   32  32  PRO PRO A . n 
A 1 7   GLY 7   33  33  GLY GLY A . n 
A 1 8   LEU 8   34  34  LEU LEU A . n 
A 1 9   TYR 9   35  35  TYR TYR A . n 
A 1 10  PHE 10  36  36  PHE PHE A . n 
A 1 11  GLY 11  37  37  GLY GLY A . n 
A 1 12  GLY 12  38  38  GLY GLY A . n 
A 1 13  ALA 13  39  39  ALA ALA A . n 
A 1 14  ALA 14  40  40  ALA ALA A . n 
A 1 15  ALA 15  41  41  ALA ALA A . n 
A 1 16  VAL 16  42  42  VAL VAL A . n 
A 1 17  ALA 17  43  43  ALA ALA A . n 
A 1 18  GLU 18  44  44  GLU GLU A . n 
A 1 19  PRO 19  45  45  PRO PRO A . n 
A 1 20  ASP 20  46  46  ASP ASP A . n 
A 1 21  HIS 21  47  47  HIS HIS A . n 
A 1 22  LEU 22  48  48  LEU LEU A . n 
A 1 23  ARG 23  49  49  ARG ARG A . n 
A 1 24  GLU 24  50  50  GLU GLU A . n 
A 1 25  ALA 25  51  51  ALA ALA A . n 
A 1 26  GLY 26  52  52  GLY GLY A . n 
A 1 27  ILE 27  53  53  ILE ILE A . n 
A 1 28  THR 28  54  54  THR THR A . n 
A 1 29  ALA 29  55  55  ALA ALA A . n 
A 1 30  VAL 30  56  56  VAL VAL A . n 
A 1 31  LEU 31  57  57  LEU LEU A . n 
A 1 32  THR 32  58  58  THR THR A . n 
A 1 33  VAL 33  59  59  VAL VAL A . n 
A 1 34  ASP 34  60  60  ASP ASP A . n 
A 1 35  SER 35  61  61  SER SER A . n 
A 1 36  GLU 36  62  62  GLU GLU A . n 
A 1 37  GLU 37  63  63  GLU GLU A . n 
A 1 38  PRO 38  64  64  PRO PRO A . n 
A 1 39  SER 39  65  65  SER SER A . n 
A 1 40  PHE 40  66  66  PHE PHE A . n 
A 1 41  LYS 41  67  67  LYS LYS A . n 
A 1 42  ALA 42  68  68  ALA ALA A . n 
A 1 43  GLY 43  69  69  GLY GLY A . n 
A 1 44  PRO 44  70  70  PRO PRO A . n 
A 1 45  GLY 45  71  71  GLY GLY A . n 
A 1 46  VAL 46  72  72  VAL VAL A . n 
A 1 47  GLU 47  73  73  GLU GLU A . n 
A 1 48  ASP 48  74  74  ASP ASP A . n 
A 1 49  LEU 49  75  75  LEU LEU A . n 
A 1 50  TRP 50  76  76  TRP TRP A . n 
A 1 51  ARG 51  77  77  ARG ARG A . n 
A 1 52  LEU 52  78  78  LEU LEU A . n 
A 1 53  PHE 53  79  79  PHE PHE A . n 
A 1 54  VAL 54  80  80  VAL VAL A . n 
A 1 55  PRO 55  81  81  PRO PRO A . n 
A 1 56  ALA 56  82  82  ALA ALA A . n 
A 1 57  LEU 57  83  83  LEU LEU A . n 
A 1 58  ASP 58  84  84  ASP ASP A . n 
A 1 59  LYS 59  85  85  LYS LYS A . n 
A 1 60  PRO 60  86  86  PRO PRO A . n 
A 1 61  GLU 61  87  87  GLU GLU A . n 
A 1 62  THR 62  88  88  THR THR A . n 
A 1 63  ASP 63  89  89  ASP ASP A . n 
A 1 64  LEU 64  90  90  LEU LEU A . n 
A 1 65  LEU 65  91  91  LEU LEU A . n 
A 1 66  SER 66  92  92  SER SER A . n 
A 1 67  HIS 67  93  93  HIS HIS A . n 
A 1 68  LEU 68  94  94  LEU LEU A . n 
A 1 69  ASP 69  95  95  ASP ASP A . n 
A 1 70  ARG 70  96  96  ARG ARG A . n 
A 1 71  ALA 71  97  97  ALA ALA A . n 
A 1 72  VAL 72  98  98  VAL VAL A . n 
A 1 73  ALA 73  99  99  ALA ALA A . n 
A 1 74  PHE 74  100 100 PHE PHE A . n 
A 1 75  ILE 75  101 101 ILE ILE A . n 
A 1 76  GLY 76  102 102 GLY GLY A . n 
A 1 77  GLN 77  103 103 GLN GLN A . n 
A 1 78  ALA 78  104 104 ALA ALA A . n 
A 1 79  ARG 79  105 105 ARG ARG A . n 
A 1 80  ALA 80  106 106 ALA ALA A . n 
A 1 81  GLU 81  107 107 GLU GLU A . n 
A 1 82  GLY 82  108 108 GLY GLY A . n 
A 1 83  ARG 83  109 109 ARG ARG A . n 
A 1 84  ALA 84  110 110 ALA ALA A . n 
A 1 85  VAL 85  111 111 VAL VAL A . n 
A 1 86  LEU 86  112 112 LEU LEU A . n 
A 1 87  VAL 87  113 113 VAL VAL A . n 
A 1 88  HIS 88  114 114 HIS HIS A . n 
A 1 89  SER 89  115 115 SER SER A . n 
A 1 90  HIS 90  116 116 HIS HIS A . n 
A 1 91  ALA 91  117 117 ALA ALA A . n 
A 1 92  GLY 92  118 118 GLY GLY A . n 
A 1 93  VAL 93  119 119 VAL VAL A . n 
A 1 94  SER 94  120 120 SER SER A . n 
A 1 95  ARG 95  121 121 ARG ARG A . n 
A 1 96  SER 96  122 122 SER SER A . n 
A 1 97  VAL 97  123 123 VAL VAL A . n 
A 1 98  ALA 98  124 124 ALA ALA A . n 
A 1 99  ILE 99  125 125 ILE ILE A . n 
A 1 100 ILE 100 126 126 ILE ILE A . n 
A 1 101 THR 101 127 127 THR THR A . n 
A 1 102 ALA 102 128 128 ALA ALA A . n 
A 1 103 PHE 103 129 129 PHE PHE A . n 
A 1 104 LEU 104 130 130 LEU LEU A . n 
A 1 105 MET 105 131 131 MET MET A . n 
A 1 106 LYS 106 132 132 LYS LYS A . n 
A 1 107 THR 107 133 133 THR THR A . n 
A 1 108 ASP 108 134 134 ASP ASP A . n 
A 1 109 GLN 109 135 135 GLN GLN A . n 
A 1 110 LEU 110 136 136 LEU LEU A . n 
A 1 111 PRO 111 137 137 PRO PRO A . n 
A 1 112 PHE 112 138 138 PHE PHE A . n 
A 1 113 GLU 113 139 139 GLU GLU A . n 
A 1 114 LYS 114 140 140 LYS LYS A . n 
A 1 115 ALA 115 141 141 ALA ALA A . n 
A 1 116 TYR 116 142 142 TYR TYR A . n 
A 1 117 GLU 117 143 143 GLU GLU A . n 
A 1 118 LYS 118 144 144 LYS LYS A . n 
A 1 119 LEU 119 145 145 LEU LEU A . n 
A 1 120 GLN 120 146 146 GLN GLN A . n 
A 1 121 ILE 121 147 147 ILE ILE A . n 
A 1 122 LEU 122 148 148 LEU LEU A . n 
A 1 123 LYS 123 149 149 LYS LYS A . n 
A 1 124 PRO 124 150 150 PRO PRO A . n 
A 1 125 GLU 125 151 151 GLU GLU A . n 
A 1 126 ALA 126 152 152 ALA ALA A . n 
A 1 127 LYS 127 153 153 LYS LYS A . n 
A 1 128 MET 128 154 154 MET MET A . n 
A 1 129 ASN 129 155 155 ASN ASN A . n 
A 1 130 GLU 130 156 156 GLU GLU A . n 
A 1 131 GLY 131 157 157 GLY GLY A . n 
A 1 132 PHE 132 158 158 PHE PHE A . n 
A 1 133 GLU 133 159 159 GLU GLU A . n 
A 1 134 TRP 134 160 160 TRP TRP A . n 
A 1 135 GLN 135 161 161 GLN GLN A . n 
A 1 136 LEU 136 162 162 LEU LEU A . n 
A 1 137 LYS 137 163 163 LYS LYS A . n 
A 1 138 LEU 138 164 164 LEU LEU A . n 
A 1 139 TYR 139 165 165 TYR TYR A . n 
A 1 140 GLN 140 166 166 GLN GLN A . n 
A 1 141 ALA 141 167 167 ALA ALA A . n 
A 1 142 MET 142 168 168 MET MET A . n 
A 1 143 GLY 143 169 169 GLY GLY A . n 
A 1 144 TYR 144 170 170 TYR TYR A . n 
A 1 145 GLU 145 171 171 GLU GLU A . n 
A 1 146 VAL 146 172 172 VAL VAL A . n 
A 1 147 ASP 147 173 173 ASP ASP A . n 
A 1 148 THR 148 174 174 THR THR A . n 
A 1 149 SER 149 175 175 SER SER A . n 
A 1 150 SER 150 176 176 SER SER A . n 
A 1 151 ALA 151 177 177 ALA ALA A . n 
A 1 152 ILE 152 178 178 ILE ILE A . n 
A 1 153 TYR 153 179 179 TYR TYR A . n 
A 1 154 LYS 154 180 180 LYS LYS A . n 
A 1 155 GLN 155 181 181 GLN GLN A . n 
A 1 156 TYR 156 182 182 TYR TYR A . n 
A 1 157 ARG 157 183 183 ARG ARG A . n 
A 1 158 LEU 158 184 184 LEU LEU A . n 
A 1 159 GLN 159 185 185 GLN GLN A . n 
A 1 160 LYS 160 186 186 LYS LYS A . n 
A 1 161 VAL 161 187 ?   ?   ?   A . n 
A 1 162 THR 162 188 ?   ?   ?   A . n 
A 1 163 GLU 163 189 ?   ?   ?   A . n 
A 1 164 LYS 164 190 ?   ?   ?   A . n 
A 1 165 TYR 165 191 ?   ?   ?   A . n 
A 1 166 PRO 166 192 ?   ?   ?   A . n 
A 1 167 GLU 167 193 ?   ?   ?   A . n 
# 
_pdbx_nonpoly_scheme.asym_id         B 
_pdbx_nonpoly_scheme.entity_id       2 
_pdbx_nonpoly_scheme.mon_id          SO4 
_pdbx_nonpoly_scheme.ndb_seq_num     1 
_pdbx_nonpoly_scheme.pdb_seq_num     201 
_pdbx_nonpoly_scheme.auth_seq_num    1 
_pdbx_nonpoly_scheme.pdb_mon_id      SO4 
_pdbx_nonpoly_scheme.auth_mon_id     SO4 
_pdbx_nonpoly_scheme.pdb_strand_id   A 
_pdbx_nonpoly_scheme.pdb_ins_code    . 
# 
_software.name             CNS 
_software.classification   refinement 
_software.version          . 
_software.citation_id      ? 
_software.pdbx_ordinal     1 
# 
_cell.entry_id           4JNB 
_cell.length_a           127.380 
_cell.length_b           127.380 
_cell.length_c           40.280 
_cell.angle_alpha        90.00 
_cell.angle_beta         90.00 
_cell.angle_gamma        120.00 
_cell.Z_PDB              9 
_cell.pdbx_unique_axis   ? 
# 
_symmetry.entry_id                         4JNB 
_symmetry.space_group_name_H-M             'H 3' 
_symmetry.pdbx_full_space_group_name_H-M   ? 
_symmetry.cell_setting                     ? 
_symmetry.Int_Tables_number                146 
# 
_exptl.entry_id          4JNB 
_exptl.method            'X-RAY DIFFRACTION' 
_exptl.crystals_number   ? 
# 
_exptl_crystal.id                    1 
_exptl_crystal.density_meas          ? 
_exptl_crystal.density_Matthews      3.38 
_exptl_crystal.density_percent_sol   63.58 
_exptl_crystal.description           ? 
_exptl_crystal.F_000                 ? 
_exptl_crystal.preparation           ? 
# 
_exptl_crystal_grow.crystal_id      1 
_exptl_crystal_grow.method          'VAPOR DIFFUSION' 
_exptl_crystal_grow.temp            298 
_exptl_crystal_grow.temp_details    ? 
_exptl_crystal_grow.pH              8.5 
_exptl_crystal_grow.pdbx_details    '0.1M Tris pH 8.5, 1.9M Ammonium sulfate, VAPOR DIFFUSION, temperature 298K' 
_exptl_crystal_grow.pdbx_pH_range   . 
# 
_diffrn.id                     1 
_diffrn.ambient_temp           ? 
_diffrn.ambient_temp_details   ? 
_diffrn.crystal_id             1 
# 
_diffrn_radiation.diffrn_id                        1 
_diffrn_radiation.wavelength_id                    1 
_diffrn_radiation.pdbx_monochromatic_or_laue_m_l   M 
_diffrn_radiation.monochromator                    ? 
_diffrn_radiation.pdbx_diffrn_protocol             'SINGLE WAVELENGTH' 
_diffrn_radiation.pdbx_scattering_type             x-ray 
# 
_diffrn_radiation_wavelength.id           1 
_diffrn_radiation_wavelength.wavelength   . 
_diffrn_radiation_wavelength.wt           1.0 
# 
_diffrn_source.diffrn_id                   1 
_diffrn_source.source                      SYNCHROTRON 
_diffrn_source.type                        'PAL/PLS BEAMLINE 4A' 
_diffrn_source.pdbx_synchrotron_site       PAL/PLS 
_diffrn_source.pdbx_synchrotron_beamline   4A 
_diffrn_source.pdbx_wavelength             ? 
_diffrn_source.pdbx_wavelength_list        ? 
# 
_reflns.entry_id                     4JNB 
_reflns.observed_criterion_sigma_I   ? 
_reflns.observed_criterion_sigma_F   ? 
_reflns.d_resolution_low             ? 
_reflns.d_resolution_high            3.0 
_reflns.number_obs                   4743 
_reflns.number_all                   ? 
_reflns.percent_possible_obs         ? 
_reflns.pdbx_Rmerge_I_obs            ? 
_reflns.pdbx_Rsym_value              ? 
_reflns.pdbx_netI_over_sigmaI        ? 
_reflns.B_iso_Wilson_estimate        ? 
_reflns.pdbx_redundancy              ? 
_reflns.R_free_details               ? 
_reflns.limit_h_max                  ? 
_reflns.limit_h_min                  ? 
_reflns.limit_k_max                  ? 
_reflns.limit_k_min                  ? 
_reflns.limit_l_max                  ? 
_reflns.limit_l_min                  ? 
_reflns.observed_criterion_F_max     ? 
_reflns.observed_criterion_F_min     ? 
_reflns.pdbx_chi_squared             ? 
_reflns.pdbx_scaling_rejects         ? 
_reflns.pdbx_ordinal                 1 
_reflns.pdbx_diffrn_id               1 
# 
_refine.entry_id                                 4JNB 
_refine.ls_number_reflns_obs                     4743 
_refine.ls_number_reflns_all                     4878 
_refine.pdbx_ls_sigma_I                          ? 
_refine.pdbx_ls_sigma_F                          ? 
_refine.pdbx_data_cutoff_high_absF               ? 
_refine.pdbx_data_cutoff_low_absF                ? 
_refine.pdbx_data_cutoff_high_rms_absF           ? 
_refine.ls_d_res_low                             50.0 
_refine.ls_d_res_high                            3.0 
_refine.ls_percent_reflns_obs                    ? 
_refine.ls_R_factor_obs                          ? 
_refine.ls_R_factor_all                          ? 
_refine.ls_R_factor_R_work                       0.247 
_refine.ls_R_factor_R_free                       0.253 
_refine.ls_R_factor_R_free_error                 ? 
_refine.ls_R_factor_R_free_error_details         ? 
_refine.ls_percent_reflns_R_free                 ? 
_refine.ls_number_reflns_R_free                  ? 
_refine.ls_number_parameters                     ? 
_refine.ls_number_restraints                     ? 
_refine.occupancy_min                            ? 
_refine.occupancy_max                            ? 
_refine.correlation_coeff_Fo_to_Fc               ? 
_refine.correlation_coeff_Fo_to_Fc_free          ? 
_refine.B_iso_mean                               ? 
_refine.aniso_B[1][1]                            ? 
_refine.aniso_B[2][2]                            ? 
_refine.aniso_B[3][3]                            ? 
_refine.aniso_B[1][2]                            ? 
_refine.aniso_B[1][3]                            ? 
_refine.aniso_B[2][3]                            ? 
_refine.solvent_model_details                    ? 
_refine.solvent_model_param_ksol                 ? 
_refine.solvent_model_param_bsol                 ? 
_refine.pdbx_solvent_vdw_probe_radii             ? 
_refine.pdbx_solvent_ion_probe_radii             ? 
_refine.pdbx_solvent_shrinkage_radii             ? 
_refine.pdbx_ls_cross_valid_method               ? 
_refine.details                                  ? 
_refine.pdbx_starting_model                      ? 
_refine.pdbx_method_to_determine_struct          'MOLECULAR REPLACEMENT' 
_refine.pdbx_isotropic_thermal_model             ? 
_refine.pdbx_stereochemistry_target_values       ? 
_refine.pdbx_stereochem_target_val_spec_case     ? 
_refine.pdbx_R_Free_selection_details            ? 
_refine.pdbx_overall_ESU_R                       ? 
_refine.pdbx_overall_ESU_R_Free                  ? 
_refine.overall_SU_ML                            ? 
_refine.pdbx_overall_phase_error                 ? 
_refine.overall_SU_B                             ? 
_refine.overall_SU_R_Cruickshank_DPI             ? 
_refine.ls_redundancy_reflns_obs                 ? 
_refine.B_iso_min                                ? 
_refine.B_iso_max                                ? 
_refine.overall_SU_R_free                        ? 
_refine.ls_wR_factor_R_free                      ? 
_refine.ls_wR_factor_R_work                      ? 
_refine.overall_FOM_free_R_set                   ? 
_refine.overall_FOM_work_R_set                   ? 
_refine.pdbx_diffrn_id                           1 
_refine.pdbx_refine_id                           'X-RAY DIFFRACTION' 
_refine.pdbx_TLS_residual_ADP_flag               ? 
_refine.pdbx_overall_SU_R_free_Cruickshank_DPI   ? 
_refine.pdbx_overall_SU_R_Blow_DPI               ? 
_refine.pdbx_overall_SU_R_free_Blow_DPI          ? 
# 
_refine_hist.pdbx_refine_id                   'X-RAY DIFFRACTION' 
_refine_hist.cycle_id                         LAST 
_refine_hist.pdbx_number_atoms_protein        1252 
_refine_hist.pdbx_number_atoms_nucleic_acid   0 
_refine_hist.pdbx_number_atoms_ligand         5 
_refine_hist.number_atoms_solvent             0 
_refine_hist.number_atoms_total               1257 
_refine_hist.d_res_high                       3.0 
_refine_hist.d_res_low                        50.0 
# 
_struct.entry_id                  4JNB 
_struct.title                     'Crystal structure of the Catalytic Domain of Human DUSP12' 
_struct.pdbx_model_details        ? 
_struct.pdbx_CASP_flag            ? 
_struct.pdbx_model_type_details   ? 
# 
_struct_keywords.entry_id        4JNB 
_struct_keywords.pdbx_keywords   HYDROLASE 
_struct_keywords.text            'DUSP, Dual specificity phosphatase, phosphatase, HYDROLASE' 
# 
loop_
_struct_asym.id 
_struct_asym.pdbx_blank_PDB_chainid_flag 
_struct_asym.pdbx_modified 
_struct_asym.entity_id 
_struct_asym.details 
A N N 1 ? 
B N N 2 ? 
# 
_struct_ref.id                         1 
_struct_ref.db_name                    UNP 
_struct_ref.db_code                    DUS12_HUMAN 
_struct_ref.pdbx_db_accession          Q9UNI6 
_struct_ref.entity_id                  1 
_struct_ref.pdbx_seq_one_letter_code   
;MLEVQPGLYFGGAAAVAEPDHLREAGITAVLTVDSEEPSFKAGPGVEDLWRLFVPALDKPETDLLSHLDRCVAFIGQARA
EGRAVLVHCHAGVSRSVAIITAFLMKTDQLPFEKAYEKLQILKPEAKMNEGFEWQLKLYQAMGYEVDTSSAIYKQYRLQK
VTEKYPE
;
_struct_ref.pdbx_align_begin           27 
_struct_ref.pdbx_db_isoform            ? 
# 
_struct_ref_seq.align_id                      1 
_struct_ref_seq.ref_id                        1 
_struct_ref_seq.pdbx_PDB_id_code              4JNB 
_struct_ref_seq.pdbx_strand_id                A 
_struct_ref_seq.seq_align_beg                 1 
_struct_ref_seq.pdbx_seq_align_beg_ins_code   ? 
_struct_ref_seq.seq_align_end                 167 
_struct_ref_seq.pdbx_seq_align_end_ins_code   ? 
_struct_ref_seq.pdbx_db_accession             Q9UNI6 
_struct_ref_seq.db_align_beg                  27 
_struct_ref_seq.pdbx_db_align_beg_ins_code    ? 
_struct_ref_seq.db_align_end                  193 
_struct_ref_seq.pdbx_db_align_end_ins_code    ? 
_struct_ref_seq.pdbx_auth_seq_align_beg       27 
_struct_ref_seq.pdbx_auth_seq_align_end       193 
# 
loop_
_struct_ref_seq_dif.align_id 
_struct_ref_seq_dif.pdbx_pdb_id_code 
_struct_ref_seq_dif.mon_id 
_struct_ref_seq_dif.pdbx_pdb_strand_id 
_struct_ref_seq_dif.seq_num 
_struct_ref_seq_dif.pdbx_pdb_ins_code 
_struct_ref_seq_dif.pdbx_seq_db_name 
_struct_ref_seq_dif.pdbx_seq_db_accession_code 
_struct_ref_seq_dif.db_mon_id 
_struct_ref_seq_dif.pdbx_seq_db_seq_num 
_struct_ref_seq_dif.details 
_struct_ref_seq_dif.pdbx_auth_seq_num 
_struct_ref_seq_dif.pdbx_ordinal 
1 4JNB ALA A 71 ? UNP Q9UNI6 CYS 97  'engineered mutation' 97  1 
1 4JNB SER A 89 ? UNP Q9UNI6 CYS 115 'engineered mutation' 115 2 
# 
_pdbx_struct_assembly.id                   1 
_pdbx_struct_assembly.details              author_and_software_defined_assembly 
_pdbx_struct_assembly.method_details       PISA 
_pdbx_struct_assembly.oligomeric_details   monomeric 
_pdbx_struct_assembly.oligomeric_count     1 
# 
_pdbx_struct_assembly_gen.assembly_id       1 
_pdbx_struct_assembly_gen.oper_expression   1 
_pdbx_struct_assembly_gen.asym_id_list      A,B 
# 
_pdbx_struct_oper_list.id                   1 
_pdbx_struct_oper_list.type                 'identity operation' 
_pdbx_struct_oper_list.name                 1_555 
_pdbx_struct_oper_list.symmetry_operation   x,y,z 
_pdbx_struct_oper_list.matrix[1][1]         1.0000000000 
_pdbx_struct_oper_list.matrix[1][2]         0.0000000000 
_pdbx_struct_oper_list.matrix[1][3]         0.0000000000 
_pdbx_struct_oper_list.vector[1]            0.0000000000 
_pdbx_struct_oper_list.matrix[2][1]         0.0000000000 
_pdbx_struct_oper_list.matrix[2][2]         1.0000000000 
_pdbx_struct_oper_list.matrix[2][3]         0.0000000000 
_pdbx_struct_oper_list.vector[2]            0.0000000000 
_pdbx_struct_oper_list.matrix[3][1]         0.0000000000 
_pdbx_struct_oper_list.matrix[3][2]         0.0000000000 
_pdbx_struct_oper_list.matrix[3][3]         1.0000000000 
_pdbx_struct_oper_list.vector[3]            0.0000000000 
# 
_struct_biol.id        1 
_struct_biol.details   ? 
# 
loop_
_struct_conf.conf_type_id 
_struct_conf.id 
_struct_conf.pdbx_PDB_helix_id 
_struct_conf.beg_label_comp_id 
_struct_conf.beg_label_asym_id 
_struct_conf.beg_label_seq_id 
_struct_conf.pdbx_beg_PDB_ins_code 
_struct_conf.end_label_comp_id 
_struct_conf.end_label_asym_id 
_struct_conf.end_label_seq_id 
_struct_conf.pdbx_end_PDB_ins_code 
_struct_conf.beg_auth_comp_id 
_struct_conf.beg_auth_asym_id 
_struct_conf.beg_auth_seq_id 
_struct_conf.end_auth_comp_id 
_struct_conf.end_auth_asym_id 
_struct_conf.end_auth_seq_id 
_struct_conf.pdbx_PDB_helix_class 
_struct_conf.details 
_struct_conf.pdbx_PDB_helix_length 
HELX_P HELX_P1 1 PRO A 19  ? GLY A 26  ? PRO A 45  GLY A 52  1 ? 8  
HELX_P HELX_P2 2 HIS A 67  ? GLU A 81  ? HIS A 93  GLU A 107 1 ? 15 
HELX_P HELX_P3 3 SER A 94  ? ASP A 108 ? SER A 120 ASP A 134 1 ? 15 
HELX_P HELX_P4 4 PRO A 111 ? LYS A 123 ? PRO A 137 LYS A 149 1 ? 13 
HELX_P HELX_P5 5 ASN A 129 ? GLY A 143 ? ASN A 155 GLY A 169 1 ? 15 
HELX_P HELX_P6 6 SER A 150 ? LYS A 160 ? SER A 176 LYS A 186 1 ? 11 
# 
_struct_conf_type.id          HELX_P 
_struct_conf_type.criteria    ? 
_struct_conf_type.reference   ? 
# 
_struct_sheet.id               A 
_struct_sheet.type             ? 
_struct_sheet.number_strands   5 
_struct_sheet.details          ? 
# 
loop_
_struct_sheet_order.sheet_id 
_struct_sheet_order.range_id_1 
_struct_sheet_order.range_id_2 
_struct_sheet_order.offset 
_struct_sheet_order.sense 
A 1 2 ? anti-parallel 
A 2 3 ? parallel      
A 3 4 ? parallel      
A 4 5 ? parallel      
# 
loop_
_struct_sheet_range.sheet_id 
_struct_sheet_range.id 
_struct_sheet_range.beg_label_comp_id 
_struct_sheet_range.beg_label_asym_id 
_struct_sheet_range.beg_label_seq_id 
_struct_sheet_range.pdbx_beg_PDB_ins_code 
_struct_sheet_range.end_label_comp_id 
_struct_sheet_range.end_label_asym_id 
_struct_sheet_range.end_label_seq_id 
_struct_sheet_range.pdbx_end_PDB_ins_code 
_struct_sheet_range.beg_auth_comp_id 
_struct_sheet_range.beg_auth_asym_id 
_struct_sheet_range.beg_auth_seq_id 
_struct_sheet_range.end_auth_comp_id 
_struct_sheet_range.end_auth_asym_id 
_struct_sheet_range.end_auth_seq_id 
A 1 GLU A 3  ? GLN A 5  ? GLU A 29  GLN A 31  
A 2 LEU A 8  ? GLY A 11 ? LEU A 34  GLY A 37  
A 3 ALA A 84 ? HIS A 88 ? ALA A 110 HIS A 114 
A 4 ILE A 27 ? ASP A 34 ? ILE A 53  ASP A 60  
A 5 TRP A 50 ? PRO A 55 ? TRP A 76  PRO A 81  
# 
loop_
_pdbx_struct_sheet_hbond.sheet_id 
_pdbx_struct_sheet_hbond.range_id_1 
_pdbx_struct_sheet_hbond.range_id_2 
_pdbx_struct_sheet_hbond.range_1_label_atom_id 
_pdbx_struct_sheet_hbond.range_1_label_comp_id 
_pdbx_struct_sheet_hbond.range_1_label_asym_id 
_pdbx_struct_sheet_hbond.range_1_label_seq_id 
_pdbx_struct_sheet_hbond.range_1_PDB_ins_code 
_pdbx_struct_sheet_hbond.range_1_auth_atom_id 
_pdbx_struct_sheet_hbond.range_1_auth_comp_id 
_pdbx_struct_sheet_hbond.range_1_auth_asym_id 
_pdbx_struct_sheet_hbond.range_1_auth_seq_id 
_pdbx_struct_sheet_hbond.range_2_label_atom_id 
_pdbx_struct_sheet_hbond.range_2_label_comp_id 
_pdbx_struct_sheet_hbond.range_2_label_asym_id 
_pdbx_struct_sheet_hbond.range_2_label_seq_id 
_pdbx_struct_sheet_hbond.range_2_PDB_ins_code 
_pdbx_struct_sheet_hbond.range_2_auth_atom_id 
_pdbx_struct_sheet_hbond.range_2_auth_comp_id 
_pdbx_struct_sheet_hbond.range_2_auth_asym_id 
_pdbx_struct_sheet_hbond.range_2_auth_seq_id 
A 1 2 N VAL A 4  ? N VAL A 30  O LEU A 8  ? O LEU A 34  
A 2 3 N TYR A 9  ? N TYR A 35  O VAL A 87 ? O VAL A 113 
A 3 4 O HIS A 88 ? O HIS A 114 N LEU A 31 ? N LEU A 57  
A 4 5 N THR A 32 ? N THR A 58  O VAL A 54 ? O VAL A 80  
# 
_struct_site.id                   AC1 
_struct_site.pdbx_evidence_code   Software 
_struct_site.pdbx_auth_asym_id    A 
_struct_site.pdbx_auth_comp_id    SO4 
_struct_site.pdbx_auth_seq_id     201 
_struct_site.pdbx_auth_ins_code   ? 
_struct_site.pdbx_num_residues    7 
_struct_site.details              'BINDING SITE FOR RESIDUE SO4 A 201' 
# 
loop_
_struct_site_gen.id 
_struct_site_gen.site_id 
_struct_site_gen.pdbx_num_res 
_struct_site_gen.label_comp_id 
_struct_site_gen.label_asym_id 
_struct_site_gen.label_seq_id 
_struct_site_gen.pdbx_auth_ins_code 
_struct_site_gen.auth_comp_id 
_struct_site_gen.auth_asym_id 
_struct_site_gen.auth_seq_id 
_struct_site_gen.label_atom_id 
_struct_site_gen.label_alt_id 
_struct_site_gen.symmetry 
_struct_site_gen.details 
1 AC1 7 ASP A 58 ? ASP A 84  . ? 1_555 ? 
2 AC1 7 SER A 89 ? SER A 115 . ? 1_555 ? 
3 AC1 7 ALA A 91 ? ALA A 117 . ? 1_555 ? 
4 AC1 7 GLY A 92 ? GLY A 118 . ? 1_555 ? 
5 AC1 7 VAL A 93 ? VAL A 119 . ? 1_555 ? 
6 AC1 7 SER A 94 ? SER A 120 . ? 1_555 ? 
7 AC1 7 ARG A 95 ? ARG A 121 . ? 1_555 ? 
# 
loop_
_pdbx_validate_torsion.id 
_pdbx_validate_torsion.PDB_model_num 
_pdbx_validate_torsion.auth_comp_id 
_pdbx_validate_torsion.auth_asym_id 
_pdbx_validate_torsion.auth_seq_id 
_pdbx_validate_torsion.PDB_ins_code 
_pdbx_validate_torsion.label_alt_id 
_pdbx_validate_torsion.phi 
_pdbx_validate_torsion.psi 
1  1 LEU A 28  ? ? 174.26  126.13 
2  1 ALA A 68  ? ? -19.84  -44.97 
3  1 ALA A 117 ? ? -145.35 16.75  
4  1 VAL A 119 ? ? -131.00 -36.49 
5  1 SER A 120 ? ? -117.86 -74.31 
6  1 GLN A 135 ? ? 35.69   78.10  
7  1 PHE A 138 ? ? -25.33  -68.69 
8  1 ILE A 147 ? ? -53.90  -80.76 
9  1 ALA A 152 ? ? -45.47  97.99  
10 1 SER A 175 ? ? -96.88  33.52  
11 1 GLN A 185 ? ? -56.21  -71.98 
# 
loop_
_pdbx_unobs_or_zero_occ_residues.id 
_pdbx_unobs_or_zero_occ_residues.PDB_model_num 
_pdbx_unobs_or_zero_occ_residues.polymer_flag 
_pdbx_unobs_or_zero_occ_residues.occupancy_flag 
_pdbx_unobs_or_zero_occ_residues.auth_asym_id 
_pdbx_unobs_or_zero_occ_residues.auth_comp_id 
_pdbx_unobs_or_zero_occ_residues.auth_seq_id 
_pdbx_unobs_or_zero_occ_residues.PDB_ins_code 
_pdbx_unobs_or_zero_occ_residues.label_asym_id 
_pdbx_unobs_or_zero_occ_residues.label_comp_id 
_pdbx_unobs_or_zero_occ_residues.label_seq_id 
1 1 Y 1 A VAL 187 ? A VAL 161 
2 1 Y 1 A THR 188 ? A THR 162 
3 1 Y 1 A GLU 189 ? A GLU 163 
4 1 Y 1 A LYS 190 ? A LYS 164 
5 1 Y 1 A TYR 191 ? A TYR 165 
6 1 Y 1 A PRO 192 ? A PRO 166 
7 1 Y 1 A GLU 193 ? A GLU 167 
# 
loop_
_chem_comp_atom.comp_id 
_chem_comp_atom.atom_id 
_chem_comp_atom.type_symbol 
_chem_comp_atom.pdbx_aromatic_flag 
_chem_comp_atom.pdbx_stereo_config 
_chem_comp_atom.pdbx_ordinal 
ALA N    N N N 1   
ALA CA   C N S 2   
ALA C    C N N 3   
ALA O    O N N 4   
ALA CB   C N N 5   
ALA OXT  O N N 6   
ALA H    H N N 7   
ALA H2   H N N 8   
ALA HA   H N N 9   
ALA HB1  H N N 10  
ALA HB2  H N N 11  
ALA HB3  H N N 12  
ALA HXT  H N N 13  
ARG N    N N N 14  
ARG CA   C N S 15  
ARG C    C N N 16  
ARG O    O N N 17  
ARG CB   C N N 18  
ARG CG   C N N 19  
ARG CD   C N N 20  
ARG NE   N N N 21  
ARG CZ   C N N 22  
ARG NH1  N N N 23  
ARG NH2  N N N 24  
ARG OXT  O N N 25  
ARG H    H N N 26  
ARG H2   H N N 27  
ARG HA   H N N 28  
ARG HB2  H N N 29  
ARG HB3  H N N 30  
ARG HG2  H N N 31  
ARG HG3  H N N 32  
ARG HD2  H N N 33  
ARG HD3  H N N 34  
ARG HE   H N N 35  
ARG HH11 H N N 36  
ARG HH12 H N N 37  
ARG HH21 H N N 38  
ARG HH22 H N N 39  
ARG HXT  H N N 40  
ASN N    N N N 41  
ASN CA   C N S 42  
ASN C    C N N 43  
ASN O    O N N 44  
ASN CB   C N N 45  
ASN CG   C N N 46  
ASN OD1  O N N 47  
ASN ND2  N N N 48  
ASN OXT  O N N 49  
ASN H    H N N 50  
ASN H2   H N N 51  
ASN HA   H N N 52  
ASN HB2  H N N 53  
ASN HB3  H N N 54  
ASN HD21 H N N 55  
ASN HD22 H N N 56  
ASN HXT  H N N 57  
ASP N    N N N 58  
ASP CA   C N S 59  
ASP C    C N N 60  
ASP O    O N N 61  
ASP CB   C N N 62  
ASP CG   C N N 63  
ASP OD1  O N N 64  
ASP OD2  O N N 65  
ASP OXT  O N N 66  
ASP H    H N N 67  
ASP H2   H N N 68  
ASP HA   H N N 69  
ASP HB2  H N N 70  
ASP HB3  H N N 71  
ASP HD2  H N N 72  
ASP HXT  H N N 73  
CYS N    N N N 74  
CYS CA   C N R 75  
CYS C    C N N 76  
CYS O    O N N 77  
CYS CB   C N N 78  
CYS SG   S N N 79  
CYS OXT  O N N 80  
CYS H    H N N 81  
CYS H2   H N N 82  
CYS HA   H N N 83  
CYS HB2  H N N 84  
CYS HB3  H N N 85  
CYS HG   H N N 86  
CYS HXT  H N N 87  
GLN N    N N N 88  
GLN CA   C N S 89  
GLN C    C N N 90  
GLN O    O N N 91  
GLN CB   C N N 92  
GLN CG   C N N 93  
GLN CD   C N N 94  
GLN OE1  O N N 95  
GLN NE2  N N N 96  
GLN OXT  O N N 97  
GLN H    H N N 98  
GLN H2   H N N 99  
GLN HA   H N N 100 
GLN HB2  H N N 101 
GLN HB3  H N N 102 
GLN HG2  H N N 103 
GLN HG3  H N N 104 
GLN HE21 H N N 105 
GLN HE22 H N N 106 
GLN HXT  H N N 107 
GLU N    N N N 108 
GLU CA   C N S 109 
GLU C    C N N 110 
GLU O    O N N 111 
GLU CB   C N N 112 
GLU CG   C N N 113 
GLU CD   C N N 114 
GLU OE1  O N N 115 
GLU OE2  O N N 116 
GLU OXT  O N N 117 
GLU H    H N N 118 
GLU H2   H N N 119 
GLU HA   H N N 120 
GLU HB2  H N N 121 
GLU HB3  H N N 122 
GLU HG2  H N N 123 
GLU HG3  H N N 124 
GLU HE2  H N N 125 
GLU HXT  H N N 126 
GLY N    N N N 127 
GLY CA   C N N 128 
GLY C    C N N 129 
GLY O    O N N 130 
GLY OXT  O N N 131 
GLY H    H N N 132 
GLY H2   H N N 133 
GLY HA2  H N N 134 
GLY HA3  H N N 135 
GLY HXT  H N N 136 
HIS N    N N N 137 
HIS CA   C N S 138 
HIS C    C N N 139 
HIS O    O N N 140 
HIS CB   C N N 141 
HIS CG   C Y N 142 
HIS ND1  N Y N 143 
HIS CD2  C Y N 144 
HIS CE1  C Y N 145 
HIS NE2  N Y N 146 
HIS OXT  O N N 147 
HIS H    H N N 148 
HIS H2   H N N 149 
HIS HA   H N N 150 
HIS HB2  H N N 151 
HIS HB3  H N N 152 
HIS HD1  H N N 153 
HIS HD2  H N N 154 
HIS HE1  H N N 155 
HIS HE2  H N N 156 
HIS HXT  H N N 157 
ILE N    N N N 158 
ILE CA   C N S 159 
ILE C    C N N 160 
ILE O    O N N 161 
ILE CB   C N S 162 
ILE CG1  C N N 163 
ILE CG2  C N N 164 
ILE CD1  C N N 165 
ILE OXT  O N N 166 
ILE H    H N N 167 
ILE H2   H N N 168 
ILE HA   H N N 169 
ILE HB   H N N 170 
ILE HG12 H N N 171 
ILE HG13 H N N 172 
ILE HG21 H N N 173 
ILE HG22 H N N 174 
ILE HG23 H N N 175 
ILE HD11 H N N 176 
ILE HD12 H N N 177 
ILE HD13 H N N 178 
ILE HXT  H N N 179 
LEU N    N N N 180 
LEU CA   C N S 181 
LEU C    C N N 182 
LEU O    O N N 183 
LEU CB   C N N 184 
LEU CG   C N N 185 
LEU CD1  C N N 186 
LEU CD2  C N N 187 
LEU OXT  O N N 188 
LEU H    H N N 189 
LEU H2   H N N 190 
LEU HA   H N N 191 
LEU HB2  H N N 192 
LEU HB3  H N N 193 
LEU HG   H N N 194 
LEU HD11 H N N 195 
LEU HD12 H N N 196 
LEU HD13 H N N 197 
LEU HD21 H N N 198 
LEU HD22 H N N 199 
LEU HD23 H N N 200 
LEU HXT  H N N 201 
LYS N    N N N 202 
LYS CA   C N S 203 
LYS C    C N N 204 
LYS O    O N N 205 
LYS CB   C N N 206 
LYS CG   C N N 207 
LYS CD   C N N 208 
LYS CE   C N N 209 
LYS NZ   N N N 210 
LYS OXT  O N N 211 
LYS H    H N N 212 
LYS H2   H N N 213 
LYS HA   H N N 214 
LYS HB2  H N N 215 
LYS HB3  H N N 216 
LYS HG2  H N N 217 
LYS HG3  H N N 218 
LYS HD2  H N N 219 
LYS HD3  H N N 220 
LYS HE2  H N N 221 
LYS HE3  H N N 222 
LYS HZ1  H N N 223 
LYS HZ2  H N N 224 
LYS HZ3  H N N 225 
LYS HXT  H N N 226 
MET N    N N N 227 
MET CA   C N S 228 
MET C    C N N 229 
MET O    O N N 230 
MET CB   C N N 231 
MET CG   C N N 232 
MET SD   S N N 233 
MET CE   C N N 234 
MET OXT  O N N 235 
MET H    H N N 236 
MET H2   H N N 237 
MET HA   H N N 238 
MET HB2  H N N 239 
MET HB3  H N N 240 
MET HG2  H N N 241 
MET HG3  H N N 242 
MET HE1  H N N 243 
MET HE2  H N N 244 
MET HE3  H N N 245 
MET HXT  H N N 246 
PHE N    N N N 247 
PHE CA   C N S 248 
PHE C    C N N 249 
PHE O    O N N 250 
PHE CB   C N N 251 
PHE CG   C Y N 252 
PHE CD1  C Y N 253 
PHE CD2  C Y N 254 
PHE CE1  C Y N 255 
PHE CE2  C Y N 256 
PHE CZ   C Y N 257 
PHE OXT  O N N 258 
PHE H    H N N 259 
PHE H2   H N N 260 
PHE HA   H N N 261 
PHE HB2  H N N 262 
PHE HB3  H N N 263 
PHE HD1  H N N 264 
PHE HD2  H N N 265 
PHE HE1  H N N 266 
PHE HE2  H N N 267 
PHE HZ   H N N 268 
PHE HXT  H N N 269 
PRO N    N N N 270 
PRO CA   C N S 271 
PRO C    C N N 272 
PRO O    O N N 273 
PRO CB   C N N 274 
PRO CG   C N N 275 
PRO CD   C N N 276 
PRO OXT  O N N 277 
PRO H    H N N 278 
PRO HA   H N N 279 
PRO HB2  H N N 280 
PRO HB3  H N N 281 
PRO HG2  H N N 282 
PRO HG3  H N N 283 
PRO HD2  H N N 284 
PRO HD3  H N N 285 
PRO HXT  H N N 286 
SER N    N N N 287 
SER CA   C N S 288 
SER C    C N N 289 
SER O    O N N 290 
SER CB   C N N 291 
SER OG   O N N 292 
SER OXT  O N N 293 
SER H    H N N 294 
SER H2   H N N 295 
SER HA   H N N 296 
SER HB2  H N N 297 
SER HB3  H N N 298 
SER HG   H N N 299 
SER HXT  H N N 300 
SO4 S    S N N 301 
SO4 O1   O N N 302 
SO4 O2   O N N 303 
SO4 O3   O N N 304 
SO4 O4   O N N 305 
THR N    N N N 306 
THR CA   C N S 307 
THR C    C N N 308 
THR O    O N N 309 
THR CB   C N R 310 
THR OG1  O N N 311 
THR CG2  C N N 312 
THR OXT  O N N 313 
THR H    H N N 314 
THR H2   H N N 315 
THR HA   H N N 316 
THR HB   H N N 317 
THR HG1  H N N 318 
THR HG21 H N N 319 
THR HG22 H N N 320 
THR HG23 H N N 321 
THR HXT  H N N 322 
TRP N    N N N 323 
TRP CA   C N S 324 
TRP C    C N N 325 
TRP O    O N N 326 
TRP CB   C N N 327 
TRP CG   C Y N 328 
TRP CD1  C Y N 329 
TRP CD2  C Y N 330 
TRP NE1  N Y N 331 
TRP CE2  C Y N 332 
TRP CE3  C Y N 333 
TRP CZ2  C Y N 334 
TRP CZ3  C Y N 335 
TRP CH2  C Y N 336 
TRP OXT  O N N 337 
TRP H    H N N 338 
TRP H2   H N N 339 
TRP HA   H N N 340 
TRP HB2  H N N 341 
TRP HB3  H N N 342 
TRP HD1  H N N 343 
TRP HE1  H N N 344 
TRP HE3  H N N 345 
TRP HZ2  H N N 346 
TRP HZ3  H N N 347 
TRP HH2  H N N 348 
TRP HXT  H N N 349 
TYR N    N N N 350 
TYR CA   C N S 351 
TYR C    C N N 352 
TYR O    O N N 353 
TYR CB   C N N 354 
TYR CG   C Y N 355 
TYR CD1  C Y N 356 
TYR CD2  C Y N 357 
TYR CE1  C Y N 358 
TYR CE2  C Y N 359 
TYR CZ   C Y N 360 
TYR OH   O N N 361 
TYR OXT  O N N 362 
TYR H    H N N 363 
TYR H2   H N N 364 
TYR HA   H N N 365 
TYR HB2  H N N 366 
TYR HB3  H N N 367 
TYR HD1  H N N 368 
TYR HD2  H N N 369 
TYR HE1  H N N 370 
TYR HE2  H N N 371 
TYR HH   H N N 372 
TYR HXT  H N N 373 
VAL N    N N N 374 
VAL CA   C N S 375 
VAL C    C N N 376 
VAL O    O N N 377 
VAL CB   C N N 378 
VAL CG1  C N N 379 
VAL CG2  C N N 380 
VAL OXT  O N N 381 
VAL H    H N N 382 
VAL H2   H N N 383 
VAL HA   H N N 384 
VAL HB   H N N 385 
VAL HG11 H N N 386 
VAL HG12 H N N 387 
VAL HG13 H N N 388 
VAL HG21 H N N 389 
VAL HG22 H N N 390 
VAL HG23 H N N 391 
VAL HXT  H N N 392 
# 
loop_
_chem_comp_bond.comp_id 
_chem_comp_bond.atom_id_1 
_chem_comp_bond.atom_id_2 
_chem_comp_bond.value_order 
_chem_comp_bond.pdbx_aromatic_flag 
_chem_comp_bond.pdbx_stereo_config 
_chem_comp_bond.pdbx_ordinal 
ALA N   CA   sing N N 1   
ALA N   H    sing N N 2   
ALA N   H2   sing N N 3   
ALA CA  C    sing N N 4   
ALA CA  CB   sing N N 5   
ALA CA  HA   sing N N 6   
ALA C   O    doub N N 7   
ALA C   OXT  sing N N 8   
ALA CB  HB1  sing N N 9   
ALA CB  HB2  sing N N 10  
ALA CB  HB3  sing N N 11  
ALA OXT HXT  sing N N 12  
ARG N   CA   sing N N 13  
ARG N   H    sing N N 14  
ARG N   H2   sing N N 15  
ARG CA  C    sing N N 16  
ARG CA  CB   sing N N 17  
ARG CA  HA   sing N N 18  
ARG C   O    doub N N 19  
ARG C   OXT  sing N N 20  
ARG CB  CG   sing N N 21  
ARG CB  HB2  sing N N 22  
ARG CB  HB3  sing N N 23  
ARG CG  CD   sing N N 24  
ARG CG  HG2  sing N N 25  
ARG CG  HG3  sing N N 26  
ARG CD  NE   sing N N 27  
ARG CD  HD2  sing N N 28  
ARG CD  HD3  sing N N 29  
ARG NE  CZ   sing N N 30  
ARG NE  HE   sing N N 31  
ARG CZ  NH1  sing N N 32  
ARG CZ  NH2  doub N N 33  
ARG NH1 HH11 sing N N 34  
ARG NH1 HH12 sing N N 35  
ARG NH2 HH21 sing N N 36  
ARG NH2 HH22 sing N N 37  
ARG OXT HXT  sing N N 38  
ASN N   CA   sing N N 39  
ASN N   H    sing N N 40  
ASN N   H2   sing N N 41  
ASN CA  C    sing N N 42  
ASN CA  CB   sing N N 43  
ASN CA  HA   sing N N 44  
ASN C   O    doub N N 45  
ASN C   OXT  sing N N 46  
ASN CB  CG   sing N N 47  
ASN CB  HB2  sing N N 48  
ASN CB  HB3  sing N N 49  
ASN CG  OD1  doub N N 50  
ASN CG  ND2  sing N N 51  
ASN ND2 HD21 sing N N 52  
ASN ND2 HD22 sing N N 53  
ASN OXT HXT  sing N N 54  
ASP N   CA   sing N N 55  
ASP N   H    sing N N 56  
ASP N   H2   sing N N 57  
ASP CA  C    sing N N 58  
ASP CA  CB   sing N N 59  
ASP CA  HA   sing N N 60  
ASP C   O    doub N N 61  
ASP C   OXT  sing N N 62  
ASP CB  CG   sing N N 63  
ASP CB  HB2  sing N N 64  
ASP CB  HB3  sing N N 65  
ASP CG  OD1  doub N N 66  
ASP CG  OD2  sing N N 67  
ASP OD2 HD2  sing N N 68  
ASP OXT HXT  sing N N 69  
CYS N   CA   sing N N 70  
CYS N   H    sing N N 71  
CYS N   H2   sing N N 72  
CYS CA  C    sing N N 73  
CYS CA  CB   sing N N 74  
CYS CA  HA   sing N N 75  
CYS C   O    doub N N 76  
CYS C   OXT  sing N N 77  
CYS CB  SG   sing N N 78  
CYS CB  HB2  sing N N 79  
CYS CB  HB3  sing N N 80  
CYS SG  HG   sing N N 81  
CYS OXT HXT  sing N N 82  
GLN N   CA   sing N N 83  
GLN N   H    sing N N 84  
GLN N   H2   sing N N 85  
GLN CA  C    sing N N 86  
GLN CA  CB   sing N N 87  
GLN CA  HA   sing N N 88  
GLN C   O    doub N N 89  
GLN C   OXT  sing N N 90  
GLN CB  CG   sing N N 91  
GLN CB  HB2  sing N N 92  
GLN CB  HB3  sing N N 93  
GLN CG  CD   sing N N 94  
GLN CG  HG2  sing N N 95  
GLN CG  HG3  sing N N 96  
GLN CD  OE1  doub N N 97  
GLN CD  NE2  sing N N 98  
GLN NE2 HE21 sing N N 99  
GLN NE2 HE22 sing N N 100 
GLN OXT HXT  sing N N 101 
GLU N   CA   sing N N 102 
GLU N   H    sing N N 103 
GLU N   H2   sing N N 104 
GLU CA  C    sing N N 105 
GLU CA  CB   sing N N 106 
GLU CA  HA   sing N N 107 
GLU C   O    doub N N 108 
GLU C   OXT  sing N N 109 
GLU CB  CG   sing N N 110 
GLU CB  HB2  sing N N 111 
GLU CB  HB3  sing N N 112 
GLU CG  CD   sing N N 113 
GLU CG  HG2  sing N N 114 
GLU CG  HG3  sing N N 115 
GLU CD  OE1  doub N N 116 
GLU CD  OE2  sing N N 117 
GLU OE2 HE2  sing N N 118 
GLU OXT HXT  sing N N 119 
GLY N   CA   sing N N 120 
GLY N   H    sing N N 121 
GLY N   H2   sing N N 122 
GLY CA  C    sing N N 123 
GLY CA  HA2  sing N N 124 
GLY CA  HA3  sing N N 125 
GLY C   O    doub N N 126 
GLY C   OXT  sing N N 127 
GLY OXT HXT  sing N N 128 
HIS N   CA   sing N N 129 
HIS N   H    sing N N 130 
HIS N   H2   sing N N 131 
HIS CA  C    sing N N 132 
HIS CA  CB   sing N N 133 
HIS CA  HA   sing N N 134 
HIS C   O    doub N N 135 
HIS C   OXT  sing N N 136 
HIS CB  CG   sing N N 137 
HIS CB  HB2  sing N N 138 
HIS CB  HB3  sing N N 139 
HIS CG  ND1  sing Y N 140 
HIS CG  CD2  doub Y N 141 
HIS ND1 CE1  doub Y N 142 
HIS ND1 HD1  sing N N 143 
HIS CD2 NE2  sing Y N 144 
HIS CD2 HD2  sing N N 145 
HIS CE1 NE2  sing Y N 146 
HIS CE1 HE1  sing N N 147 
HIS NE2 HE2  sing N N 148 
HIS OXT HXT  sing N N 149 
ILE N   CA   sing N N 150 
ILE N   H    sing N N 151 
ILE N   H2   sing N N 152 
ILE CA  C    sing N N 153 
ILE CA  CB   sing N N 154 
ILE CA  HA   sing N N 155 
ILE C   O    doub N N 156 
ILE C   OXT  sing N N 157 
ILE CB  CG1  sing N N 158 
ILE CB  CG2  sing N N 159 
ILE CB  HB   sing N N 160 
ILE CG1 CD1  sing N N 161 
ILE CG1 HG12 sing N N 162 
ILE CG1 HG13 sing N N 163 
ILE CG2 HG21 sing N N 164 
ILE CG2 HG22 sing N N 165 
ILE CG2 HG23 sing N N 166 
ILE CD1 HD11 sing N N 167 
ILE CD1 HD12 sing N N 168 
ILE CD1 HD13 sing N N 169 
ILE OXT HXT  sing N N 170 
LEU N   CA   sing N N 171 
LEU N   H    sing N N 172 
LEU N   H2   sing N N 173 
LEU CA  C    sing N N 174 
LEU CA  CB   sing N N 175 
LEU CA  HA   sing N N 176 
LEU C   O    doub N N 177 
LEU C   OXT  sing N N 178 
LEU CB  CG   sing N N 179 
LEU CB  HB2  sing N N 180 
LEU CB  HB3  sing N N 181 
LEU CG  CD1  sing N N 182 
LEU CG  CD2  sing N N 183 
LEU CG  HG   sing N N 184 
LEU CD1 HD11 sing N N 185 
LEU CD1 HD12 sing N N 186 
LEU CD1 HD13 sing N N 187 
LEU CD2 HD21 sing N N 188 
LEU CD2 HD22 sing N N 189 
LEU CD2 HD23 sing N N 190 
LEU OXT HXT  sing N N 191 
LYS N   CA   sing N N 192 
LYS N   H    sing N N 193 
LYS N   H2   sing N N 194 
LYS CA  C    sing N N 195 
LYS CA  CB   sing N N 196 
LYS CA  HA   sing N N 197 
LYS C   O    doub N N 198 
LYS C   OXT  sing N N 199 
LYS CB  CG   sing N N 200 
LYS CB  HB2  sing N N 201 
LYS CB  HB3  sing N N 202 
LYS CG  CD   sing N N 203 
LYS CG  HG2  sing N N 204 
LYS CG  HG3  sing N N 205 
LYS CD  CE   sing N N 206 
LYS CD  HD2  sing N N 207 
LYS CD  HD3  sing N N 208 
LYS CE  NZ   sing N N 209 
LYS CE  HE2  sing N N 210 
LYS CE  HE3  sing N N 211 
LYS NZ  HZ1  sing N N 212 
LYS NZ  HZ2  sing N N 213 
LYS NZ  HZ3  sing N N 214 
LYS OXT HXT  sing N N 215 
MET N   CA   sing N N 216 
MET N   H    sing N N 217 
MET N   H2   sing N N 218 
MET CA  C    sing N N 219 
MET CA  CB   sing N N 220 
MET CA  HA   sing N N 221 
MET C   O    doub N N 222 
MET C   OXT  sing N N 223 
MET CB  CG   sing N N 224 
MET CB  HB2  sing N N 225 
MET CB  HB3  sing N N 226 
MET CG  SD   sing N N 227 
MET CG  HG2  sing N N 228 
MET CG  HG3  sing N N 229 
MET SD  CE   sing N N 230 
MET CE  HE1  sing N N 231 
MET CE  HE2  sing N N 232 
MET CE  HE3  sing N N 233 
MET OXT HXT  sing N N 234 
PHE N   CA   sing N N 235 
PHE N   H    sing N N 236 
PHE N   H2   sing N N 237 
PHE CA  C    sing N N 238 
PHE CA  CB   sing N N 239 
PHE CA  HA   sing N N 240 
PHE C   O    doub N N 241 
PHE C   OXT  sing N N 242 
PHE CB  CG   sing N N 243 
PHE CB  HB2  sing N N 244 
PHE CB  HB3  sing N N 245 
PHE CG  CD1  doub Y N 246 
PHE CG  CD2  sing Y N 247 
PHE CD1 CE1  sing Y N 248 
PHE CD1 HD1  sing N N 249 
PHE CD2 CE2  doub Y N 250 
PHE CD2 HD2  sing N N 251 
PHE CE1 CZ   doub Y N 252 
PHE CE1 HE1  sing N N 253 
PHE CE2 CZ   sing Y N 254 
PHE CE2 HE2  sing N N 255 
PHE CZ  HZ   sing N N 256 
PHE OXT HXT  sing N N 257 
PRO N   CA   sing N N 258 
PRO N   CD   sing N N 259 
PRO N   H    sing N N 260 
PRO CA  C    sing N N 261 
PRO CA  CB   sing N N 262 
PRO CA  HA   sing N N 263 
PRO C   O    doub N N 264 
PRO C   OXT  sing N N 265 
PRO CB  CG   sing N N 266 
PRO CB  HB2  sing N N 267 
PRO CB  HB3  sing N N 268 
PRO CG  CD   sing N N 269 
PRO CG  HG2  sing N N 270 
PRO CG  HG3  sing N N 271 
PRO CD  HD2  sing N N 272 
PRO CD  HD3  sing N N 273 
PRO OXT HXT  sing N N 274 
SER N   CA   sing N N 275 
SER N   H    sing N N 276 
SER N   H2   sing N N 277 
SER CA  C    sing N N 278 
SER CA  CB   sing N N 279 
SER CA  HA   sing N N 280 
SER C   O    doub N N 281 
SER C   OXT  sing N N 282 
SER CB  OG   sing N N 283 
SER CB  HB2  sing N N 284 
SER CB  HB3  sing N N 285 
SER OG  HG   sing N N 286 
SER OXT HXT  sing N N 287 
SO4 S   O1   doub N N 288 
SO4 S   O2   doub N N 289 
SO4 S   O3   sing N N 290 
SO4 S   O4   sing N N 291 
THR N   CA   sing N N 292 
THR N   H    sing N N 293 
THR N   H2   sing N N 294 
THR CA  C    sing N N 295 
THR CA  CB   sing N N 296 
THR CA  HA   sing N N 297 
THR C   O    doub N N 298 
THR C   OXT  sing N N 299 
THR CB  OG1  sing N N 300 
THR CB  CG2  sing N N 301 
THR CB  HB   sing N N 302 
THR OG1 HG1  sing N N 303 
THR CG2 HG21 sing N N 304 
THR CG2 HG22 sing N N 305 
THR CG2 HG23 sing N N 306 
THR OXT HXT  sing N N 307 
TRP N   CA   sing N N 308 
TRP N   H    sing N N 309 
TRP N   H2   sing N N 310 
TRP CA  C    sing N N 311 
TRP CA  CB   sing N N 312 
TRP CA  HA   sing N N 313 
TRP C   O    doub N N 314 
TRP C   OXT  sing N N 315 
TRP CB  CG   sing N N 316 
TRP CB  HB2  sing N N 317 
TRP CB  HB3  sing N N 318 
TRP CG  CD1  doub Y N 319 
TRP CG  CD2  sing Y N 320 
TRP CD1 NE1  sing Y N 321 
TRP CD1 HD1  sing N N 322 
TRP CD2 CE2  doub Y N 323 
TRP CD2 CE3  sing Y N 324 
TRP NE1 CE2  sing Y N 325 
TRP NE1 HE1  sing N N 326 
TRP CE2 CZ2  sing Y N 327 
TRP CE3 CZ3  doub Y N 328 
TRP CE3 HE3  sing N N 329 
TRP CZ2 CH2  doub Y N 330 
TRP CZ2 HZ2  sing N N 331 
TRP CZ3 CH2  sing Y N 332 
TRP CZ3 HZ3  sing N N 333 
TRP CH2 HH2  sing N N 334 
TRP OXT HXT  sing N N 335 
TYR N   CA   sing N N 336 
TYR N   H    sing N N 337 
TYR N   H2   sing N N 338 
TYR CA  C    sing N N 339 
TYR CA  CB   sing N N 340 
TYR CA  HA   sing N N 341 
TYR C   O    doub N N 342 
TYR C   OXT  sing N N 343 
TYR CB  CG   sing N N 344 
TYR CB  HB2  sing N N 345 
TYR CB  HB3  sing N N 346 
TYR CG  CD1  doub Y N 347 
TYR CG  CD2  sing Y N 348 
TYR CD1 CE1  sing Y N 349 
TYR CD1 HD1  sing N N 350 
TYR CD2 CE2  doub Y N 351 
TYR CD2 HD2  sing N N 352 
TYR CE1 CZ   doub Y N 353 
TYR CE1 HE1  sing N N 354 
TYR CE2 CZ   sing Y N 355 
TYR CE2 HE2  sing N N 356 
TYR CZ  OH   sing N N 357 
TYR OH  HH   sing N N 358 
TYR OXT HXT  sing N N 359 
VAL N   CA   sing N N 360 
VAL N   H    sing N N 361 
VAL N   H2   sing N N 362 
VAL CA  C    sing N N 363 
VAL CA  CB   sing N N 364 
VAL CA  HA   sing N N 365 
VAL C   O    doub N N 366 
VAL C   OXT  sing N N 367 
VAL CB  CG1  sing N N 368 
VAL CB  CG2  sing N N 369 
VAL CB  HB   sing N N 370 
VAL CG1 HG11 sing N N 371 
VAL CG1 HG12 sing N N 372 
VAL CG1 HG13 sing N N 373 
VAL CG2 HG21 sing N N 374 
VAL CG2 HG22 sing N N 375 
VAL CG2 HG23 sing N N 376 
VAL OXT HXT  sing N N 377 
# 
_atom_sites.entry_id                    4JNB 
_atom_sites.fract_transf_matrix[1][1]   0.00423187 
_atom_sites.fract_transf_matrix[1][2]   0.00789274 
_atom_sites.fract_transf_matrix[1][3]   0.00140789 
_atom_sites.fract_transf_matrix[2][1]   0.00905755 
_atom_sites.fract_transf_matrix[2][2]   0.00031656 
_atom_sites.fract_transf_matrix[2][3]   0.00018657 
_atom_sites.fract_transf_matrix[3][1]   0.00035821 
_atom_sites.fract_transf_matrix[3][2]   0.00417288 
_atom_sites.fract_transf_matrix[3][3]   -0.02447017 
_atom_sites.fract_transf_vector[1]      0.220361 
_atom_sites.fract_transf_vector[2]      0.135392 
_atom_sites.fract_transf_vector[3]      0.366268 
# 
loop_
_atom_type.symbol 
C 
N 
O 
S 
# 
loop_
_atom_site.group_PDB 
_atom_site.id 
_atom_site.type_symbol 
_atom_site.label_atom_id 
_atom_site.label_alt_id 
_atom_site.label_comp_id 
_atom_site.label_asym_id 
_atom_site.label_entity_id 
_atom_site.label_seq_id 
_atom_site.pdbx_PDB_ins_code 
_atom_site.Cartn_x 
_atom_site.Cartn_y 
_atom_site.Cartn_z 
_atom_site.occupancy 
_atom_site.B_iso_or_equiv 
_atom_site.pdbx_formal_charge 
_atom_site.auth_seq_id 
_atom_site.auth_comp_id 
_atom_site.auth_asym_id 
_atom_site.auth_atom_id 
_atom_site.pdbx_PDB_model_num 
ATOM   1    N N   . MET A 1 1   ? 1.953   13.487  -5.004  1.00 72.61  ? 27  MET A N   1 
ATOM   2    C CA  . MET A 1 1   ? 2.011   12.888  -3.636  1.00 70.93  ? 27  MET A CA  1 
ATOM   3    C C   . MET A 1 1   ? 0.874   13.413  -2.762  1.00 68.30  ? 27  MET A C   1 
ATOM   4    O O   . MET A 1 1   ? 0.105   14.265  -3.199  1.00 75.52  ? 27  MET A O   1 
ATOM   5    C CB  . MET A 1 1   ? 3.363   13.195  -2.986  1.00 73.24  ? 27  MET A CB  1 
ATOM   6    C CG  . MET A 1 1   ? 3.617   12.458  -1.668  1.00 76.02  ? 27  MET A CG  1 
ATOM   7    S SD  . MET A 1 1   ? 5.342   12.574  -1.176  1.00 83.27  ? 27  MET A SD  1 
ATOM   8    C CE  . MET A 1 1   ? 6.159   12.128  -2.764  1.00 68.78  ? 27  MET A CE  1 
ATOM   9    N N   . LEU A 1 2   ? 0.781   12.919  -1.527  1.00 65.37  ? 28  LEU A N   1 
ATOM   10   C CA  . LEU A 1 2   ? -0.297  13.314  -0.622  1.00 61.63  ? 28  LEU A CA  1 
ATOM   11   C C   . LEU A 1 2   ? -0.257  12.500  0.677   1.00 63.35  ? 28  LEU A C   1 
ATOM   12   O O   . LEU A 1 2   ? -0.259  11.271  0.640   1.00 70.41  ? 28  LEU A O   1 
ATOM   13   C CB  . LEU A 1 2   ? -1.631  13.104  -1.352  1.00 70.62  ? 28  LEU A CB  1 
ATOM   14   C CG  . LEU A 1 2   ? -2.985  13.001  -0.654  1.00 73.92  ? 28  LEU A CG  1 
ATOM   15   C CD1 . LEU A 1 2   ? -3.212  14.193  0.267   1.00 74.00  ? 28  LEU A CD1 1 
ATOM   16   C CD2 . LEU A 1 2   ? -4.064  12.916  -1.738  1.00 72.60  ? 28  LEU A CD2 1 
ATOM   17   N N   . GLU A 1 3   ? -0.229  13.196  1.815   1.00 63.74  ? 29  GLU A N   1 
ATOM   18   C CA  . GLU A 1 3   ? -0.167  12.565  3.141   1.00 67.69  ? 29  GLU A CA  1 
ATOM   19   C C   . GLU A 1 3   ? -1.452  11.845  3.609   1.00 71.71  ? 29  GLU A C   1 
ATOM   20   O O   . GLU A 1 3   ? -2.541  12.095  3.085   1.00 75.18  ? 29  GLU A O   1 
ATOM   21   C CB  . GLU A 1 3   ? 0.257   13.615  4.187   1.00 71.19  ? 29  GLU A CB  1 
ATOM   22   C CG  . GLU A 1 3   ? 0.354   13.113  5.640   1.00 72.85  ? 29  GLU A CG  1 
ATOM   23   C CD  . GLU A 1 3   ? 0.998   14.131  6.584   1.00 75.88  ? 29  GLU A CD  1 
ATOM   24   O OE1 . GLU A 1 3   ? 1.302   13.758  7.743   1.00 79.41  ? 29  GLU A OE1 1 
ATOM   25   O OE2 . GLU A 1 3   ? 1.203   15.297  6.175   1.00 72.14  ? 29  GLU A OE2 1 
ATOM   26   N N   . VAL A 1 4   ? -1.305  10.962  4.603   1.00 70.85  ? 30  VAL A N   1 
ATOM   27   C CA  . VAL A 1 4   ? -2.404  10.171  5.165   1.00 64.29  ? 30  VAL A CA  1 
ATOM   28   C C   . VAL A 1 4   ? -2.311  10.130  6.695   1.00 62.18  ? 30  VAL A C   1 
ATOM   29   O O   . VAL A 1 4   ? -3.310  9.970   7.402   1.00 63.16  ? 30  VAL A O   1 
ATOM   30   C CB  . VAL A 1 4   ? -2.363  8.716   4.592   1.00 57.64  ? 30  VAL A CB  1 
ATOM   31   C CG1 . VAL A 1 4   ? -3.070  7.727   5.539   1.00 60.37  ? 30  VAL A CG1 1 
ATOM   32   C CG2 . VAL A 1 4   ? -3.017  8.694   3.208   1.00 55.24  ? 30  VAL A CG2 1 
ATOM   33   N N   . GLN A 1 5   ? -1.095  10.280  7.194   1.00 68.00  ? 31  GLN A N   1 
ATOM   34   C CA  . GLN A 1 5   ? -0.830  10.269  8.623   1.00 69.09  ? 31  GLN A CA  1 
ATOM   35   C C   . GLN A 1 5   ? 0.573   10.834  8.745   1.00 72.07  ? 31  GLN A C   1 
ATOM   36   O O   . GLN A 1 5   ? 1.239   11.052  7.732   1.00 66.59  ? 31  GLN A O   1 
ATOM   37   C CB  . GLN A 1 5   ? -0.857  8.837   9.167   1.00 64.84  ? 31  GLN A CB  1 
ATOM   38   C CG  . GLN A 1 5   ? -2.228  8.283   9.517   1.00 66.74  ? 31  GLN A CG  1 
ATOM   39   C CD  . GLN A 1 5   ? -2.147  6.938   10.252  1.00 66.44  ? 31  GLN A CD  1 
ATOM   40   O OE1 . GLN A 1 5   ? -1.212  6.691   11.027  1.00 58.40  ? 31  GLN A OE1 1 
ATOM   41   N NE2 . GLN A 1 5   ? -3.142  6.076   10.027  1.00 63.74  ? 31  GLN A NE2 1 
ATOM   42   N N   . PRO A 1 6   ? 1.037   11.109  9.974   1.00 77.58  ? 32  PRO A N   1 
ATOM   43   C CA  . PRO A 1 6   ? 2.400   11.645  10.079  1.00 78.26  ? 32  PRO A CA  1 
ATOM   44   C C   . PRO A 1 6   ? 3.439   10.651  9.539   1.00 73.01  ? 32  PRO A C   1 
ATOM   45   O O   . PRO A 1 6   ? 3.807   9.689   10.223  1.00 69.47  ? 32  PRO A O   1 
ATOM   46   C CB  . PRO A 1 6   ? 2.546   11.894  11.574  1.00 76.22  ? 32  PRO A CB  1 
ATOM   47   C CG  . PRO A 1 6   ? 1.181   12.377  11.921  1.00 74.84  ? 32  PRO A CG  1 
ATOM   48   C CD  . PRO A 1 6   ? 0.287   11.360  11.215  1.00 81.23  ? 32  PRO A CD  1 
ATOM   49   N N   . GLY A 1 7   ? 3.905   10.886  8.311   1.00 69.79  ? 33  GLY A N   1 
ATOM   50   C CA  . GLY A 1 7   ? 4.883   9.991   7.717   1.00 69.15  ? 33  GLY A CA  1 
ATOM   51   C C   . GLY A 1 7   ? 4.229   8.852   6.952   1.00 69.27  ? 33  GLY A C   1 
ATOM   52   O O   . GLY A 1 7   ? 4.651   7.692   7.042   1.00 66.90  ? 33  GLY A O   1 
ATOM   53   N N   . LEU A 1 8   ? 3.180   9.206   6.212   1.00 74.19  ? 34  LEU A N   1 
ATOM   54   C CA  . LEU A 1 8   ? 2.409   8.281   5.378   1.00 67.86  ? 34  LEU A CA  1 
ATOM   55   C C   . LEU A 1 8   ? 1.901   9.083   4.188   1.00 62.22  ? 34  LEU A C   1 
ATOM   56   O O   . LEU A 1 8   ? 1.075   9.977   4.353   1.00 63.98  ? 34  LEU A O   1 
ATOM   57   C CB  . LEU A 1 8   ? 1.206   7.709   6.141   1.00 62.92  ? 34  LEU A CB  1 
ATOM   58   C CG  . LEU A 1 8   ? 1.205   6.233   6.553   1.00 64.56  ? 34  LEU A CG  1 
ATOM   59   C CD1 . LEU A 1 8   ? -0.223  5.709   6.570   1.00 66.90  ? 34  LEU A CD1 1 
ATOM   60   C CD2 . LEU A 1 8   ? 2.015   5.424   5.570   1.00 66.66  ? 34  LEU A CD2 1 
ATOM   61   N N   . TYR A 1 9   ? 2.391   8.769   2.993   1.00 60.05  ? 35  TYR A N   1 
ATOM   62   C CA  . TYR A 1 9   ? 1.991   9.490   1.777   1.00 61.41  ? 35  TYR A CA  1 
ATOM   63   C C   . TYR A 1 9   ? 1.640   8.512   0.666   1.00 65.97  ? 35  TYR A C   1 
ATOM   64   O O   . TYR A 1 9   ? 1.979   7.332   0.741   1.00 68.32  ? 35  TYR A O   1 
ATOM   65   C CB  . TYR A 1 9   ? 3.134   10.398  1.279   1.00 67.33  ? 35  TYR A CB  1 
ATOM   66   C CG  . TYR A 1 9   ? 3.728   11.346  2.320   1.00 75.05  ? 35  TYR A CG  1 
ATOM   67   C CD1 . TYR A 1 9   ? 4.339   10.853  3.488   1.00 70.22  ? 35  TYR A CD1 1 
ATOM   68   C CD2 . TYR A 1 9   ? 3.691   12.736  2.132   1.00 67.40  ? 35  TYR A CD2 1 
ATOM   69   C CE1 . TYR A 1 9   ? 4.886   11.714  4.434   1.00 67.90  ? 35  TYR A CE1 1 
ATOM   70   C CE2 . TYR A 1 9   ? 4.236   13.603  3.075   1.00 63.67  ? 35  TYR A CE2 1 
ATOM   71   C CZ  . TYR A 1 9   ? 4.831   13.084  4.220   1.00 69.39  ? 35  TYR A CZ  1 
ATOM   72   O OH  . TYR A 1 9   ? 5.353   13.936  5.162   1.00 79.51  ? 35  TYR A OH  1 
ATOM   73   N N   . PHE A 1 10  ? 0.963   8.988   -0.370  1.00 60.67  ? 36  PHE A N   1 
ATOM   74   C CA  . PHE A 1 10  ? 0.642   8.090   -1.463  1.00 62.31  ? 36  PHE A CA  1 
ATOM   75   C C   . PHE A 1 10  ? 0.362   8.796   -2.779  1.00 62.51  ? 36  PHE A C   1 
ATOM   76   O O   . PHE A 1 10  ? -0.212  9.882   -2.802  1.00 70.00  ? 36  PHE A O   1 
ATOM   77   C CB  . PHE A 1 10  ? -0.530  7.176   -1.087  1.00 70.29  ? 36  PHE A CB  1 
ATOM   78   C CG  . PHE A 1 10  ? -1.880  7.822   -1.202  1.00 72.26  ? 36  PHE A CG  1 
ATOM   79   C CD1 . PHE A 1 10  ? -2.423  8.536   -0.135  1.00 69.11  ? 36  PHE A CD1 1 
ATOM   80   C CD2 . PHE A 1 10  ? -2.607  7.722   -2.388  1.00 70.03  ? 36  PHE A CD2 1 
ATOM   81   C CE1 . PHE A 1 10  ? -3.676  9.140   -0.244  1.00 71.32  ? 36  PHE A CE1 1 
ATOM   82   C CE2 . PHE A 1 10  ? -3.857  8.321   -2.510  1.00 70.39  ? 36  PHE A CE2 1 
ATOM   83   C CZ  . PHE A 1 10  ? -4.393  9.033   -1.438  1.00 73.25  ? 36  PHE A CZ  1 
ATOM   84   N N   . GLY A 1 11  ? 0.770   8.172   -3.877  1.00 58.65  ? 37  GLY A N   1 
ATOM   85   C CA  . GLY A 1 11  ? 0.548   8.786   -5.168  1.00 63.36  ? 37  GLY A CA  1 
ATOM   86   C C   . GLY A 1 11  ? 1.000   7.955   -6.351  1.00 69.38  ? 37  GLY A C   1 
ATOM   87   O O   . GLY A 1 11  ? 1.217   6.745   -6.228  1.00 73.35  ? 37  GLY A O   1 
ATOM   88   N N   . GLY A 1 12  ? 1.158   8.616   -7.500  1.00 67.41  ? 38  GLY A N   1 
ATOM   89   C CA  . GLY A 1 12  ? 1.556   7.922   -8.710  1.00 70.62  ? 38  GLY A CA  1 
ATOM   90   C C   . GLY A 1 12  ? 2.879   8.310   -9.336  1.00 76.08  ? 38  GLY A C   1 
ATOM   91   O O   . GLY A 1 12  ? 3.843   8.624   -8.633  1.00 80.21  ? 38  GLY A O   1 
ATOM   92   N N   . ALA A 1 13  ? 2.909   8.278   -10.670 1.00 72.64  ? 39  ALA A N   1 
ATOM   93   C CA  . ALA A 1 13  ? 4.097   8.606   -11.465 1.00 78.85  ? 39  ALA A CA  1 
ATOM   94   C C   . ALA A 1 13  ? 4.820   9.902   -11.050 1.00 86.04  ? 39  ALA A C   1 
ATOM   95   O O   . ALA A 1 13  ? 6.013   9.875   -10.726 1.00 86.55  ? 39  ALA A O   1 
ATOM   96   C CB  . ALA A 1 13  ? 3.716   8.668   -12.958 1.00 77.47  ? 39  ALA A CB  1 
ATOM   97   N N   . ALA A 1 14  ? 4.099   11.024  -11.066 1.00 85.59  ? 40  ALA A N   1 
ATOM   98   C CA  . ALA A 1 14  ? 4.661   12.328  -10.708 1.00 83.55  ? 40  ALA A CA  1 
ATOM   99   C C   . ALA A 1 14  ? 5.058   12.455  -9.232  1.00 79.44  ? 40  ALA A C   1 
ATOM   100  O O   . ALA A 1 14  ? 5.541   13.503  -8.808  1.00 80.15  ? 40  ALA A O   1 
ATOM   101  C CB  . ALA A 1 14  ? 3.670   13.437  -11.074 1.00 83.00  ? 40  ALA A CB  1 
ATOM   102  N N   . ALA A 1 15  ? 4.848   11.394  -8.455  1.00 81.64  ? 41  ALA A N   1 
ATOM   103  C CA  . ALA A 1 15  ? 5.179   11.400  -7.033  1.00 77.98  ? 41  ALA A CA  1 
ATOM   104  C C   . ALA A 1 15  ? 6.593   10.869  -6.828  1.00 83.41  ? 41  ALA A C   1 
ATOM   105  O O   . ALA A 1 15  ? 7.405   11.467  -6.115  1.00 83.56  ? 41  ALA A O   1 
ATOM   106  C CB  . ALA A 1 15  ? 4.184   10.546  -6.263  1.00 72.67  ? 41  ALA A CB  1 
ATOM   107  N N   . VAL A 1 16  ? 6.879   9.738   -7.462  1.00 83.18  ? 42  VAL A N   1 
ATOM   108  C CA  . VAL A 1 16  ? 8.189   9.114   -7.364  1.00 86.07  ? 42  VAL A CA  1 
ATOM   109  C C   . VAL A 1 16  ? 8.918   9.283   -8.696  1.00 92.02  ? 42  VAL A C   1 
ATOM   110  O O   . VAL A 1 16  ? 9.838   8.528   -9.035  1.00 91.08  ? 42  VAL A O   1 
ATOM   111  C CB  . VAL A 1 16  ? 8.061   7.613   -7.033  1.00 78.69  ? 42  VAL A CB  1 
ATOM   112  C CG1 . VAL A 1 16  ? 9.365   7.096   -6.459  1.00 69.36  ? 42  VAL A CG1 1 
ATOM   113  C CG2 . VAL A 1 16  ? 6.925   7.393   -6.057  1.00 81.56  ? 42  VAL A CG2 1 
ATOM   114  N N   . ALA A 1 17  ? 8.480   10.283  -9.454  1.00 89.42  ? 43  ALA A N   1 
ATOM   115  C CA  . ALA A 1 17  ? 9.088   10.587  -10.738 1.00 93.41  ? 43  ALA A CA  1 
ATOM   116  C C   . ALA A 1 17  ? 10.519  11.024  -10.458 1.00 96.75  ? 43  ALA A C   1 
ATOM   117  O O   . ALA A 1 17  ? 11.478  10.311  -10.768 1.00 102.37 ? 43  ALA A O   1 
ATOM   118  C CB  . ALA A 1 17  ? 8.319   11.713  -11.427 1.00 92.72  ? 43  ALA A CB  1 
ATOM   119  N N   . GLU A 1 18  ? 10.652  12.198  -9.847  1.00 95.35  ? 44  GLU A N   1 
ATOM   120  C CA  . GLU A 1 18  ? 11.956  12.750  -9.516  1.00 89.88  ? 44  GLU A CA  1 
ATOM   121  C C   . GLU A 1 18  ? 12.218  12.686  -7.998  1.00 90.15  ? 44  GLU A C   1 
ATOM   122  O O   . GLU A 1 18  ? 11.674  13.489  -7.221  1.00 86.00  ? 44  GLU A O   1 
ATOM   123  C CB  . GLU A 1 18  ? 12.027  14.183  -10.037 1.00 90.35  ? 44  GLU A CB  1 
ATOM   124  C CG  . GLU A 1 18  ? 13.356  14.514  -10.667 1.00 91.73  ? 44  GLU A CG  1 
ATOM   125  C CD  . GLU A 1 18  ? 14.433  14.682  -9.634  1.00 87.58  ? 44  GLU A CD  1 
ATOM   126  O OE1 . GLU A 1 18  ? 15.567  14.216  -9.865  1.00 93.73  ? 44  GLU A OE1 1 
ATOM   127  O OE2 . GLU A 1 18  ? 14.138  15.293  -8.586  1.00 86.23  ? 44  GLU A OE2 1 
ATOM   128  N N   . PRO A 1 19  ? 13.056  11.714  -7.564  1.00 91.94  ? 45  PRO A N   1 
ATOM   129  C CA  . PRO A 1 19  ? 13.443  11.460  -6.172  1.00 87.60  ? 45  PRO A CA  1 
ATOM   130  C C   . PRO A 1 19  ? 13.888  12.672  -5.372  1.00 79.90  ? 45  PRO A C   1 
ATOM   131  O O   . PRO A 1 19  ? 13.789  12.688  -4.140  1.00 76.23  ? 45  PRO A O   1 
ATOM   132  C CB  . PRO A 1 19  ? 14.559  10.429  -6.310  1.00 79.13  ? 45  PRO A CB  1 
ATOM   133  C CG  . PRO A 1 19  ? 14.109  9.627   -7.458  1.00 77.73  ? 45  PRO A CG  1 
ATOM   134  C CD  . PRO A 1 19  ? 13.698  10.718  -8.445  1.00 87.45  ? 45  PRO A CD  1 
ATOM   135  N N   . ASP A 1 20  ? 14.399  13.682  -6.057  1.00 81.86  ? 46  ASP A N   1 
ATOM   136  C CA  . ASP A 1 20  ? 14.839  14.863  -5.341  1.00 87.21  ? 46  ASP A CA  1 
ATOM   137  C C   . ASP A 1 20  ? 13.634  15.465  -4.637  1.00 89.82  ? 46  ASP A C   1 
ATOM   138  O O   . ASP A 1 20  ? 13.742  15.979  -3.516  1.00 88.96  ? 46  ASP A O   1 
ATOM   139  C CB  . ASP A 1 20  ? 15.456  15.872  -6.304  1.00 87.30  ? 46  ASP A CB  1 
ATOM   140  C CG  . ASP A 1 20  ? 15.969  17.100  -5.599  1.00 88.84  ? 46  ASP A CG  1 
ATOM   141  O OD1 . ASP A 1 20  ? 15.151  17.982  -5.257  1.00 88.59  ? 46  ASP A OD1 1 
ATOM   142  O OD2 . ASP A 1 20  ? 17.193  17.170  -5.372  1.00 88.43  ? 46  ASP A OD2 1 
ATOM   143  N N   . HIS A 1 21  ? 12.484  15.373  -5.302  1.00 91.73  ? 47  HIS A N   1 
ATOM   144  C CA  . HIS A 1 21  ? 11.234  15.899  -4.778  1.00 88.97  ? 47  HIS A CA  1 
ATOM   145  C C   . HIS A 1 21  ? 10.840  15.177  -3.477  1.00 86.17  ? 47  HIS A C   1 
ATOM   146  O O   . HIS A 1 21  ? 9.973   15.646  -2.730  1.00 88.85  ? 47  HIS A O   1 
ATOM   147  C CB  . HIS A 1 21  ? 10.135  15.742  -5.838  1.00 87.42  ? 47  HIS A CB  1 
ATOM   148  C CG  . HIS A 1 21  ? 9.235   16.935  -5.958  1.00 97.74  ? 47  HIS A CG  1 
ATOM   149  N ND1 . HIS A 1 21  ? 9.680   18.162  -6.406  1.00 103.28 ? 47  HIS A ND1 1 
ATOM   150  C CD2 . HIS A 1 21  ? 7.916   17.092  -5.684  1.00 99.41  ? 47  HIS A CD2 1 
ATOM   151  C CE1 . HIS A 1 21  ? 8.676   19.022  -6.402  1.00 98.99  ? 47  HIS A CE1 1 
ATOM   152  N NE2 . HIS A 1 21  ? 7.594   18.398  -5.968  1.00 93.79  ? 47  HIS A NE2 1 
ATOM   153  N N   . LEU A 1 22  ? 11.500  14.047  -3.210  1.00 82.37  ? 48  LEU A N   1 
ATOM   154  C CA  . LEU A 1 22  ? 11.239  13.226  -2.018  1.00 81.46  ? 48  LEU A CA  1 
ATOM   155  C C   . LEU A 1 22  ? 11.966  13.759  -0.789  1.00 84.94  ? 48  LEU A C   1 
ATOM   156  O O   . LEU A 1 22  ? 11.373  13.929  0.285   1.00 82.57  ? 48  LEU A O   1 
ATOM   157  C CB  . LEU A 1 22  ? 11.691  11.780  -2.257  1.00 83.67  ? 48  LEU A CB  1 
ATOM   158  C CG  . LEU A 1 22  ? 10.741  10.669  -1.804  1.00 76.55  ? 48  LEU A CG  1 
ATOM   159  C CD1 . LEU A 1 22  ? 9.619   10.528  -2.836  1.00 67.61  ? 48  LEU A CD1 1 
ATOM   160  C CD2 . LEU A 1 22  ? 11.497  9.355   -1.657  1.00 72.69  ? 48  LEU A CD2 1 
ATOM   161  N N   . ARG A 1 23  ? 13.263  14.003  -0.956  1.00 87.79  ? 49  ARG A N   1 
ATOM   162  C CA  . ARG A 1 23  ? 14.096  14.534  0.109   1.00 83.18  ? 49  ARG A CA  1 
ATOM   163  C C   . ARG A 1 23  ? 13.418  15.795  0.634   1.00 78.66  ? 49  ARG A C   1 
ATOM   164  O O   . ARG A 1 23  ? 13.733  16.283  1.711   1.00 73.90  ? 49  ARG A O   1 
ATOM   165  C CB  . ARG A 1 23  ? 15.482  14.863  -0.442  1.00 83.69  ? 49  ARG A CB  1 
ATOM   166  C CG  . ARG A 1 23  ? 16.633  14.368  0.426   1.00 82.97  ? 49  ARG A CG  1 
ATOM   167  C CD  . ARG A 1 23  ? 17.953  14.349  -0.348  1.00 79.07  ? 49  ARG A CD  1 
ATOM   168  N NE  . ARG A 1 23  ? 19.014  13.688  0.412   1.00 75.71  ? 49  ARG A NE  1 
ATOM   169  C CZ  . ARG A 1 23  ? 19.653  14.229  1.445   1.00 79.47  ? 49  ARG A CZ  1 
ATOM   170  N NH1 . ARG A 1 23  ? 19.348  15.458  1.853   1.00 73.77  ? 49  ARG A NH1 1 
ATOM   171  N NH2 . ARG A 1 23  ? 20.592  13.535  2.079   1.00 82.09  ? 49  ARG A NH2 1 
ATOM   172  N N   . GLU A 1 24  ? 12.485  16.316  -0.154  1.00 81.13  ? 50  GLU A N   1 
ATOM   173  C CA  . GLU A 1 24  ? 11.730  17.495  0.224   1.00 86.15  ? 50  GLU A CA  1 
ATOM   174  C C   . GLU A 1 24  ? 10.854  17.108  1.395   1.00 84.95  ? 50  GLU A C   1 
ATOM   175  O O   . GLU A 1 24  ? 10.833  17.790  2.424   1.00 84.76  ? 50  GLU A O   1 
ATOM   176  C CB  . GLU A 1 24  ? 10.835  17.972  -0.934  1.00 88.09  ? 50  GLU A CB  1 
ATOM   177  C CG  . GLU A 1 24  ? 11.312  19.243  -1.627  1.00 88.56  ? 50  GLU A CG  1 
ATOM   178  C CD  . GLU A 1 24  ? 12.402  18.975  -2.640  1.00 92.77  ? 50  GLU A CD  1 
ATOM   179  O OE1 . GLU A 1 24  ? 12.065  18.521  -3.750  1.00 93.94  ? 50  GLU A OE1 1 
ATOM   180  O OE2 . GLU A 1 24  ? 13.591  19.206  -2.330  1.00 87.96  ? 50  GLU A OE2 1 
ATOM   181  N N   . ALA A 1 25  ? 10.145  15.995  1.223   1.00 76.73  ? 51  ALA A N   1 
ATOM   182  C CA  . ALA A 1 25  ? 9.219   15.487  2.232   1.00 75.67  ? 51  ALA A CA  1 
ATOM   183  C C   . ALA A 1 25  ? 9.838   14.826  3.474   1.00 75.81  ? 51  ALA A C   1 
ATOM   184  O O   . ALA A 1 25  ? 9.281   14.918  4.570   1.00 67.40  ? 51  ALA A O   1 
ATOM   185  C CB  . ALA A 1 25  ? 8.238   14.528  1.573   1.00 73.87  ? 51  ALA A CB  1 
ATOM   186  N N   . GLY A 1 26  ? 10.982  14.167  3.305   1.00 75.78  ? 52  GLY A N   1 
ATOM   187  C CA  . GLY A 1 26  ? 11.622  13.497  4.426   1.00 65.42  ? 52  GLY A CA  1 
ATOM   188  C C   . GLY A 1 26  ? 11.348  12.004  4.355   1.00 69.13  ? 52  GLY A C   1 
ATOM   189  O O   . GLY A 1 26  ? 11.356  11.296  5.377   1.00 67.61  ? 52  GLY A O   1 
ATOM   190  N N   . ILE A 1 27  ? 11.111  11.525  3.133   1.00 70.97  ? 53  ILE A N   1 
ATOM   191  C CA  . ILE A 1 27  ? 10.811  10.119  2.882   1.00 69.62  ? 53  ILE A CA  1 
ATOM   192  C C   . ILE A 1 27  ? 12.066  9.307   2.580   1.00 64.28  ? 53  ILE A C   1 
ATOM   193  O O   . ILE A 1 27  ? 12.836  9.647   1.671   1.00 65.24  ? 53  ILE A O   1 
ATOM   194  C CB  . ILE A 1 27  ? 9.794   9.992   1.721   1.00 69.10  ? 53  ILE A CB  1 
ATOM   195  C CG1 . ILE A 1 27  ? 8.531   10.774  2.093   1.00 69.63  ? 53  ILE A CG1 1 
ATOM   196  C CG2 . ILE A 1 27  ? 9.465   8.522   1.448   1.00 64.97  ? 53  ILE A CG2 1 
ATOM   197  C CD1 . ILE A 1 27  ? 7.394   10.630  1.138   1.00 68.63  ? 53  ILE A CD1 1 
ATOM   198  N N   . THR A 1 28  ? 12.269  8.237   3.353   1.00 60.99  ? 54  THR A N   1 
ATOM   199  C CA  . THR A 1 28  ? 13.439  7.388   3.174   1.00 61.76  ? 54  THR A CA  1 
ATOM   200  C C   . THR A 1 28  ? 13.081  5.916   3.094   1.00 57.74  ? 54  THR A C   1 
ATOM   201  O O   . THR A 1 28  ? 13.916  5.048   3.339   1.00 56.52  ? 54  THR A O   1 
ATOM   202  C CB  . THR A 1 28  ? 14.427  7.597   4.298   1.00 64.75  ? 54  THR A CB  1 
ATOM   203  O OG1 . THR A 1 28  ? 14.103  8.822   4.960   1.00 63.02  ? 54  THR A OG1 1 
ATOM   204  C CG2 . THR A 1 28  ? 15.864  7.678   3.751   1.00 60.70  ? 54  THR A CG2 1 
ATOM   205  N N   . ALA A 1 29  ? 11.824  5.661   2.751   1.00 61.41  ? 55  ALA A N   1 
ATOM   206  C CA  . ALA A 1 29  ? 11.288  4.318   2.572   1.00 54.42  ? 55  ALA A CA  1 
ATOM   207  C C   . ALA A 1 29  ? 10.172  4.452   1.536   1.00 52.50  ? 55  ALA A C   1 
ATOM   208  O O   . ALA A 1 29  ? 9.332   5.352   1.621   1.00 52.45  ? 55  ALA A O   1 
ATOM   209  C CB  . ALA A 1 29  ? 10.734  3.767   3.887   1.00 50.94  ? 55  ALA A CB  1 
ATOM   210  N N   . VAL A 1 30  ? 10.173  3.559   0.554   1.00 55.04  ? 56  VAL A N   1 
ATOM   211  C CA  . VAL A 1 30  ? 9.177   3.587   -0.506  1.00 49.32  ? 56  VAL A CA  1 
ATOM   212  C C   . VAL A 1 30  ? 8.572   2.227   -0.833  1.00 49.31  ? 56  VAL A C   1 
ATOM   213  O O   . VAL A 1 30  ? 9.281   1.304   -1.237  1.00 52.29  ? 56  VAL A O   1 
ATOM   214  C CB  . VAL A 1 30  ? 9.788   4.153   -1.804  1.00 46.13  ? 56  VAL A CB  1 
ATOM   215  C CG1 . VAL A 1 30  ? 8.864   3.876   -2.987  1.00 49.44  ? 56  VAL A CG1 1 
ATOM   216  C CG2 . VAL A 1 30  ? 10.044  5.648   -1.644  1.00 47.53  ? 56  VAL A CG2 1 
ATOM   217  N N   . LEU A 1 31  ? 7.258   2.106   -0.666  1.00 52.69  ? 57  LEU A N   1 
ATOM   218  C CA  . LEU A 1 31  ? 6.556   0.867   -0.994  1.00 52.42  ? 57  LEU A CA  1 
ATOM   219  C C   . LEU A 1 31  ? 5.899   1.052   -2.377  1.00 57.04  ? 57  LEU A C   1 
ATOM   220  O O   . LEU A 1 31  ? 5.169   2.021   -2.618  1.00 58.32  ? 57  LEU A O   1 
ATOM   221  C CB  . LEU A 1 31  ? 5.501   0.558   0.067   1.00 54.10  ? 57  LEU A CB  1 
ATOM   222  C CG  . LEU A 1 31  ? 4.829   -0.816  0.003   1.00 54.67  ? 57  LEU A CG  1 
ATOM   223  C CD1 . LEU A 1 31  ? 3.813   -0.890  1.124   1.00 52.81  ? 57  LEU A CD1 1 
ATOM   224  C CD2 . LEU A 1 31  ? 4.153   -1.049  -1.351  1.00 54.82  ? 57  LEU A CD2 1 
ATOM   225  N N   . THR A 1 32  ? 6.155   0.104   -3.272  1.00 55.50  ? 58  THR A N   1 
ATOM   226  C CA  . THR A 1 32  ? 5.654   0.175   -4.641  1.00 57.34  ? 58  THR A CA  1 
ATOM   227  C C   . THR A 1 32  ? 4.708   -0.936  -5.075  1.00 57.22  ? 58  THR A C   1 
ATOM   228  O O   . THR A 1 32  ? 4.972   -2.112  -4.867  1.00 54.57  ? 58  THR A O   1 
ATOM   229  C CB  . THR A 1 32  ? 6.832   0.187   -5.643  1.00 56.01  ? 58  THR A CB  1 
ATOM   230  O OG1 . THR A 1 32  ? 7.579   1.402   -5.492  1.00 50.99  ? 58  THR A OG1 1 
ATOM   231  C CG2 . THR A 1 32  ? 6.316   0.034   -7.076  1.00 54.69  ? 58  THR A CG2 1 
ATOM   232  N N   . VAL A 1 33  ? 3.613   -0.538  -5.707  1.00 65.26  ? 59  VAL A N   1 
ATOM   233  C CA  . VAL A 1 33  ? 2.606   -1.462  -6.212  1.00 61.21  ? 59  VAL A CA  1 
ATOM   234  C C   . VAL A 1 33  ? 2.391   -1.093  -7.677  1.00 63.00  ? 59  VAL A C   1 
ATOM   235  O O   . VAL A 1 33  ? 1.619   -0.188  -8.009  1.00 64.17  ? 59  VAL A O   1 
ATOM   236  C CB  . VAL A 1 33  ? 1.285   -1.298  -5.453  1.00 58.01  ? 59  VAL A CB  1 
ATOM   237  C CG1 . VAL A 1 33  ? 0.324   -2.396  -5.843  1.00 64.88  ? 59  VAL A CG1 1 
ATOM   238  C CG2 . VAL A 1 33  ? 1.546   -1.310  -3.966  1.00 60.46  ? 59  VAL A CG2 1 
ATOM   239  N N   . ASP A 1 34  ? 3.087   -1.785  -8.560  1.00 61.44  ? 60  ASP A N   1 
ATOM   240  C CA  . ASP A 1 34  ? 2.953   -1.458  -9.954  1.00 65.09  ? 60  ASP A CA  1 
ATOM   241  C C   . ASP A 1 34  ? 3.151   -2.693  -10.814 1.00 65.19  ? 60  ASP A C   1 
ATOM   242  O O   . ASP A 1 34  ? 3.450   -3.779  -10.303 1.00 61.75  ? 60  ASP A O   1 
ATOM   243  C CB  . ASP A 1 34  ? 3.961   -0.349  -10.306 1.00 67.50  ? 60  ASP A CB  1 
ATOM   244  C CG  . ASP A 1 34  ? 3.666   0.322   -11.649 1.00 74.50  ? 60  ASP A CG  1 
ATOM   245  O OD1 . ASP A 1 34  ? 2.475   0.420   -12.027 1.00 74.53  ? 60  ASP A OD1 1 
ATOM   246  O OD2 . ASP A 1 34  ? 4.631   0.771   -12.316 1.00 77.47  ? 60  ASP A OD2 1 
ATOM   247  N N   . SER A 1 35  ? 2.950   -2.521  -12.116 1.00 63.58  ? 61  SER A N   1 
ATOM   248  C CA  . SER A 1 35  ? 3.099   -3.605  -13.069 1.00 67.17  ? 61  SER A CA  1 
ATOM   249  C C   . SER A 1 35  ? 4.531   -4.076  -12.983 1.00 67.83  ? 61  SER A C   1 
ATOM   250  O O   . SER A 1 35  ? 4.805   -5.261  -12.807 1.00 77.54  ? 61  SER A O   1 
ATOM   251  C CB  . SER A 1 35  ? 2.820   -3.105  -14.486 1.00 60.89  ? 61  SER A CB  1 
ATOM   252  O OG  . SER A 1 35  ? 3.969   -2.460  -15.025 1.00 67.69  ? 61  SER A OG  1 
ATOM   253  N N   . GLU A 1 36  ? 5.448   -3.126  -13.098 1.00 73.83  ? 62  GLU A N   1 
ATOM   254  C CA  . GLU A 1 36  ? 6.867   -3.440  -13.048 1.00 78.77  ? 62  GLU A CA  1 
ATOM   255  C C   . GLU A 1 36  ? 7.546   -2.721  -11.869 1.00 79.66  ? 62  GLU A C   1 
ATOM   256  O O   . GLU A 1 36  ? 7.130   -1.623  -11.472 1.00 80.94  ? 62  GLU A O   1 
ATOM   257  C CB  . GLU A 1 36  ? 7.518   -3.045  -14.388 1.00 77.24  ? 62  GLU A CB  1 
ATOM   258  C CG  . GLU A 1 36  ? 8.933   -3.580  -14.592 1.00 83.73  ? 62  GLU A CG  1 
ATOM   259  C CD  . GLU A 1 36  ? 9.035   -5.100  -14.407 1.00 93.04  ? 62  GLU A CD  1 
ATOM   260  O OE1 . GLU A 1 36  ? 8.332   -5.859  -15.116 1.00 95.28  ? 62  GLU A OE1 1 
ATOM   261  O OE2 . GLU A 1 36  ? 9.826   -5.544  -13.545 1.00 88.57  ? 62  GLU A OE2 1 
ATOM   262  N N   . GLU A 1 37  ? 8.563   -3.360  -11.291 1.00 75.46  ? 63  GLU A N   1 
ATOM   263  C CA  . GLU A 1 37  ? 9.311   -2.758  -10.194 1.00 74.98  ? 63  GLU A CA  1 
ATOM   264  C C   . GLU A 1 37  ? 10.157  -1.607  -10.758 1.00 69.78  ? 63  GLU A C   1 
ATOM   265  O O   . GLU A 1 37  ? 10.814  -1.766  -11.794 1.00 70.74  ? 63  GLU A O   1 
ATOM   266  C CB  . GLU A 1 37  ? 10.227  -3.786  -9.550  1.00 72.14  ? 63  GLU A CB  1 
ATOM   267  C CG  . GLU A 1 37  ? 11.399  -3.140  -8.854  1.00 71.17  ? 63  GLU A CG  1 
ATOM   268  C CD  . GLU A 1 37  ? 12.045  -4.056  -7.844  1.00 79.18  ? 63  GLU A CD  1 
ATOM   269  O OE1 . GLU A 1 37  ? 12.357  -5.230  -8.200  1.00 69.57  ? 63  GLU A OE1 1 
ATOM   270  O OE2 . GLU A 1 37  ? 12.243  -3.586  -6.695  1.00 76.99  ? 63  GLU A OE2 1 
ATOM   271  N N   . PRO A 1 38  ? 10.162  -0.442  -10.079 1.00 68.63  ? 64  PRO A N   1 
ATOM   272  C CA  . PRO A 1 38  ? 10.911  0.753   -10.497 1.00 73.87  ? 64  PRO A CA  1 
ATOM   273  C C   . PRO A 1 38  ? 12.439  0.878   -10.332 1.00 81.57  ? 64  PRO A C   1 
ATOM   274  O O   . PRO A 1 38  ? 13.104  0.089   -9.636  1.00 80.23  ? 64  PRO A O   1 
ATOM   275  C CB  . PRO A 1 38  ? 10.163  1.888   -9.789  1.00 66.88  ? 64  PRO A CB  1 
ATOM   276  C CG  . PRO A 1 38  ? 9.748   1.250   -8.523  1.00 66.46  ? 64  PRO A CG  1 
ATOM   277  C CD  . PRO A 1 38  ? 9.263   -0.125  -8.956  1.00 69.27  ? 64  PRO A CD  1 
ATOM   278  N N   . SER A 1 39  ? 12.959  1.900   -11.016 1.00 80.50  ? 65  SER A N   1 
ATOM   279  C CA  . SER A 1 39  ? 14.372  2.277   -11.027 1.00 74.09  ? 65  SER A CA  1 
ATOM   280  C C   . SER A 1 39  ? 14.357  3.725   -10.519 1.00 73.42  ? 65  SER A C   1 
ATOM   281  O O   . SER A 1 39  ? 13.374  4.448   -10.725 1.00 75.14  ? 65  SER A O   1 
ATOM   282  C CB  . SER A 1 39  ? 14.938  2.262   -12.467 1.00 74.18  ? 65  SER A CB  1 
ATOM   283  O OG  . SER A 1 39  ? 14.957  0.965   -13.055 1.00 78.68  ? 65  SER A OG  1 
ATOM   284  N N   . PHE A 1 40  ? 15.436  4.140   -9.861  1.00 77.33  ? 66  PHE A N   1 
ATOM   285  C CA  . PHE A 1 40  ? 15.553  5.499   -9.334  1.00 70.19  ? 66  PHE A CA  1 
ATOM   286  C C   . PHE A 1 40  ? 16.875  6.083   -9.823  1.00 71.14  ? 66  PHE A C   1 
ATOM   287  O O   . PHE A 1 40  ? 17.820  5.338   -10.097 1.00 77.88  ? 66  PHE A O   1 
ATOM   288  C CB  . PHE A 1 40  ? 15.517  5.471   -7.802  1.00 64.33  ? 66  PHE A CB  1 
ATOM   289  C CG  . PHE A 1 40  ? 14.214  4.963   -7.232  1.00 76.65  ? 66  PHE A CG  1 
ATOM   290  C CD1 . PHE A 1 40  ? 13.140  5.831   -7.012  1.00 79.24  ? 66  PHE A CD1 1 
ATOM   291  C CD2 . PHE A 1 40  ? 14.043  3.606   -6.952  1.00 82.18  ? 66  PHE A CD2 1 
ATOM   292  C CE1 . PHE A 1 40  ? 11.917  5.349   -6.526  1.00 70.44  ? 66  PHE A CE1 1 
ATOM   293  C CE2 . PHE A 1 40  ? 12.821  3.122   -6.468  1.00 76.34  ? 66  PHE A CE2 1 
ATOM   294  C CZ  . PHE A 1 40  ? 11.760  3.997   -6.257  1.00 62.97  ? 66  PHE A CZ  1 
ATOM   295  N N   . LYS A 1 41  ? 16.947  7.405   -9.945  1.00 67.46  ? 67  LYS A N   1 
ATOM   296  C CA  . LYS A 1 41  ? 18.174  8.040   -10.424 1.00 67.04  ? 67  LYS A CA  1 
ATOM   297  C C   . LYS A 1 41  ? 19.255  8.176   -9.340  1.00 68.74  ? 67  LYS A C   1 
ATOM   298  O O   . LYS A 1 41  ? 18.963  8.454   -8.173  1.00 62.97  ? 67  LYS A O   1 
ATOM   299  C CB  . LYS A 1 41  ? 17.848  9.403   -11.052 1.00 69.31  ? 67  LYS A CB  1 
ATOM   300  C CG  . LYS A 1 41  ? 17.621  9.361   -12.574 1.00 68.94  ? 67  LYS A CG  1 
ATOM   301  C CD  . LYS A 1 41  ? 18.890  8.886   -13.314 1.00 84.93  ? 67  LYS A CD  1 
ATOM   302  C CE  . LYS A 1 41  ? 18.804  9.057   -14.843 1.00 80.96  ? 67  LYS A CE  1 
ATOM   303  N NZ  . LYS A 1 41  ? 20.081  8.689   -15.549 1.00 71.05  ? 67  LYS A NZ  1 
ATOM   304  N N   . ALA A 1 42  ? 20.498  7.951   -9.760  1.00 68.47  ? 68  ALA A N   1 
ATOM   305  C CA  . ALA A 1 42  ? 21.699  7.997   -8.922  1.00 63.94  ? 68  ALA A CA  1 
ATOM   306  C C   . ALA A 1 42  ? 21.612  8.758   -7.606  1.00 64.30  ? 68  ALA A C   1 
ATOM   307  O O   . ALA A 1 42  ? 22.114  8.287   -6.584  1.00 62.78  ? 68  ALA A O   1 
ATOM   308  C CB  . ALA A 1 42  ? 22.861  8.545   -9.739  1.00 63.54  ? 68  ALA A CB  1 
ATOM   309  N N   . GLY A 1 43  ? 21.018  9.947   -7.654  1.00 57.60  ? 69  GLY A N   1 
ATOM   310  C CA  . GLY A 1 43  ? 20.862  10.801  -6.482  1.00 55.94  ? 69  GLY A CA  1 
ATOM   311  C C   . GLY A 1 43  ? 21.256  10.446  -5.042  1.00 52.66  ? 69  GLY A C   1 
ATOM   312  O O   . GLY A 1 43  ? 21.414  9.287   -4.634  1.00 55.05  ? 69  GLY A O   1 
ATOM   313  N N   . PRO A 1 44  ? 21.398  11.489  -4.219  1.00 51.44  ? 70  PRO A N   1 
ATOM   314  C CA  . PRO A 1 44  ? 21.768  11.321  -2.817  1.00 57.53  ? 70  PRO A CA  1 
ATOM   315  C C   . PRO A 1 44  ? 20.616  10.792  -1.964  1.00 62.61  ? 70  PRO A C   1 
ATOM   316  O O   . PRO A 1 44  ? 19.486  11.276  -2.047  1.00 71.58  ? 70  PRO A O   1 
ATOM   317  C CB  . PRO A 1 44  ? 22.203  12.728  -2.415  1.00 58.97  ? 70  PRO A CB  1 
ATOM   318  C CG  . PRO A 1 44  ? 21.261  13.577  -3.183  1.00 55.89  ? 70  PRO A CG  1 
ATOM   319  C CD  . PRO A 1 44  ? 21.235  12.918  -4.548  1.00 51.30  ? 70  PRO A CD  1 
ATOM   320  N N   . GLY A 1 45  ? 20.911  9.784   -1.155  1.00 62.54  ? 71  GLY A N   1 
ATOM   321  C CA  . GLY A 1 45  ? 19.891  9.221   -0.298  1.00 59.59  ? 71  GLY A CA  1 
ATOM   322  C C   . GLY A 1 45  ? 19.125  8.083   -0.935  1.00 58.30  ? 71  GLY A C   1 
ATOM   323  O O   . GLY A 1 45  ? 18.376  7.394   -0.240  1.00 64.12  ? 71  GLY A O   1 
ATOM   324  N N   . VAL A 1 46  ? 19.308  7.871   -2.238  1.00 50.32  ? 72  VAL A N   1 
ATOM   325  C CA  . VAL A 1 46  ? 18.595  6.797   -2.935  1.00 53.85  ? 72  VAL A CA  1 
ATOM   326  C C   . VAL A 1 46  ? 19.075  5.403   -2.525  1.00 54.08  ? 72  VAL A C   1 
ATOM   327  O O   . VAL A 1 46  ? 18.350  4.421   -2.670  1.00 60.79  ? 72  VAL A O   1 
ATOM   328  C CB  . VAL A 1 46  ? 18.724  6.939   -4.482  1.00 53.72  ? 72  VAL A CB  1 
ATOM   329  C CG1 . VAL A 1 46  ? 18.112  5.726   -5.189  1.00 52.71  ? 72  VAL A CG1 1 
ATOM   330  C CG2 . VAL A 1 46  ? 18.048  8.218   -4.942  1.00 54.24  ? 72  VAL A CG2 1 
ATOM   331  N N   . GLU A 1 47  ? 20.289  5.315   -2.000  1.00 54.44  ? 73  GLU A N   1 
ATOM   332  C CA  . GLU A 1 47  ? 20.839  4.022   -1.622  1.00 57.55  ? 73  GLU A CA  1 
ATOM   333  C C   . GLU A 1 47  ? 20.489  3.593   -0.195  1.00 61.60  ? 73  GLU A C   1 
ATOM   334  O O   . GLU A 1 47  ? 20.586  2.406   0.146   1.00 67.03  ? 73  GLU A O   1 
ATOM   335  C CB  . GLU A 1 47  ? 22.358  4.043   -1.835  1.00 58.90  ? 73  GLU A CB  1 
ATOM   336  C CG  . GLU A 1 47  ? 22.758  4.486   -3.251  1.00 63.18  ? 73  GLU A CG  1 
ATOM   337  C CD  . GLU A 1 47  ? 23.275  3.355   -4.138  1.00 66.74  ? 73  GLU A CD  1 
ATOM   338  O OE1 . GLU A 1 47  ? 24.500  3.323   -4.396  1.00 68.65  ? 73  GLU A OE1 1 
ATOM   339  O OE2 . GLU A 1 47  ? 22.467  2.507   -4.579  1.00 67.07  ? 73  GLU A OE2 1 
ATOM   340  N N   . ASP A 1 48  ? 20.085  4.545   0.640   1.00 52.06  ? 74  ASP A N   1 
ATOM   341  C CA  . ASP A 1 48  ? 19.710  4.216   2.008   1.00 53.10  ? 74  ASP A CA  1 
ATOM   342  C C   . ASP A 1 48  ? 18.187  4.308   2.104   1.00 59.43  ? 74  ASP A C   1 
ATOM   343  O O   . ASP A 1 48  ? 17.610  4.622   3.162   1.00 62.90  ? 74  ASP A O   1 
ATOM   344  C CB  . ASP A 1 48  ? 20.377  5.172   3.003   1.00 59.73  ? 74  ASP A CB  1 
ATOM   345  C CG  . ASP A 1 48  ? 20.160  4.752   4.464   1.00 68.12  ? 74  ASP A CG  1 
ATOM   346  O OD1 . ASP A 1 48  ? 20.540  3.619   4.838   1.00 66.93  ? 74  ASP A OD1 1 
ATOM   347  O OD2 . ASP A 1 48  ? 19.607  5.563   5.237   1.00 62.19  ? 74  ASP A OD2 1 
ATOM   348  N N   . LEU A 1 49  ? 17.542  4.013   0.979   1.00 59.34  ? 75  LEU A N   1 
ATOM   349  C CA  . LEU A 1 49  ? 16.093  4.058   0.883   1.00 59.78  ? 75  LEU A CA  1 
ATOM   350  C C   . LEU A 1 49  ? 15.502  2.670   0.993   1.00 56.35  ? 75  LEU A C   1 
ATOM   351  O O   . LEU A 1 49  ? 15.933  1.766   0.287   1.00 59.48  ? 75  LEU A O   1 
ATOM   352  C CB  . LEU A 1 49  ? 15.679  4.646   -0.455  1.00 54.92  ? 75  LEU A CB  1 
ATOM   353  C CG  . LEU A 1 49  ? 14.648  5.759   -0.397  1.00 54.73  ? 75  LEU A CG  1 
ATOM   354  C CD1 . LEU A 1 49  ? 15.225  6.950   0.351   1.00 59.02  ? 75  LEU A CD1 1 
ATOM   355  C CD2 . LEU A 1 49  ? 14.277  6.139   -1.816  1.00 49.82  ? 75  LEU A CD2 1 
ATOM   356  N N   . TRP A 1 50  ? 14.522  2.492   1.874   1.00 56.20  ? 76  TRP A N   1 
ATOM   357  C CA  . TRP A 1 50  ? 13.879  1.184   2.008   1.00 54.33  ? 76  TRP A CA  1 
ATOM   358  C C   . TRP A 1 50  ? 13.039  1.012   0.775   1.00 52.58  ? 76  TRP A C   1 
ATOM   359  O O   . TRP A 1 50  ? 12.573  1.991   0.203   1.00 49.51  ? 76  TRP A O   1 
ATOM   360  C CB  . TRP A 1 50  ? 12.980  1.112   3.253   1.00 48.92  ? 76  TRP A CB  1 
ATOM   361  C CG  . TRP A 1 50  ? 13.755  1.147   4.491   1.00 49.05  ? 76  TRP A CG  1 
ATOM   362  C CD1 . TRP A 1 50  ? 15.010  1.652   4.644   1.00 54.29  ? 76  TRP A CD1 1 
ATOM   363  C CD2 . TRP A 1 50  ? 13.339  0.706   5.782   1.00 51.21  ? 76  TRP A CD2 1 
ATOM   364  N NE1 . TRP A 1 50  ? 15.406  1.555   5.950   1.00 58.30  ? 76  TRP A NE1 1 
ATOM   365  C CE2 . TRP A 1 50  ? 14.398  0.980   6.677   1.00 54.89  ? 76  TRP A CE2 1 
ATOM   366  C CE3 . TRP A 1 50  ? 12.174  0.106   6.280   1.00 55.87  ? 76  TRP A CE3 1 
ATOM   367  C CZ2 . TRP A 1 50  ? 14.326  0.678   8.045   1.00 56.12  ? 76  TRP A CZ2 1 
ATOM   368  C CZ3 . TRP A 1 50  ? 12.103  -0.194  7.647   1.00 53.95  ? 76  TRP A CZ3 1 
ATOM   369  C CH2 . TRP A 1 50  ? 13.173  0.094   8.508   1.00 54.84  ? 76  TRP A CH2 1 
ATOM   370  N N   . ARG A 1 51  ? 12.861  -0.234  0.363   1.00 54.40  ? 77  ARG A N   1 
ATOM   371  C CA  . ARG A 1 51  ? 12.055  -0.538  -0.798  1.00 54.88  ? 77  ARG A CA  1 
ATOM   372  C C   . ARG A 1 51  ? 11.350  -1.870  -0.616  1.00 49.66  ? 77  ARG A C   1 
ATOM   373  O O   . ARG A 1 51  ? 11.955  -2.851  -0.203  1.00 49.61  ? 77  ARG A O   1 
ATOM   374  C CB  . ARG A 1 51  ? 12.927  -0.585  -2.065  1.00 57.40  ? 77  ARG A CB  1 
ATOM   375  C CG  . ARG A 1 51  ? 12.845  0.666   -2.931  1.00 58.39  ? 77  ARG A CG  1 
ATOM   376  C CD  . ARG A 1 51  ? 14.215  1.064   -3.415  1.00 68.55  ? 77  ARG A CD  1 
ATOM   377  N NE  . ARG A 1 51  ? 14.474  0.653   -4.790  1.00 79.08  ? 77  ARG A NE  1 
ATOM   378  C CZ  . ARG A 1 51  ? 15.649  0.799   -5.402  1.00 90.41  ? 77  ARG A CZ  1 
ATOM   379  N NH1 . ARG A 1 51  ? 16.679  1.343   -4.749  1.00 83.04  ? 77  ARG A NH1 1 
ATOM   380  N NH2 . ARG A 1 51  ? 15.794  0.430   -6.677  1.00 85.94  ? 77  ARG A NH2 1 
ATOM   381  N N   . LEU A 1 52  ? 10.056  -1.885  -0.897  1.00 49.21  ? 78  LEU A N   1 
ATOM   382  C CA  . LEU A 1 52  ? 9.272   -3.106  -0.834  1.00 48.47  ? 78  LEU A CA  1 
ATOM   383  C C   . LEU A 1 52  ? 8.388   -3.033  -2.077  1.00 49.54  ? 78  LEU A C   1 
ATOM   384  O O   . LEU A 1 52  ? 7.672   -2.046  -2.273  1.00 49.30  ? 78  LEU A O   1 
ATOM   385  C CB  . LEU A 1 52  ? 8.427   -3.160  0.447   1.00 49.65  ? 78  LEU A CB  1 
ATOM   386  C CG  . LEU A 1 52  ? 7.689   -4.465  0.795   1.00 44.77  ? 78  LEU A CG  1 
ATOM   387  C CD1 . LEU A 1 52  ? 6.256   -4.397  0.299   1.00 47.78  ? 78  LEU A CD1 1 
ATOM   388  C CD2 . LEU A 1 52  ? 8.434   -5.668  0.204   1.00 53.29  ? 78  LEU A CD2 1 
ATOM   389  N N   . PHE A 1 53  ? 8.470   -4.056  -2.929  1.00 49.90  ? 79  PHE A N   1 
ATOM   390  C CA  . PHE A 1 53  ? 7.684   -4.098  -4.159  1.00 48.37  ? 79  PHE A CA  1 
ATOM   391  C C   . PHE A 1 53  ? 6.594   -5.158  -4.161  1.00 51.92  ? 79  PHE A C   1 
ATOM   392  O O   . PHE A 1 53  ? 6.879   -6.349  -4.075  1.00 56.99  ? 79  PHE A O   1 
ATOM   393  C CB  . PHE A 1 53  ? 8.595   -4.331  -5.370  1.00 51.11  ? 79  PHE A CB  1 
ATOM   394  C CG  . PHE A 1 53  ? 7.849   -4.485  -6.672  1.00 57.97  ? 79  PHE A CG  1 
ATOM   395  C CD1 . PHE A 1 53  ? 8.046   -5.598  -7.479  1.00 61.55  ? 79  PHE A CD1 1 
ATOM   396  C CD2 . PHE A 1 53  ? 6.953   -3.508  -7.095  1.00 64.35  ? 79  PHE A CD2 1 
ATOM   397  C CE1 . PHE A 1 53  ? 7.360   -5.739  -8.696  1.00 66.65  ? 79  PHE A CE1 1 
ATOM   398  C CE2 . PHE A 1 53  ? 6.264   -3.638  -8.305  1.00 65.85  ? 79  PHE A CE2 1 
ATOM   399  C CZ  . PHE A 1 53  ? 6.470   -4.759  -9.107  1.00 65.29  ? 79  PHE A CZ  1 
ATOM   400  N N   . VAL A 1 54  ? 5.347   -4.707  -4.260  1.00 54.51  ? 80  VAL A N   1 
ATOM   401  C CA  . VAL A 1 54  ? 4.175   -5.584  -4.328  1.00 52.11  ? 80  VAL A CA  1 
ATOM   402  C C   . VAL A 1 54  ? 3.830   -5.661  -5.825  1.00 57.72  ? 80  VAL A C   1 
ATOM   403  O O   . VAL A 1 54  ? 3.421   -4.666  -6.428  1.00 62.56  ? 80  VAL A O   1 
ATOM   404  C CB  . VAL A 1 54  ? 2.985   -4.971  -3.545  1.00 52.68  ? 80  VAL A CB  1 
ATOM   405  C CG1 . VAL A 1 54  ? 1.755   -5.845  -3.696  1.00 57.65  ? 80  VAL A CG1 1 
ATOM   406  C CG2 . VAL A 1 54  ? 3.363   -4.809  -2.066  1.00 47.50  ? 80  VAL A CG2 1 
ATOM   407  N N   . PRO A 1 55  ? 3.988   -6.843  -6.449  1.00 59.13  ? 81  PRO A N   1 
ATOM   408  C CA  . PRO A 1 55  ? 3.698   -7.000  -7.880  1.00 57.14  ? 81  PRO A CA  1 
ATOM   409  C C   . PRO A 1 55  ? 2.209   -7.002  -8.157  1.00 59.45  ? 81  PRO A C   1 
ATOM   410  O O   . PRO A 1 55  ? 1.538   -8.001  -7.911  1.00 60.04  ? 81  PRO A O   1 
ATOM   411  C CB  . PRO A 1 55  ? 4.341   -8.348  -8.221  1.00 60.06  ? 81  PRO A CB  1 
ATOM   412  C CG  . PRO A 1 55  ? 5.200   -8.707  -6.973  1.00 55.27  ? 81  PRO A CG  1 
ATOM   413  C CD  . PRO A 1 55  ? 4.402   -8.126  -5.860  1.00 55.36  ? 81  PRO A CD  1 
ATOM   414  N N   . ALA A 1 56  ? 1.682   -5.895  -8.667  1.00 60.95  ? 82  ALA A N   1 
ATOM   415  C CA  . ALA A 1 56  ? 0.251   -5.843  -8.938  1.00 60.08  ? 82  ALA A CA  1 
ATOM   416  C C   . ALA A 1 56  ? -0.165  -4.939  -10.094 1.00 62.02  ? 82  ALA A C   1 
ATOM   417  O O   . ALA A 1 56  ? 0.562   -4.028  -10.494 1.00 63.84  ? 82  ALA A O   1 
ATOM   418  C CB  . ALA A 1 56  ? -0.504  -5.440  -7.665  1.00 57.81  ? 82  ALA A CB  1 
ATOM   419  N N   . LEU A 1 57  ? -1.345  -5.235  -10.631 1.00 65.64  ? 83  LEU A N   1 
ATOM   420  C CA  . LEU A 1 57  ? -1.955  -4.465  -11.704 1.00 65.16  ? 83  LEU A CA  1 
ATOM   421  C C   . LEU A 1 57  ? -3.304  -4.028  -11.148 1.00 63.38  ? 83  LEU A C   1 
ATOM   422  O O   . LEU A 1 57  ? -3.736  -4.538  -10.115 1.00 66.35  ? 83  LEU A O   1 
ATOM   423  C CB  . LEU A 1 57  ? -2.120  -5.321  -12.963 1.00 62.80  ? 83  LEU A CB  1 
ATOM   424  C CG  . LEU A 1 57  ? -0.942  -5.242  -13.958 1.00 69.74  ? 83  LEU A CG  1 
ATOM   425  C CD1 . LEU A 1 57  ? -0.991  -6.430  -14.906 1.00 67.48  ? 83  LEU A CD1 1 
ATOM   426  C CD2 . LEU A 1 57  ? -0.982  -3.912  -14.739 1.00 69.09  ? 83  LEU A CD2 1 
ATOM   427  N N   . ASP A 1 58  ? -3.966  -3.085  -11.808 1.00 61.91  ? 84  ASP A N   1 
ATOM   428  C CA  . ASP A 1 58  ? -5.244  -2.606  -11.310 1.00 63.92  ? 84  ASP A CA  1 
ATOM   429  C C   . ASP A 1 58  ? -6.422  -3.538  -11.611 1.00 67.79  ? 84  ASP A C   1 
ATOM   430  O O   . ASP A 1 58  ? -7.573  -3.184  -11.355 1.00 72.51  ? 84  ASP A O   1 
ATOM   431  C CB  . ASP A 1 58  ? -5.515  -1.204  -11.858 1.00 59.97  ? 84  ASP A CB  1 
ATOM   432  C CG  . ASP A 1 58  ? -6.514  -0.435  -11.020 1.00 62.47  ? 84  ASP A CG  1 
ATOM   433  O OD1 . ASP A 1 58  ? -6.861  -0.904  -9.914  1.00 61.26  ? 84  ASP A OD1 1 
ATOM   434  O OD2 . ASP A 1 58  ? -6.943  0.649   -11.461 1.00 71.81  ? 84  ASP A OD2 1 
ATOM   435  N N   . LYS A 1 59  ? -6.129  -4.729  -12.134 1.00 65.61  ? 85  LYS A N   1 
ATOM   436  C CA  . LYS A 1 59  ? -7.149  -5.738  -12.473 1.00 66.43  ? 85  LYS A CA  1 
ATOM   437  C C   . LYS A 1 59  ? -7.778  -6.351  -11.208 1.00 69.09  ? 85  LYS A C   1 
ATOM   438  O O   . LYS A 1 59  ? -7.078  -6.581  -10.212 1.00 66.63  ? 85  LYS A O   1 
ATOM   439  C CB  . LYS A 1 59  ? -6.507  -6.850  -13.326 1.00 64.50  ? 85  LYS A CB  1 
ATOM   440  C CG  . LYS A 1 59  ? -7.481  -7.643  -14.201 1.00 75.03  ? 85  LYS A CG  1 
ATOM   441  C CD  . LYS A 1 59  ? -8.014  -8.931  -13.553 1.00 76.46  ? 85  LYS A CD  1 
ATOM   442  C CE  . LYS A 1 59  ? -6.984  -10.049 -13.613 1.00 64.18  ? 85  LYS A CE  1 
ATOM   443  N NZ  . LYS A 1 59  ? -7.641  -11.386 -13.629 1.00 64.91  ? 85  LYS A NZ  1 
ATOM   444  N N   . PRO A 1 60  ? -9.098  -6.647  -11.234 1.00 72.47  ? 86  PRO A N   1 
ATOM   445  C CA  . PRO A 1 60  ? -9.727  -7.228  -10.040 1.00 72.32  ? 86  PRO A CA  1 
ATOM   446  C C   . PRO A 1 60  ? -9.255  -8.613  -9.577  1.00 69.79  ? 86  PRO A C   1 
ATOM   447  O O   . PRO A 1 60  ? -9.513  -8.976  -8.429  1.00 67.52  ? 86  PRO A O   1 
ATOM   448  C CB  . PRO A 1 60  ? -11.221 -7.200  -10.382 1.00 67.23  ? 86  PRO A CB  1 
ATOM   449  C CG  . PRO A 1 60  ? -11.214 -7.410  -11.857 1.00 67.11  ? 86  PRO A CG  1 
ATOM   450  C CD  . PRO A 1 60  ? -10.091 -6.496  -12.315 1.00 64.94  ? 86  PRO A CD  1 
ATOM   451  N N   . GLU A 1 61  ? -8.601  -9.390  -10.443 1.00 67.57  ? 87  GLU A N   1 
ATOM   452  C CA  . GLU A 1 61  ? -8.133  -10.702 -10.011 1.00 68.26  ? 87  GLU A CA  1 
ATOM   453  C C   . GLU A 1 61  ? -6.638  -10.715 -9.741  1.00 70.34  ? 87  GLU A C   1 
ATOM   454  O O   . GLU A 1 61  ? -5.947  -11.718 -9.972  1.00 73.02  ? 87  GLU A O   1 
ATOM   455  C CB  . GLU A 1 61  ? -8.503  -11.809 -11.006 1.00 71.42  ? 87  GLU A CB  1 
ATOM   456  C CG  . GLU A 1 61  ? -8.084  -13.225 -10.529 1.00 73.60  ? 87  GLU A CG  1 
ATOM   457  C CD  . GLU A 1 61  ? -9.202  -14.265 -10.625 1.00 77.88  ? 87  GLU A CD  1 
ATOM   458  O OE1 . GLU A 1 61  ? -10.353 -13.919 -10.265 1.00 80.81  ? 87  GLU A OE1 1 
ATOM   459  O OE2 . GLU A 1 61  ? -8.931  -15.424 -11.042 1.00 74.78  ? 87  GLU A OE2 1 
ATOM   460  N N   . THR A 1 62  ? -6.147  -9.581  -9.250  1.00 67.75  ? 88  THR A N   1 
ATOM   461  C CA  . THR A 1 62  ? -4.746  -9.450  -8.872  1.00 67.04  ? 88  THR A CA  1 
ATOM   462  C C   . THR A 1 62  ? -4.705  -9.813  -7.384  1.00 61.83  ? 88  THR A C   1 
ATOM   463  O O   . THR A 1 62  ? -5.469  -9.285  -6.580  1.00 58.18  ? 88  THR A O   1 
ATOM   464  C CB  . THR A 1 62  ? -4.213  -7.999  -9.086  1.00 64.13  ? 88  THR A CB  1 
ATOM   465  O OG1 . THR A 1 62  ? -3.826  -7.821  -10.455 1.00 60.83  ? 88  THR A OG1 1 
ATOM   466  C CG2 . THR A 1 62  ? -3.004  -7.721  -8.201  1.00 61.13  ? 88  THR A CG2 1 
ATOM   467  N N   . ASP A 1 63  ? -3.834  -10.746 -7.027  1.00 60.88  ? 89  ASP A N   1 
ATOM   468  C CA  . ASP A 1 63  ? -3.724  -11.164 -5.642  1.00 59.98  ? 89  ASP A CA  1 
ATOM   469  C C   . ASP A 1 63  ? -3.002  -10.114 -4.817  1.00 62.53  ? 89  ASP A C   1 
ATOM   470  O O   . ASP A 1 63  ? -1.798  -9.906  -4.949  1.00 68.64  ? 89  ASP A O   1 
ATOM   471  C CB  . ASP A 1 63  ? -2.984  -12.502 -5.547  1.00 57.57  ? 89  ASP A CB  1 
ATOM   472  C CG  . ASP A 1 63  ? -2.701  -12.910 -4.111  1.00 57.21  ? 89  ASP A CG  1 
ATOM   473  O OD1 . ASP A 1 63  ? -3.551  -12.630 -3.238  1.00 57.50  ? 89  ASP A OD1 1 
ATOM   474  O OD2 . ASP A 1 63  ? -1.638  -13.519 -3.869  1.00 58.95  ? 89  ASP A OD2 1 
ATOM   475  N N   . LEU A 1 64  ? -3.742  -9.435  -3.964  1.00 58.99  ? 90  LEU A N   1 
ATOM   476  C CA  . LEU A 1 64  ? -3.121  -8.430  -3.132  1.00 55.93  ? 90  LEU A CA  1 
ATOM   477  C C   . LEU A 1 64  ? -3.178  -8.971  -1.715  1.00 55.88  ? 90  LEU A C   1 
ATOM   478  O O   . LEU A 1 64  ? -2.326  -8.678  -0.886  1.00 54.50  ? 90  LEU A O   1 
ATOM   479  C CB  . LEU A 1 64  ? -3.899  -7.123  -3.218  1.00 63.23  ? 90  LEU A CB  1 
ATOM   480  C CG  . LEU A 1 64  ? -3.055  -5.871  -3.441  1.00 65.12  ? 90  LEU A CG  1 
ATOM   481  C CD1 . LEU A 1 64  ? -2.844  -5.660  -4.936  1.00 59.07  ? 90  LEU A CD1 1 
ATOM   482  C CD2 . LEU A 1 64  ? -3.755  -4.671  -2.831  1.00 63.25  ? 90  LEU A CD2 1 
ATOM   483  N N   . LEU A 1 65  ? -4.197  -9.778  -1.460  1.00 58.23  ? 91  LEU A N   1 
ATOM   484  C CA  . LEU A 1 65  ? -4.413  -10.364 -0.153  1.00 60.82  ? 91  LEU A CA  1 
ATOM   485  C C   . LEU A 1 65  ? -3.150  -11.042 0.369   1.00 57.44  ? 91  LEU A C   1 
ATOM   486  O O   . LEU A 1 65  ? -2.886  -11.054 1.571   1.00 52.23  ? 91  LEU A O   1 
ATOM   487  C CB  . LEU A 1 65  ? -5.562  -11.364 -0.253  1.00 56.63  ? 91  LEU A CB  1 
ATOM   488  C CG  . LEU A 1 65  ? -6.377  -11.698 0.995   1.00 57.39  ? 91  LEU A CG  1 
ATOM   489  C CD1 . LEU A 1 65  ? -7.667  -12.360 0.581   1.00 64.04  ? 91  LEU A CD1 1 
ATOM   490  C CD2 . LEU A 1 65  ? -5.590  -12.598 1.921   1.00 58.36  ? 91  LEU A CD2 1 
ATOM   491  N N   . SER A 1 66  ? -2.355  -11.588 -0.537  1.00 57.38  ? 92  SER A N   1 
ATOM   492  C CA  . SER A 1 66  ? -1.147  -12.273 -0.131  1.00 62.16  ? 92  SER A CA  1 
ATOM   493  C C   . SER A 1 66  ? 0.019   -11.351 0.158   1.00 63.75  ? 92  SER A C   1 
ATOM   494  O O   . SER A 1 66  ? 1.101   -11.823 0.493   1.00 68.77  ? 92  SER A O   1 
ATOM   495  C CB  . SER A 1 66  ? -0.747  -13.276 -1.198  1.00 62.37  ? 92  SER A CB  1 
ATOM   496  O OG  . SER A 1 66  ? -1.849  -14.101 -1.507  1.00 59.22  ? 92  SER A OG  1 
ATOM   497  N N   . HIS A 1 67  ? -0.190  -10.042 0.029   1.00 62.83  ? 93  HIS A N   1 
ATOM   498  C CA  . HIS A 1 67  ? 0.870   -9.054  0.280   1.00 59.14  ? 93  HIS A CA  1 
ATOM   499  C C   . HIS A 1 67  ? 0.480   -8.073  1.388   1.00 55.19  ? 93  HIS A C   1 
ATOM   500  O O   . HIS A 1 67  ? 1.312   -7.322  1.887   1.00 57.89  ? 93  HIS A O   1 
ATOM   501  C CB  . HIS A 1 67  ? 1.177   -8.240  -0.991  1.00 56.27  ? 93  HIS A CB  1 
ATOM   502  C CG  . HIS A 1 67  ? 1.613   -9.064  -2.166  1.00 59.79  ? 93  HIS A CG  1 
ATOM   503  N ND1 . HIS A 1 67  ? 2.748   -9.846  -2.152  1.00 58.98  ? 93  HIS A ND1 1 
ATOM   504  C CD2 . HIS A 1 67  ? 1.077   -9.201  -3.403  1.00 62.52  ? 93  HIS A CD2 1 
ATOM   505  C CE1 . HIS A 1 67  ? 2.892   -10.428 -3.328  1.00 66.40  ? 93  HIS A CE1 1 
ATOM   506  N NE2 . HIS A 1 67  ? 1.893   -10.053 -4.107  1.00 66.65  ? 93  HIS A NE2 1 
ATOM   507  N N   . LEU A 1 68  ? -0.794  -8.081  1.756   1.00 55.94  ? 94  LEU A N   1 
ATOM   508  C CA  . LEU A 1 68  ? -1.303  -7.192  2.781   1.00 55.79  ? 94  LEU A CA  1 
ATOM   509  C C   . LEU A 1 68  ? -0.547  -7.261  4.095   1.00 55.44  ? 94  LEU A C   1 
ATOM   510  O O   . LEU A 1 68  ? -0.290  -6.245  4.732   1.00 56.96  ? 94  LEU A O   1 
ATOM   511  C CB  . LEU A 1 68  ? -2.771  -7.492  3.040   1.00 56.27  ? 94  LEU A CB  1 
ATOM   512  C CG  . LEU A 1 68  ? -3.714  -7.157  1.897   1.00 54.15  ? 94  LEU A CG  1 
ATOM   513  C CD1 . LEU A 1 68  ? -5.149  -7.321  2.355   1.00 57.18  ? 94  LEU A CD1 1 
ATOM   514  C CD2 . LEU A 1 68  ? -3.454  -5.733  1.454   1.00 52.92  ? 94  LEU A CD2 1 
ATOM   515  N N   . ASP A 1 69  ? -0.202  -8.461  4.523   1.00 52.51  ? 95  ASP A N   1 
ATOM   516  C CA  . ASP A 1 69  ? 0.512   -8.581  5.776   1.00 60.67  ? 95  ASP A CA  1 
ATOM   517  C C   . ASP A 1 69  ? 1.888   -7.940  5.687   1.00 63.07  ? 95  ASP A C   1 
ATOM   518  O O   . ASP A 1 69  ? 2.255   -7.113  6.528   1.00 62.25  ? 95  ASP A O   1 
ATOM   519  C CB  . ASP A 1 69  ? 0.636   -10.050 6.164   1.00 67.36  ? 95  ASP A CB  1 
ATOM   520  C CG  . ASP A 1 69  ? -0.433  -10.483 7.152   1.00 70.88  ? 95  ASP A CG  1 
ATOM   521  O OD1 . ASP A 1 69  ? -0.712  -11.700 7.226   1.00 71.03  ? 95  ASP A OD1 1 
ATOM   522  O OD2 . ASP A 1 69  ? -0.982  -9.606  7.860   1.00 68.08  ? 95  ASP A OD2 1 
ATOM   523  N N   . ARG A 1 70  ? 2.633   -8.332  4.654   1.00 63.76  ? 96  ARG A N   1 
ATOM   524  C CA  . ARG A 1 70  ? 3.985   -7.844  4.395   1.00 57.33  ? 96  ARG A CA  1 
ATOM   525  C C   . ARG A 1 70  ? 4.036   -6.328  4.141   1.00 60.64  ? 96  ARG A C   1 
ATOM   526  O O   . ARG A 1 70  ? 4.931   -5.642  4.636   1.00 64.70  ? 96  ARG A O   1 
ATOM   527  C CB  . ARG A 1 70  ? 4.560   -8.591  3.190   1.00 56.59  ? 96  ARG A CB  1 
ATOM   528  C CG  . ARG A 1 70  ? 5.914   -9.258  3.399   1.00 69.41  ? 96  ARG A CG  1 
ATOM   529  C CD  . ARG A 1 70  ? 7.074   -8.268  3.385   1.00 71.88  ? 96  ARG A CD  1 
ATOM   530  N NE  . ARG A 1 70  ? 8.306   -8.906  2.915   1.00 85.36  ? 96  ARG A NE  1 
ATOM   531  C CZ  . ARG A 1 70  ? 9.465   -8.277  2.725   1.00 84.34  ? 96  ARG A CZ  1 
ATOM   532  N NH1 . ARG A 1 70  ? 9.579   -6.975  2.966   1.00 81.02  ? 96  ARG A NH1 1 
ATOM   533  N NH2 . ARG A 1 70  ? 10.513  -8.953  2.270   1.00 80.60  ? 96  ARG A NH2 1 
ATOM   534  N N   . ALA A 1 71  ? 3.078   -5.806  3.376   1.00 58.58  ? 97  ALA A N   1 
ATOM   535  C CA  . ALA A 1 71  ? 3.050   -4.377  3.060   1.00 55.60  ? 97  ALA A CA  1 
ATOM   536  C C   . ALA A 1 71  ? 2.787   -3.530  4.294   1.00 55.79  ? 97  ALA A C   1 
ATOM   537  O O   . ALA A 1 71  ? 3.311   -2.425  4.427   1.00 56.21  ? 97  ALA A O   1 
ATOM   538  C CB  . ALA A 1 71  ? 1.994   -4.093  2.000   1.00 52.24  ? 97  ALA A CB  1 
ATOM   539  N N   . VAL A 1 72  ? 1.967   -4.061  5.193   1.00 57.14  ? 98  VAL A N   1 
ATOM   540  C CA  . VAL A 1 72  ? 1.607   -3.375  6.427   1.00 56.19  ? 98  VAL A CA  1 
ATOM   541  C C   . VAL A 1 72  ? 2.758   -3.381  7.422   1.00 54.80  ? 98  VAL A C   1 
ATOM   542  O O   . VAL A 1 72  ? 2.994   -2.397  8.112   1.00 61.10  ? 98  VAL A O   1 
ATOM   543  C CB  . VAL A 1 72  ? 0.375   -4.034  7.069   1.00 63.05  ? 98  VAL A CB  1 
ATOM   544  C CG1 . VAL A 1 72  ? 0.182   -3.529  8.484   1.00 63.59  ? 98  VAL A CG1 1 
ATOM   545  C CG2 . VAL A 1 72  ? -0.850  -3.736  6.223   1.00 55.92  ? 98  VAL A CG2 1 
ATOM   546  N N   . ALA A 1 73  ? 3.475   -4.492  7.488   1.00 58.66  ? 99  ALA A N   1 
ATOM   547  C CA  . ALA A 1 73  ? 4.601   -4.596  8.396   1.00 56.60  ? 99  ALA A CA  1 
ATOM   548  C C   . ALA A 1 73  ? 5.723   -3.671  7.945   1.00 54.51  ? 99  ALA A C   1 
ATOM   549  O O   . ALA A 1 73  ? 6.416   -3.085  8.770   1.00 56.55  ? 99  ALA A O   1 
ATOM   550  C CB  . ALA A 1 73  ? 5.096   -6.037  8.454   1.00 56.31  ? 99  ALA A CB  1 
ATOM   551  N N   . PHE A 1 74  ? 5.892   -3.545  6.630   1.00 54.19  ? 100 PHE A N   1 
ATOM   552  C CA  . PHE A 1 74  ? 6.938   -2.703  6.052   1.00 52.60  ? 100 PHE A CA  1 
ATOM   553  C C   . PHE A 1 74  ? 6.721   -1.267  6.477   1.00 54.09  ? 100 PHE A C   1 
ATOM   554  O O   . PHE A 1 74  ? 7.635   -0.622  7.008   1.00 50.74  ? 100 PHE A O   1 
ATOM   555  C CB  . PHE A 1 74  ? 6.923   -2.822  4.519   1.00 52.29  ? 100 PHE A CB  1 
ATOM   556  C CG  . PHE A 1 74  ? 7.795   -1.815  3.815   1.00 51.91  ? 100 PHE A CG  1 
ATOM   557  C CD1 . PHE A 1 74  ? 7.285   -0.576  3.436   1.00 50.96  ? 100 PHE A CD1 1 
ATOM   558  C CD2 . PHE A 1 74  ? 9.139   -2.091  3.553   1.00 56.63  ? 100 PHE A CD2 1 
ATOM   559  C CE1 . PHE A 1 74  ? 8.099   0.380   2.809   1.00 52.14  ? 100 PHE A CE1 1 
ATOM   560  C CE2 . PHE A 1 74  ? 9.967   -1.138  2.924   1.00 52.25  ? 100 PHE A CE2 1 
ATOM   561  C CZ  . PHE A 1 74  ? 9.440   0.097   2.556   1.00 52.94  ? 100 PHE A CZ  1 
ATOM   562  N N   . ILE A 1 75  ? 5.500   -0.782  6.246   1.00 54.42  ? 101 ILE A N   1 
ATOM   563  C CA  . ILE A 1 75  ? 5.115   0.580   6.593   1.00 50.05  ? 101 ILE A CA  1 
ATOM   564  C C   . ILE A 1 75  ? 5.214   0.746   8.085   1.00 52.27  ? 101 ILE A C   1 
ATOM   565  O O   . ILE A 1 75  ? 5.597   1.803   8.572   1.00 61.02  ? 101 ILE A O   1 
ATOM   566  C CB  . ILE A 1 75  ? 3.675   0.884   6.183   1.00 54.74  ? 101 ILE A CB  1 
ATOM   567  C CG1 . ILE A 1 75  ? 3.528   0.753   4.666   1.00 55.52  ? 101 ILE A CG1 1 
ATOM   568  C CG2 . ILE A 1 75  ? 3.297   2.276   6.639   1.00 55.09  ? 101 ILE A CG2 1 
ATOM   569  C CD1 . ILE A 1 75  ? 2.136   0.998   4.172   1.00 52.14  ? 101 ILE A CD1 1 
ATOM   570  N N   . GLY A 1 76  ? 4.859   -0.308  8.809   1.00 53.68  ? 102 GLY A N   1 
ATOM   571  C CA  . GLY A 1 76  ? 4.941   -0.272  10.254  1.00 55.47  ? 102 GLY A CA  1 
ATOM   572  C C   . GLY A 1 76  ? 6.390   -0.144  10.692  1.00 59.19  ? 102 GLY A C   1 
ATOM   573  O O   . GLY A 1 76  ? 6.777   0.875   11.272  1.00 60.69  ? 102 GLY A O   1 
ATOM   574  N N   . GLN A 1 77  ? 7.197   -1.162  10.402  1.00 58.08  ? 103 GLN A N   1 
ATOM   575  C CA  . GLN A 1 77  ? 8.604   -1.151  10.789  1.00 56.58  ? 103 GLN A CA  1 
ATOM   576  C C   . GLN A 1 77  ? 9.280   0.136   10.324  1.00 63.54  ? 103 GLN A C   1 
ATOM   577  O O   . GLN A 1 77  ? 10.069  0.731   11.061  1.00 65.51  ? 103 GLN A O   1 
ATOM   578  C CB  . GLN A 1 77  ? 9.328   -2.365  10.200  1.00 59.58  ? 103 GLN A CB  1 
ATOM   579  C CG  . GLN A 1 77  ? 8.613   -3.688  10.452  1.00 64.58  ? 103 GLN A CG  1 
ATOM   580  C CD  . GLN A 1 77  ? 9.341   -4.891  9.865   1.00 70.07  ? 103 GLN A CD  1 
ATOM   581  O OE1 . GLN A 1 77  ? 9.671   -4.919  8.676   1.00 67.31  ? 103 GLN A OE1 1 
ATOM   582  N NE2 . GLN A 1 77  ? 9.584   -5.902  10.700  1.00 70.19  ? 103 GLN A NE2 1 
ATOM   583  N N   . ALA A 1 78  ? 8.963   0.560   9.102   1.00 60.31  ? 104 ALA A N   1 
ATOM   584  C CA  . ALA A 1 78  ? 9.528   1.781   8.537   1.00 59.67  ? 104 ALA A CA  1 
ATOM   585  C C   . ALA A 1 78  ? 9.377   2.934   9.522   1.00 64.57  ? 104 ALA A C   1 
ATOM   586  O O   . ALA A 1 78  ? 10.340  3.624   9.862   1.00 61.28  ? 104 ALA A O   1 
ATOM   587  C CB  . ALA A 1 78  ? 8.820   2.119   7.243   1.00 53.31  ? 104 ALA A CB  1 
ATOM   588  N N   . ARG A 1 79  ? 8.144   3.141   9.969   1.00 67.19  ? 105 ARG A N   1 
ATOM   589  C CA  . ARG A 1 79  ? 7.845   4.195   10.919  1.00 71.42  ? 105 ARG A CA  1 
ATOM   590  C C   . ARG A 1 79  ? 8.515   3.961   12.264  1.00 68.80  ? 105 ARG A C   1 
ATOM   591  O O   . ARG A 1 79  ? 9.017   4.900   12.875  1.00 73.29  ? 105 ARG A O   1 
ATOM   592  C CB  . ARG A 1 79  ? 6.340   4.311   11.118  1.00 67.70  ? 105 ARG A CB  1 
ATOM   593  C CG  . ARG A 1 79  ? 5.667   5.307   10.206  1.00 69.23  ? 105 ARG A CG  1 
ATOM   594  C CD  . ARG A 1 79  ? 4.170   5.183   10.370  1.00 75.17  ? 105 ARG A CD  1 
ATOM   595  N NE  . ARG A 1 79  ? 3.484   6.465   10.271  1.00 69.69  ? 105 ARG A NE  1 
ATOM   596  C CZ  . ARG A 1 79  ? 2.179   6.625   10.475  1.00 74.84  ? 105 ARG A CZ  1 
ATOM   597  N NH1 . ARG A 1 79  ? 1.412   5.583   10.788  1.00 63.08  ? 105 ARG A NH1 1 
ATOM   598  N NH2 . ARG A 1 79  ? 1.643   7.835   10.383  1.00 84.59  ? 105 ARG A NH2 1 
ATOM   599  N N   . ALA A 1 80  ? 8.520   2.717   12.733  1.00 64.47  ? 106 ALA A N   1 
ATOM   600  C CA  . ALA A 1 80  ? 9.147   2.408   14.013  1.00 64.89  ? 106 ALA A CA  1 
ATOM   601  C C   . ALA A 1 80  ? 10.658  2.683   13.953  1.00 74.06  ? 106 ALA A C   1 
ATOM   602  O O   . ALA A 1 80  ? 11.326  2.801   14.994  1.00 77.52  ? 106 ALA A O   1 
ATOM   603  C CB  . ALA A 1 80  ? 8.882   0.952   14.382  1.00 50.35  ? 106 ALA A CB  1 
ATOM   604  N N   . GLU A 1 81  ? 11.191  2.800   12.734  1.00 68.40  ? 107 GLU A N   1 
ATOM   605  C CA  . GLU A 1 81  ? 12.617  3.051   12.546  1.00 65.54  ? 107 GLU A CA  1 
ATOM   606  C C   . GLU A 1 81  ? 12.908  4.477   12.104  1.00 62.07  ? 107 GLU A C   1 
ATOM   607  O O   . GLU A 1 81  ? 14.034  4.797   11.716  1.00 62.33  ? 107 GLU A O   1 
ATOM   608  C CB  . GLU A 1 81  ? 13.211  2.066   11.542  1.00 66.58  ? 107 GLU A CB  1 
ATOM   609  C CG  . GLU A 1 81  ? 14.593  1.607   11.942  1.00 63.77  ? 107 GLU A CG  1 
ATOM   610  C CD  . GLU A 1 81  ? 14.915  0.227   11.423  1.00 61.30  ? 107 GLU A CD  1 
ATOM   611  O OE1 . GLU A 1 81  ? 14.010  -0.634  11.446  1.00 56.07  ? 107 GLU A OE1 1 
ATOM   612  O OE2 . GLU A 1 81  ? 16.073  -0.005  11.010  1.00 63.12  ? 107 GLU A OE2 1 
ATOM   613  N N   . GLY A 1 82  ? 11.887  5.328   12.143  1.00 65.82  ? 108 GLY A N   1 
ATOM   614  C CA  . GLY A 1 82  ? 12.093  6.721   11.821  1.00 61.10  ? 108 GLY A CA  1 
ATOM   615  C C   . GLY A 1 82  ? 11.470  7.369   10.609  1.00 62.98  ? 108 GLY A C   1 
ATOM   616  O O   . GLY A 1 82  ? 10.761  8.363   10.762  1.00 64.90  ? 108 GLY A O   1 
ATOM   617  N N   . ARG A 1 83  ? 11.724  6.812   9.420   1.00 67.37  ? 109 ARG A N   1 
ATOM   618  C CA  . ARG A 1 83  ? 11.281  7.391   8.134   1.00 64.61  ? 109 ARG A CA  1 
ATOM   619  C C   . ARG A 1 83  ? 9.829   7.564   7.709   1.00 66.93  ? 109 ARG A C   1 
ATOM   620  O O   . ARG A 1 83  ? 8.883   6.955   8.229   1.00 62.71  ? 109 ARG A O   1 
ATOM   621  C CB  . ARG A 1 83  ? 11.955  6.684   6.964   1.00 61.01  ? 109 ARG A CB  1 
ATOM   622  C CG  . ARG A 1 83  ? 13.379  6.326   7.171   1.00 57.47  ? 109 ARG A CG  1 
ATOM   623  C CD  . ARG A 1 83  ? 13.472  4.909   7.661   1.00 57.10  ? 109 ARG A CD  1 
ATOM   624  N NE  . ARG A 1 83  ? 14.555  4.203   6.992   1.00 61.09  ? 109 ARG A NE  1 
ATOM   625  C CZ  . ARG A 1 83  ? 15.795  4.667   6.889   1.00 62.07  ? 109 ARG A CZ  1 
ATOM   626  N NH1 . ARG A 1 83  ? 16.719  3.952   6.260   1.00 52.40  ? 109 ARG A NH1 1 
ATOM   627  N NH2 . ARG A 1 83  ? 16.108  5.850   7.410   1.00 72.56  ? 109 ARG A NH2 1 
ATOM   628  N N   . ALA A 1 84  ? 9.703   8.425   6.706   1.00 69.38  ? 110 ALA A N   1 
ATOM   629  C CA  . ALA A 1 84  ? 8.437   8.741   6.082   1.00 63.97  ? 110 ALA A CA  1 
ATOM   630  C C   . ALA A 1 84  ? 8.321   7.708   4.970   1.00 65.90  ? 110 ALA A C   1 
ATOM   631  O O   . ALA A 1 84  ? 9.255   7.507   4.189   1.00 62.33  ? 110 ALA A O   1 
ATOM   632  C CB  . ALA A 1 84  ? 8.461   10.151  5.500   1.00 58.65  ? 110 ALA A CB  1 
ATOM   633  N N   . VAL A 1 85  ? 7.177   7.038   4.931   1.00 70.31  ? 111 VAL A N   1 
ATOM   634  C CA  . VAL A 1 85  ? 6.905   6.004   3.945   1.00 63.13  ? 111 VAL A CA  1 
ATOM   635  C C   . VAL A 1 85  ? 6.012   6.580   2.859   1.00 62.43  ? 111 VAL A C   1 
ATOM   636  O O   . VAL A 1 85  ? 5.148   7.409   3.145   1.00 65.72  ? 111 VAL A O   1 
ATOM   637  C CB  . VAL A 1 85  ? 6.154   4.820   4.588   1.00 61.55  ? 111 VAL A CB  1 
ATOM   638  C CG1 . VAL A 1 85  ? 6.078   3.657   3.599   1.00 58.20  ? 111 VAL A CG1 1 
ATOM   639  C CG2 . VAL A 1 85  ? 6.830   4.413   5.903   1.00 60.22  ? 111 VAL A CG2 1 
ATOM   640  N N   . LEU A 1 86  ? 6.216   6.132   1.622   1.00 57.31  ? 112 LEU A N   1 
ATOM   641  C CA  . LEU A 1 86  ? 5.418   6.577   0.484   1.00 53.38  ? 112 LEU A CA  1 
ATOM   642  C C   . LEU A 1 86  ? 4.887   5.338   -0.234  1.00 59.64  ? 112 LEU A C   1 
ATOM   643  O O   . LEU A 1 86  ? 5.660   4.608   -0.845  1.00 57.96  ? 112 LEU A O   1 
ATOM   644  C CB  . LEU A 1 86  ? 6.287   7.368   -0.498  1.00 54.48  ? 112 LEU A CB  1 
ATOM   645  C CG  . LEU A 1 86  ? 5.668   8.044   -1.742  1.00 59.09  ? 112 LEU A CG  1 
ATOM   646  C CD1 . LEU A 1 86  ? 6.782   8.281   -2.743  1.00 62.59  ? 112 LEU A CD1 1 
ATOM   647  C CD2 . LEU A 1 86  ? 4.597   7.201   -2.403  1.00 61.74  ? 112 LEU A CD2 1 
ATOM   648  N N   . VAL A 1 87  ? 3.583   5.094   -0.156  1.00 58.71  ? 113 VAL A N   1 
ATOM   649  C CA  . VAL A 1 87  ? 2.986   3.963   -0.855  1.00 51.32  ? 113 VAL A CA  1 
ATOM   650  C C   . VAL A 1 87  ? 2.511   4.508   -2.208  1.00 56.19  ? 113 VAL A C   1 
ATOM   651  O O   . VAL A 1 87  ? 1.629   5.360   -2.240  1.00 57.76  ? 113 VAL A O   1 
ATOM   652  C CB  . VAL A 1 87  ? 1.777   3.408   -0.075  1.00 51.94  ? 113 VAL A CB  1 
ATOM   653  C CG1 . VAL A 1 87  ? 1.343   2.065   -0.657  1.00 61.68  ? 113 VAL A CG1 1 
ATOM   654  C CG2 . VAL A 1 87  ? 2.112   3.276   1.387   1.00 49.14  ? 113 VAL A CG2 1 
ATOM   655  N N   . HIS A 1 88  ? 3.087   4.041   -3.320  1.00 57.48  ? 114 HIS A N   1 
ATOM   656  C CA  . HIS A 1 88  ? 2.695   4.575   -4.640  1.00 60.39  ? 114 HIS A CA  1 
ATOM   657  C C   . HIS A 1 88  ? 2.437   3.568   -5.771  1.00 69.48  ? 114 HIS A C   1 
ATOM   658  O O   . HIS A 1 88  ? 2.673   2.372   -5.622  1.00 67.10  ? 114 HIS A O   1 
ATOM   659  C CB  . HIS A 1 88  ? 3.755   5.576   -5.114  1.00 61.21  ? 114 HIS A CB  1 
ATOM   660  C CG  . HIS A 1 88  ? 4.883   4.950   -5.874  1.00 60.98  ? 114 HIS A CG  1 
ATOM   661  N ND1 . HIS A 1 88  ? 4.968   4.991   -7.251  1.00 63.66  ? 114 HIS A ND1 1 
ATOM   662  C CD2 . HIS A 1 88  ? 5.966   4.253   -5.453  1.00 57.49  ? 114 HIS A CD2 1 
ATOM   663  C CE1 . HIS A 1 88  ? 6.054   4.349   -7.645  1.00 61.36  ? 114 HIS A CE1 1 
ATOM   664  N NE2 . HIS A 1 88  ? 6.677   3.891   -6.572  1.00 58.44  ? 114 HIS A NE2 1 
ATOM   665  N N   . SER A 1 89  ? 1.966   4.080   -6.910  1.00 68.56  ? 115 SER A N   1 
ATOM   666  C CA  . SER A 1 89  ? 1.663   3.259   -8.088  1.00 66.95  ? 115 SER A CA  1 
ATOM   667  C C   . SER A 1 89  ? 1.422   4.200   -9.271  1.00 70.30  ? 115 SER A C   1 
ATOM   668  O O   . SER A 1 89  ? 1.301   5.405   -9.079  1.00 70.14  ? 115 SER A O   1 
ATOM   669  C CB  . SER A 1 89  ? 0.395   2.464   -7.849  1.00 21.97  ? 115 SER A CB  1 
ATOM   670  O OG  . SER A 1 89  ? -0.705  3.373   -7.722  1.00 21.97  ? 115 SER A OG  1 
ATOM   671  N N   . HIS A 1 90  ? 1.321   3.668   -10.483 1.00 64.66  ? 116 HIS A N   1 
ATOM   672  C CA  . HIS A 1 90  ? 1.105   4.520   -11.648 1.00 68.85  ? 116 HIS A CA  1 
ATOM   673  C C   . HIS A 1 90  ? 0.091   5.667   -11.481 1.00 68.20  ? 116 HIS A C   1 
ATOM   674  O O   . HIS A 1 90  ? 0.222   6.692   -12.141 1.00 68.05  ? 116 HIS A O   1 
ATOM   675  C CB  . HIS A 1 90  ? 0.719   3.652   -12.847 1.00 75.43  ? 116 HIS A CB  1 
ATOM   676  C CG  . HIS A 1 90  ? 1.102   4.239   -14.176 1.00 80.28  ? 116 HIS A CG  1 
ATOM   677  N ND1 . HIS A 1 90  ? 0.405   5.273   -14.768 1.00 74.35  ? 116 HIS A ND1 1 
ATOM   678  C CD2 . HIS A 1 90  ? 2.139   3.963   -15.005 1.00 77.06  ? 116 HIS A CD2 1 
ATOM   679  C CE1 . HIS A 1 90  ? 0.998   5.609   -15.900 1.00 79.28  ? 116 HIS A CE1 1 
ATOM   680  N NE2 . HIS A 1 90  ? 2.051   4.830   -16.067 1.00 78.46  ? 116 HIS A NE2 1 
ATOM   681  N N   . ALA A 1 91  ? -0.926  5.520   -10.638 1.00 66.59  ? 117 ALA A N   1 
ATOM   682  C CA  . ALA A 1 91  ? -1.883  6.623   -10.474 1.00 66.55  ? 117 ALA A CA  1 
ATOM   683  C C   . ALA A 1 91  ? -2.457  6.794   -9.059  1.00 67.07  ? 117 ALA A C   1 
ATOM   684  O O   . ALA A 1 91  ? -3.467  7.484   -8.867  1.00 65.06  ? 117 ALA A O   1 
ATOM   685  C CB  . ALA A 1 91  ? -3.017  6.488   -11.483 1.00 63.59  ? 117 ALA A CB  1 
ATOM   686  N N   . GLY A 1 92  ? -1.797  6.181   -8.076  1.00 68.41  ? 118 GLY A N   1 
ATOM   687  C CA  . GLY A 1 92  ? -2.221  6.272   -6.687  1.00 69.67  ? 118 GLY A CA  1 
ATOM   688  C C   . GLY A 1 92  ? -3.706  6.471   -6.477  1.00 68.82  ? 118 GLY A C   1 
ATOM   689  O O   . GLY A 1 92  ? -4.127  7.420   -5.827  1.00 64.70  ? 118 GLY A O   1 
ATOM   690  N N   . VAL A 1 93  ? -4.503  5.571   -7.038  1.00 73.91  ? 119 VAL A N   1 
ATOM   691  C CA  . VAL A 1 93  ? -5.950  5.647   -6.912  1.00 76.09  ? 119 VAL A CA  1 
ATOM   692  C C   . VAL A 1 93  ? -6.561  4.312   -6.487  1.00 73.34  ? 119 VAL A C   1 
ATOM   693  O O   . VAL A 1 93  ? -7.523  4.287   -5.720  1.00 73.77  ? 119 VAL A O   1 
ATOM   694  C CB  . VAL A 1 93  ? -6.592  6.106   -8.240  1.00 78.26  ? 119 VAL A CB  1 
ATOM   695  C CG1 . VAL A 1 93  ? -8.101  5.871   -8.206  1.00 80.49  ? 119 VAL A CG1 1 
ATOM   696  C CG2 . VAL A 1 93  ? -6.298  7.585   -8.465  1.00 73.76  ? 119 VAL A CG2 1 
ATOM   697  N N   . SER A 1 94  ? -5.997  3.213   -6.981  1.00 69.92  ? 120 SER A N   1 
ATOM   698  C CA  . SER A 1 94  ? -6.494  1.881   -6.656  1.00 65.46  ? 120 SER A CA  1 
ATOM   699  C C   . SER A 1 94  ? -5.434  1.062   -5.926  1.00 64.88  ? 120 SER A C   1 
ATOM   700  O O   . SER A 1 94  ? -5.534  0.848   -4.709  1.00 58.95  ? 120 SER A O   1 
ATOM   701  C CB  . SER A 1 94  ? -6.912  1.155   -7.933  1.00 61.08  ? 120 SER A CB  1 
ATOM   702  O OG  . SER A 1 94  ? -7.559  -0.067  -7.642  1.00 61.67  ? 120 SER A OG  1 
ATOM   703  N N   . ARG A 1 95  ? -4.425  0.601   -6.669  1.00 64.28  ? 121 ARG A N   1 
ATOM   704  C CA  . ARG A 1 95  ? -3.331  -0.191  -6.097  1.00 64.04  ? 121 ARG A CA  1 
ATOM   705  C C   . ARG A 1 95  ? -2.854  0.423   -4.774  1.00 66.24  ? 121 ARG A C   1 
ATOM   706  O O   . ARG A 1 95  ? -2.967  -0.190  -3.707  1.00 69.78  ? 121 ARG A O   1 
ATOM   707  C CB  . ARG A 1 95  ? -2.162  -0.248  -7.078  1.00 64.27  ? 121 ARG A CB  1 
ATOM   708  C CG  . ARG A 1 95  ? -2.414  -1.014  -8.365  1.00 63.49  ? 121 ARG A CG  1 
ATOM   709  C CD  . ARG A 1 95  ? -1.580  -0.377  -9.479  1.00 63.78  ? 121 ARG A CD  1 
ATOM   710  N NE  . ARG A 1 95  ? -1.452  -1.181  -10.695 1.00 64.80  ? 121 ARG A NE  1 
ATOM   711  C CZ  . ARG A 1 95  ? -0.857  -0.748  -11.806 1.00 66.48  ? 121 ARG A CZ  1 
ATOM   712  N NH1 . ARG A 1 95  ? -0.350  0.477   -11.844 1.00 69.86  ? 121 ARG A NH1 1 
ATOM   713  N NH2 . ARG A 1 95  ? -0.755  -1.531  -12.874 1.00 66.61  ? 121 ARG A NH2 1 
ATOM   714  N N   . SER A 1 96  ? -2.320  1.639   -4.871  1.00 62.52  ? 122 SER A N   1 
ATOM   715  C CA  . SER A 1 96  ? -1.835  2.401   -3.728  1.00 63.72  ? 122 SER A CA  1 
ATOM   716  C C   . SER A 1 96  ? -2.884  2.450   -2.612  1.00 65.50  ? 122 SER A C   1 
ATOM   717  O O   . SER A 1 96  ? -2.678  1.900   -1.524  1.00 63.78  ? 122 SER A O   1 
ATOM   718  C CB  . SER A 1 96  ? -1.528  3.809   -4.191  1.00 64.55  ? 122 SER A CB  1 
ATOM   719  O OG  . SER A 1 96  ? -1.018  3.759   -5.504  1.00 62.99  ? 122 SER A OG  1 
ATOM   720  N N   . VAL A 1 97  ? -4.002  3.123   -2.897  1.00 64.45  ? 123 VAL A N   1 
ATOM   721  C CA  . VAL A 1 97  ? -5.119  3.261   -1.956  1.00 63.05  ? 123 VAL A CA  1 
ATOM   722  C C   . VAL A 1 97  ? -5.421  1.930   -1.291  1.00 65.84  ? 123 VAL A C   1 
ATOM   723  O O   . VAL A 1 97  ? -5.452  1.819   -0.058  1.00 64.84  ? 123 VAL A O   1 
ATOM   724  C CB  . VAL A 1 97  ? -6.418  3.718   -2.667  1.00 69.37  ? 123 VAL A CB  1 
ATOM   725  C CG1 . VAL A 1 97  ? -7.575  3.719   -1.677  1.00 68.10  ? 123 VAL A CG1 1 
ATOM   726  C CG2 . VAL A 1 97  ? -6.233  5.105   -3.272  1.00 69.76  ? 123 VAL A CG2 1 
ATOM   727  N N   . ALA A 1 98  ? -5.654  0.930   -2.136  1.00 58.58  ? 124 ALA A N   1 
ATOM   728  C CA  . ALA A 1 98  ? -5.961  -0.424  -1.697  1.00 57.02  ? 124 ALA A CA  1 
ATOM   729  C C   . ALA A 1 98  ? -5.157  -0.787  -0.446  1.00 59.70  ? 124 ALA A C   1 
ATOM   730  O O   . ALA A 1 98  ? -5.718  -1.172  0.580   1.00 55.37  ? 124 ALA A O   1 
ATOM   731  C CB  . ALA A 1 98  ? -5.660  -1.410  -2.838  1.00 58.49  ? 124 ALA A CB  1 
ATOM   732  N N   . ILE A 1 99  ? -3.839  -0.639  -0.538  1.00 65.06  ? 125 ILE A N   1 
ATOM   733  C CA  . ILE A 1 99  ? -2.954  -0.967  0.565   1.00 61.04  ? 125 ILE A CA  1 
ATOM   734  C C   . ILE A 1 99  ? -2.951  0.075   1.653   1.00 61.33  ? 125 ILE A C   1 
ATOM   735  O O   . ILE A 1 99  ? -2.813  -0.257  2.829   1.00 56.28  ? 125 ILE A O   1 
ATOM   736  C CB  . ILE A 1 99  ? -1.531  -1.159  0.070   1.00 60.40  ? 125 ILE A CB  1 
ATOM   737  C CG1 . ILE A 1 99  ? -1.521  -2.275  -0.973  1.00 62.16  ? 125 ILE A CG1 1 
ATOM   738  C CG2 . ILE A 1 99  ? -0.613  -1.498  1.237   1.00 55.76  ? 125 ILE A CG2 1 
ATOM   739  C CD1 . ILE A 1 99  ? -0.200  -2.500  -1.598  1.00 68.01  ? 125 ILE A CD1 1 
ATOM   740  N N   . ILE A 1 100 ? -3.084  1.340   1.269   1.00 63.17  ? 126 ILE A N   1 
ATOM   741  C CA  . ILE A 1 100 ? -3.114  2.405   2.264   1.00 64.23  ? 126 ILE A CA  1 
ATOM   742  C C   . ILE A 1 100 ? -4.237  2.059   3.214   1.00 64.55  ? 126 ILE A C   1 
ATOM   743  O O   . ILE A 1 100 ? -4.080  2.089   4.440   1.00 66.34  ? 126 ILE A O   1 
ATOM   744  C CB  . ILE A 1 100 ? -3.421  3.774   1.642   1.00 61.92  ? 126 ILE A CB  1 
ATOM   745  C CG1 . ILE A 1 100 ? -2.244  4.240   0.793   1.00 65.22  ? 126 ILE A CG1 1 
ATOM   746  C CG2 . ILE A 1 100 ? -3.664  4.797   2.743   1.00 60.14  ? 126 ILE A CG2 1 
ATOM   747  C CD1 . ILE A 1 100 ? -0.987  4.514   1.607   1.00 61.29  ? 126 ILE A CD1 1 
ATOM   748  N N   . THR A 1 101 ? -5.369  1.709   2.616   1.00 63.35  ? 127 THR A N   1 
ATOM   749  C CA  . THR A 1 101 ? -6.557  1.338   3.362   1.00 64.60  ? 127 THR A CA  1 
ATOM   750  C C   . THR A 1 101 ? -6.226  0.195   4.302   1.00 65.46  ? 127 THR A C   1 
ATOM   751  O O   . THR A 1 101 ? -6.478  0.263   5.506   1.00 67.18  ? 127 THR A O   1 
ATOM   752  C CB  . THR A 1 101 ? -7.670  0.852   2.428   1.00 64.57  ? 127 THR A CB  1 
ATOM   753  O OG1 . THR A 1 101 ? -7.834  1.772   1.334   1.00 65.12  ? 127 THR A OG1 1 
ATOM   754  C CG2 . THR A 1 101 ? -8.965  0.724   3.210   1.00 62.79  ? 127 THR A CG2 1 
ATOM   755  N N   . ALA A 1 102 ? -5.662  -0.855  3.717   1.00 63.81  ? 128 ALA A N   1 
ATOM   756  C CA  . ALA A 1 102 ? -5.282  -2.056  4.438   1.00 61.81  ? 128 ALA A CA  1 
ATOM   757  C C   . ALA A 1 102 ? -4.509  -1.730  5.696   1.00 65.29  ? 128 ALA A C   1 
ATOM   758  O O   . ALA A 1 102 ? -4.716  -2.365  6.737   1.00 65.07  ? 128 ALA A O   1 
ATOM   759  C CB  . ALA A 1 102 ? -4.447  -2.950  3.542   1.00 57.30  ? 128 ALA A CB  1 
ATOM   760  N N   . PHE A 1 103 ? -3.617  -0.742  5.602   1.00 66.19  ? 129 PHE A N   1 
ATOM   761  C CA  . PHE A 1 103 ? -2.806  -0.363  6.753   1.00 64.68  ? 129 PHE A CA  1 
ATOM   762  C C   . PHE A 1 103 ? -3.680  0.288   7.788   1.00 64.89  ? 129 PHE A C   1 
ATOM   763  O O   . PHE A 1 103 ? -3.722  -0.137  8.952   1.00 67.07  ? 129 PHE A O   1 
ATOM   764  C CB  . PHE A 1 103 ? -1.702  0.617   6.377   1.00 64.65  ? 129 PHE A CB  1 
ATOM   765  C CG  . PHE A 1 103 ? -0.717  0.844   7.486   1.00 69.47  ? 129 PHE A CG  1 
ATOM   766  C CD1 . PHE A 1 103 ? 0.097   -0.204  7.926   1.00 65.16  ? 129 PHE A CD1 1 
ATOM   767  C CD2 . PHE A 1 103 ? -0.621  2.085   8.116   1.00 65.60  ? 129 PHE A CD2 1 
ATOM   768  C CE1 . PHE A 1 103 ? 0.995   -0.021  8.979   1.00 61.19  ? 129 PHE A CE1 1 
ATOM   769  C CE2 . PHE A 1 103 ? 0.270   2.283   9.172   1.00 65.33  ? 129 PHE A CE2 1 
ATOM   770  C CZ  . PHE A 1 103 ? 1.083   1.226   9.605   1.00 65.59  ? 129 PHE A CZ  1 
ATOM   771  N N   . LEU A 1 104 ? -4.368  1.337   7.353   1.00 68.73  ? 130 LEU A N   1 
ATOM   772  C CA  . LEU A 1 104 ? -5.271  2.069   8.229   1.00 70.21  ? 130 LEU A CA  1 
ATOM   773  C C   . LEU A 1 104 ? -6.122  1.044   9.008   1.00 74.18  ? 130 LEU A C   1 
ATOM   774  O O   . LEU A 1 104 ? -6.222  1.096   10.248  1.00 74.09  ? 130 LEU A O   1 
ATOM   775  C CB  . LEU A 1 104 ? -6.141  3.024   7.383   1.00 62.87  ? 130 LEU A CB  1 
ATOM   776  C CG  . LEU A 1 104 ? -5.423  4.260   6.796   1.00 62.80  ? 130 LEU A CG  1 
ATOM   777  C CD1 . LEU A 1 104 ? -6.275  4.954   5.728   1.00 65.73  ? 130 LEU A CD1 1 
ATOM   778  C CD2 . LEU A 1 104 ? -5.098  5.226   7.926   1.00 58.70  ? 130 LEU A CD2 1 
ATOM   779  N N   . MET A 1 105 ? -6.681  0.088   8.267   1.00 71.53  ? 131 MET A N   1 
ATOM   780  C CA  . MET A 1 105 ? -7.525  -0.967  8.824   1.00 68.22  ? 131 MET A CA  1 
ATOM   781  C C   . MET A 1 105 ? -6.944  -1.831  9.935   1.00 73.84  ? 131 MET A C   1 
ATOM   782  O O   . MET A 1 105 ? -7.548  -1.956  10.999  1.00 74.40  ? 131 MET A O   1 
ATOM   783  C CB  . MET A 1 105 ? -7.984  -1.895  7.712   1.00 73.06  ? 131 MET A CB  1 
ATOM   784  C CG  . MET A 1 105 ? -9.268  -1.492  7.067   1.00 71.59  ? 131 MET A CG  1 
ATOM   785  S SD  . MET A 1 105 ? -9.786  -2.865  6.067   1.00 79.24  ? 131 MET A SD  1 
ATOM   786  C CE  . MET A 1 105 ? -8.916  -2.457  4.519   1.00 66.91  ? 131 MET A CE  1 
ATOM   787  N N   . LYS A 1 106 ? -5.795  -2.454  9.669   1.00 72.24  ? 132 LYS A N   1 
ATOM   788  C CA  . LYS A 1 106 ? -5.160  -3.332  10.648  1.00 70.23  ? 132 LYS A CA  1 
ATOM   789  C C   . LYS A 1 106 ? -4.687  -2.592  11.891  1.00 71.75  ? 132 LYS A C   1 
ATOM   790  O O   . LYS A 1 106 ? -5.091  -2.920  13.011  1.00 72.00  ? 132 LYS A O   1 
ATOM   791  C CB  . LYS A 1 106 ? -3.964  -4.076  10.036  1.00 69.80  ? 132 LYS A CB  1 
ATOM   792  C CG  . LYS A 1 106 ? -3.302  -5.023  11.042  1.00 72.34  ? 132 LYS A CG  1 
ATOM   793  C CD  . LYS A 1 106 ? -2.007  -5.640  10.560  1.00 68.42  ? 132 LYS A CD  1 
ATOM   794  C CE  . LYS A 1 106 ? -2.245  -6.731  9.555   1.00 74.54  ? 132 LYS A CE  1 
ATOM   795  N NZ  . LYS A 1 106 ? -0.999  -7.500  9.275   1.00 78.32  ? 132 LYS A NZ  1 
ATOM   796  N N   . THR A 1 107 ? -3.829  -1.601  11.680  1.00 79.92  ? 133 THR A N   1 
ATOM   797  C CA  . THR A 1 107 ? -3.249  -0.792  12.748  1.00 85.51  ? 133 THR A CA  1 
ATOM   798  C C   . THR A 1 107 ? -4.151  -0.525  13.978  1.00 87.58  ? 133 THR A C   1 
ATOM   799  O O   . THR A 1 107 ? -3.697  -0.619  15.134  1.00 88.59  ? 133 THR A O   1 
ATOM   800  C CB  . THR A 1 107 ? -2.754  0.542   12.158  1.00 76.22  ? 133 THR A CB  1 
ATOM   801  O OG1 . THR A 1 107 ? -1.942  0.264   11.013  1.00 74.57  ? 133 THR A OG1 1 
ATOM   802  C CG2 . THR A 1 107 ? -1.917  1.305   13.166  1.00 72.05  ? 133 THR A CG2 1 
ATOM   803  N N   . ASP A 1 108 ? -5.422  -0.204  13.725  1.00 87.86  ? 134 ASP A N   1 
ATOM   804  C CA  . ASP A 1 108 ? -6.398  0.078   14.785  1.00 86.60  ? 134 ASP A CA  1 
ATOM   805  C C   . ASP A 1 108 ? -7.670  -0.742  14.642  1.00 86.86  ? 134 ASP A C   1 
ATOM   806  O O   . ASP A 1 108 ? -8.758  -0.269  14.980  1.00 89.98  ? 134 ASP A O   1 
ATOM   807  C CB  . ASP A 1 108 ? -6.772  1.554   14.766  1.00 89.34  ? 134 ASP A CB  1 
ATOM   808  C CG  . ASP A 1 108 ? -5.877  2.394   15.635  1.00 98.02  ? 134 ASP A CG  1 
ATOM   809  O OD1 . ASP A 1 108 ? -4.933  1.834   16.241  1.00 101.22 ? 134 ASP A OD1 1 
ATOM   810  O OD2 . ASP A 1 108 ? -6.127  3.621   15.708  1.00 102.41 ? 134 ASP A OD2 1 
ATOM   811  N N   . GLN A 1 109 ? -7.523  -1.972  14.153  1.00 86.92  ? 135 GLN A N   1 
ATOM   812  C CA  . GLN A 1 109 ? -8.656  -2.866  13.923  1.00 86.52  ? 135 GLN A CA  1 
ATOM   813  C C   . GLN A 1 109 ? -9.850  -2.009  13.451  1.00 91.51  ? 135 GLN A C   1 
ATOM   814  O O   . GLN A 1 109 ? -10.757 -1.676  14.212  1.00 91.89  ? 135 GLN A O   1 
ATOM   815  C CB  . GLN A 1 109 ? -8.965  -3.682  15.204  1.00 88.20  ? 135 GLN A CB  1 
ATOM   816  C CG  . GLN A 1 109 ? -10.048 -3.134  16.155  1.00 104.18 ? 135 GLN A CG  1 
ATOM   817  C CD  . GLN A 1 109 ? -11.294 -4.028  16.223  1.00 108.62 ? 135 GLN A CD  1 
ATOM   818  O OE1 . GLN A 1 109 ? -11.513 -4.874  15.349  1.00 99.85  ? 135 GLN A OE1 1 
ATOM   819  N NE2 . GLN A 1 109 ? -12.118 -3.832  17.256  1.00 104.73 ? 135 GLN A NE2 1 
ATOM   820  N N   . LEU A 1 110 ? -9.819  -1.627  12.178  1.00 87.78  ? 136 LEU A N   1 
ATOM   821  C CA  . LEU A 1 110 ? -10.871 -0.804  11.597  1.00 84.18  ? 136 LEU A CA  1 
ATOM   822  C C   . LEU A 1 110 ? -11.681 -1.534  10.543  1.00 84.29  ? 136 LEU A C   1 
ATOM   823  O O   . LEU A 1 110 ? -11.141 -2.306  9.754   1.00 77.97  ? 136 LEU A O   1 
ATOM   824  C CB  . LEU A 1 110 ? -10.275 0.436   10.938  1.00 83.49  ? 136 LEU A CB  1 
ATOM   825  C CG  . LEU A 1 110 ? -10.228 1.755   11.696  1.00 86.71  ? 136 LEU A CG  1 
ATOM   826  C CD1 . LEU A 1 110 ? -9.400  1.572   12.947  1.00 89.73  ? 136 LEU A CD1 1 
ATOM   827  C CD2 . LEU A 1 110 ? -9.647  2.855   10.802  1.00 77.69  ? 136 LEU A CD2 1 
ATOM   828  N N   . PRO A 1 111 ? -13.002 -1.310  10.525  1.00 85.08  ? 137 PRO A N   1 
ATOM   829  C CA  . PRO A 1 111 ? -13.851 -1.966  9.524   1.00 75.74  ? 137 PRO A CA  1 
ATOM   830  C C   . PRO A 1 111 ? -13.533 -1.396  8.144   1.00 74.22  ? 137 PRO A C   1 
ATOM   831  O O   . PRO A 1 111 ? -13.471 -0.180  7.980   1.00 76.42  ? 137 PRO A O   1 
ATOM   832  C CB  . PRO A 1 111 ? -15.257 -1.582  9.964   1.00 79.29  ? 137 PRO A CB  1 
ATOM   833  C CG  . PRO A 1 111 ? -15.118 -1.549  11.452  1.00 81.76  ? 137 PRO A CG  1 
ATOM   834  C CD  . PRO A 1 111 ? -13.820 -0.805  11.641  1.00 84.41  ? 137 PRO A CD  1 
ATOM   835  N N   . PHE A 1 112 ? -13.319 -2.271  7.167   1.00 67.98  ? 138 PHE A N   1 
ATOM   836  C CA  . PHE A 1 112 ? -13.019 -1.845  5.808   1.00 68.76  ? 138 PHE A CA  1 
ATOM   837  C C   . PHE A 1 112 ? -13.556 -0.456  5.469   1.00 71.60  ? 138 PHE A C   1 
ATOM   838  O O   . PHE A 1 112 ? -12.797 0.491   5.279   1.00 67.79  ? 138 PHE A O   1 
ATOM   839  C CB  . PHE A 1 112 ? -13.596 -2.839  4.799   1.00 68.48  ? 138 PHE A CB  1 
ATOM   840  C CG  . PHE A 1 112 ? -13.586 -2.326  3.378   1.00 69.49  ? 138 PHE A CG  1 
ATOM   841  C CD1 . PHE A 1 112 ? -14.764 -2.231  2.641   1.00 66.29  ? 138 PHE A CD1 1 
ATOM   842  C CD2 . PHE A 1 112 ? -12.398 -1.897  2.788   1.00 63.12  ? 138 PHE A CD2 1 
ATOM   843  C CE1 . PHE A 1 112 ? -14.755 -1.716  1.349   1.00 65.61  ? 138 PHE A CE1 1 
ATOM   844  C CE2 . PHE A 1 112 ? -12.383 -1.379  1.495   1.00 61.49  ? 138 PHE A CE2 1 
ATOM   845  C CZ  . PHE A 1 112 ? -13.560 -1.289  0.780   1.00 63.70  ? 138 PHE A CZ  1 
ATOM   846  N N   . GLU A 1 113 ? -14.877 -0.349  5.388   1.00 79.47  ? 139 GLU A N   1 
ATOM   847  C CA  . GLU A 1 113 ? -15.550 0.904   5.038   1.00 84.06  ? 139 GLU A CA  1 
ATOM   848  C C   . GLU A 1 113 ? -15.220 2.122   5.920   1.00 83.12  ? 139 GLU A C   1 
ATOM   849  O O   . GLU A 1 113 ? -15.216 3.266   5.441   1.00 76.92  ? 139 GLU A O   1 
ATOM   850  C CB  . GLU A 1 113 ? -17.066 0.650   4.992   1.00 84.09  ? 139 GLU A CB  1 
ATOM   851  C CG  . GLU A 1 113 ? -17.453 -0.347  3.877   1.00 85.55  ? 139 GLU A CG  1 
ATOM   852  C CD  . GLU A 1 113 ? -18.556 -1.331  4.271   1.00 94.24  ? 139 GLU A CD  1 
ATOM   853  O OE1 . GLU A 1 113 ? -19.753 -0.962  4.189   1.00 102.11 ? 139 GLU A OE1 1 
ATOM   854  O OE2 . GLU A 1 113 ? -18.221 -2.475  4.665   1.00 97.00  ? 139 GLU A OE2 1 
ATOM   855  N N   . LYS A 1 114 ? -14.939 1.874   7.200   1.00 80.86  ? 140 LYS A N   1 
ATOM   856  C CA  . LYS A 1 114 ? -14.591 2.931   8.151   1.00 80.27  ? 140 LYS A CA  1 
ATOM   857  C C   . LYS A 1 114 ? -13.263 3.580   7.734   1.00 81.83  ? 140 LYS A C   1 
ATOM   858  O O   . LYS A 1 114 ? -13.165 4.806   7.607   1.00 75.14  ? 140 LYS A O   1 
ATOM   859  C CB  . LYS A 1 114 ? -14.476 2.330   9.562   1.00 84.22  ? 140 LYS A CB  1 
ATOM   860  C CG  . LYS A 1 114 ? -14.046 3.303   10.673  1.00 101.37 ? 140 LYS A CG  1 
ATOM   861  C CD  . LYS A 1 114 ? -15.216 4.102   11.262  1.00 105.89 ? 140 LYS A CD  1 
ATOM   862  C CE  . LYS A 1 114 ? -14.805 4.905   12.515  1.00 107.93 ? 140 LYS A CE  1 
ATOM   863  N NZ  . LYS A 1 114 ? -14.479 4.057   13.712  1.00 94.32  ? 140 LYS A NZ  1 
ATOM   864  N N   . ALA A 1 115 ? -12.249 2.745   7.519   1.00 81.47  ? 141 ALA A N   1 
ATOM   865  C CA  . ALA A 1 115 ? -10.937 3.223   7.113   1.00 70.75  ? 141 ALA A CA  1 
ATOM   866  C C   . ALA A 1 115 ? -10.981 3.747   5.686   1.00 69.00  ? 141 ALA A C   1 
ATOM   867  O O   . ALA A 1 115 ? -10.420 4.801   5.387   1.00 71.83  ? 141 ALA A O   1 
ATOM   868  C CB  . ALA A 1 115 ? -9.911  2.110   7.224   1.00 66.78  ? 141 ALA A CB  1 
ATOM   869  N N   . TYR A 1 116 ? -11.652 3.019   4.803   1.00 67.08  ? 142 TYR A N   1 
ATOM   870  C CA  . TYR A 1 116 ? -11.743 3.451   3.416   1.00 71.18  ? 142 TYR A CA  1 
ATOM   871  C C   . TYR A 1 116 ? -12.356 4.848   3.329   1.00 74.07  ? 142 TYR A C   1 
ATOM   872  O O   . TYR A 1 116 ? -12.119 5.577   2.363   1.00 69.05  ? 142 TYR A O   1 
ATOM   873  C CB  . TYR A 1 116 ? -12.567 2.451   2.600   1.00 63.85  ? 142 TYR A CB  1 
ATOM   874  C CG  . TYR A 1 116 ? -12.553 2.735   1.119   1.00 60.22  ? 142 TYR A CG  1 
ATOM   875  C CD1 . TYR A 1 116 ? -11.468 3.387   0.523   1.00 63.69  ? 142 TYR A CD1 1 
ATOM   876  C CD2 . TYR A 1 116 ? -13.597 2.320   0.295   1.00 62.78  ? 142 TYR A CD2 1 
ATOM   877  C CE1 . TYR A 1 116 ? -11.423 3.616   -0.871  1.00 65.97  ? 142 TYR A CE1 1 
ATOM   878  C CE2 . TYR A 1 116 ? -13.562 2.541   -1.105  1.00 64.25  ? 142 TYR A CE2 1 
ATOM   879  C CZ  . TYR A 1 116 ? -12.470 3.186   -1.678  1.00 63.47  ? 142 TYR A CZ  1 
ATOM   880  O OH  . TYR A 1 116 ? -12.397 3.370   -3.042  1.00 61.63  ? 142 TYR A OH  1 
ATOM   881  N N   . GLU A 1 117 ? -13.131 5.213   4.352   1.00 76.87  ? 143 GLU A N   1 
ATOM   882  C CA  . GLU A 1 117 ? -13.780 6.519   4.414   1.00 81.93  ? 143 GLU A CA  1 
ATOM   883  C C   . GLU A 1 117 ? -12.754 7.649   4.461   1.00 79.78  ? 143 GLU A C   1 
ATOM   884  O O   . GLU A 1 117 ? -12.676 8.469   3.545   1.00 76.83  ? 143 GLU A O   1 
ATOM   885  C CB  . GLU A 1 117 ? -14.692 6.617   5.652   1.00 90.58  ? 143 GLU A CB  1 
ATOM   886  C CG  . GLU A 1 117 ? -16.200 6.589   5.334   1.00 96.34  ? 143 GLU A CG  1 
ATOM   887  C CD  . GLU A 1 117 ? -17.084 7.246   6.412   1.00 103.76 ? 143 GLU A CD  1 
ATOM   888  O OE1 . GLU A 1 117 ? -17.131 6.738   7.558   1.00 97.88  ? 143 GLU A OE1 1 
ATOM   889  O OE2 . GLU A 1 117 ? -17.738 8.272   6.101   1.00 111.36 ? 143 GLU A OE2 1 
ATOM   890  N N   . LYS A 1 118 ? -11.977 7.682   5.541   1.00 78.47  ? 144 LYS A N   1 
ATOM   891  C CA  . LYS A 1 118 ? -10.947 8.702   5.756   1.00 75.03  ? 144 LYS A CA  1 
ATOM   892  C C   . LYS A 1 118 ? -10.137 8.955   4.482   1.00 75.96  ? 144 LYS A C   1 
ATOM   893  O O   . LYS A 1 118 ? -9.534  10.020  4.305   1.00 76.45  ? 144 LYS A O   1 
ATOM   894  C CB  . LYS A 1 118 ? -10.028 8.254   6.898   1.00 68.68  ? 144 LYS A CB  1 
ATOM   895  C CG  . LYS A 1 118 ? -10.789 7.556   8.023   1.00 72.84  ? 144 LYS A CG  1 
ATOM   896  C CD  . LYS A 1 118 ? -9.918  7.218   9.226   1.00 76.94  ? 144 LYS A CD  1 
ATOM   897  C CE  . LYS A 1 118 ? -10.762 6.612   10.348  1.00 82.59  ? 144 LYS A CE  1 
ATOM   898  N NZ  . LYS A 1 118 ? -10.036 6.563   11.652  1.00 74.61  ? 144 LYS A NZ  1 
ATOM   899  N N   . LEU A 1 119 ? -10.134 7.958   3.601   1.00 79.11  ? 145 LEU A N   1 
ATOM   900  C CA  . LEU A 1 119 ? -9.429  8.024   2.323   1.00 80.43  ? 145 LEU A CA  1 
ATOM   901  C C   . LEU A 1 119 ? -10.293 8.715   1.277   1.00 83.38  ? 145 LEU A C   1 
ATOM   902  O O   . LEU A 1 119 ? -9.798  9.493   0.455   1.00 85.16  ? 145 LEU A O   1 
ATOM   903  C CB  . LEU A 1 119 ? -9.088  6.617   1.837   1.00 75.61  ? 145 LEU A CB  1 
ATOM   904  C CG  . LEU A 1 119 ? -7.689  6.119   2.166   1.00 68.10  ? 145 LEU A CG  1 
ATOM   905  C CD1 . LEU A 1 119 ? -7.537  4.687   1.687   1.00 69.60  ? 145 LEU A CD1 1 
ATOM   906  C CD2 . LEU A 1 119 ? -6.675  7.024   1.487   1.00 67.58  ? 145 LEU A CD2 1 
ATOM   907  N N   . GLN A 1 120 ? -11.586 8.405   1.302   1.00 83.35  ? 146 GLN A N   1 
ATOM   908  C CA  . GLN A 1 120 ? -12.535 9.010   0.381   1.00 83.07  ? 146 GLN A CA  1 
ATOM   909  C C   . GLN A 1 120 ? -12.503 10.507  0.710   1.00 84.56  ? 146 GLN A C   1 
ATOM   910  O O   . GLN A 1 120 ? -12.538 11.365  -0.181  1.00 85.55  ? 146 GLN A O   1 
ATOM   911  C CB  . GLN A 1 120 ? -13.933 8.411   0.613   1.00 89.05  ? 146 GLN A CB  1 
ATOM   912  C CG  . GLN A 1 120 ? -14.018 6.873   0.439   1.00 83.29  ? 146 GLN A CG  1 
ATOM   913  C CD  . GLN A 1 120 ? -14.006 6.415   -1.026  1.00 80.48  ? 146 GLN A CD  1 
ATOM   914  O OE1 . GLN A 1 120 ? -13.051 6.671   -1.772  1.00 78.20  ? 146 GLN A OE1 1 
ATOM   915  N NE2 . GLN A 1 120 ? -15.074 5.728   -1.437  1.00 67.94  ? 146 GLN A NE2 1 
ATOM   916  N N   . ILE A 1 121 ? -12.410 10.795  2.009   1.00 81.20  ? 147 ILE A N   1 
ATOM   917  C CA  . ILE A 1 121 ? -12.328 12.161  2.509   1.00 82.63  ? 147 ILE A CA  1 
ATOM   918  C C   . ILE A 1 121 ? -11.169 12.827  1.780   1.00 83.68  ? 147 ILE A C   1 
ATOM   919  O O   . ILE A 1 121 ? -11.354 13.559  0.801   1.00 82.07  ? 147 ILE A O   1 
ATOM   920  C CB  . ILE A 1 121 ? -11.997 12.201  4.034   1.00 85.51  ? 147 ILE A CB  1 
ATOM   921  C CG1 . ILE A 1 121 ? -13.144 11.601  4.861   1.00 83.79  ? 147 ILE A CG1 1 
ATOM   922  C CG2 . ILE A 1 121 ? -11.695 13.639  4.466   1.00 77.23  ? 147 ILE A CG2 1 
ATOM   923  C CD1 . ILE A 1 121 ? -12.903 11.602  6.383   1.00 84.39  ? 147 ILE A CD1 1 
ATOM   924  N N   . LEU A 1 122 ? -9.976  12.533  2.291   1.00 85.98  ? 148 LEU A N   1 
ATOM   925  C CA  . LEU A 1 122 ? -8.700  13.041  1.797   1.00 85.89  ? 148 LEU A CA  1 
ATOM   926  C C   . LEU A 1 122 ? -8.576  13.090  0.279   1.00 88.62  ? 148 LEU A C   1 
ATOM   927  O O   . LEU A 1 122 ? -7.986  14.023  -0.273  1.00 89.27  ? 148 LEU A O   1 
ATOM   928  C CB  . LEU A 1 122 ? -7.577  12.185  2.394   1.00 79.73  ? 148 LEU A CB  1 
ATOM   929  C CG  . LEU A 1 122 ? -6.141  12.250  1.864   1.00 86.40  ? 148 LEU A CG  1 
ATOM   930  C CD1 . LEU A 1 122 ? -5.250  11.454  2.807   1.00 85.80  ? 148 LEU A CD1 1 
ATOM   931  C CD2 . LEU A 1 122 ? -6.047  11.682  0.451   1.00 86.61  ? 148 LEU A CD2 1 
ATOM   932  N N   . LYS A 1 123 ? -9.120  12.077  -0.386  1.00 85.06  ? 149 LYS A N   1 
ATOM   933  C CA  . LYS A 1 123 ? -9.062  11.997  -1.835  1.00 85.70  ? 149 LYS A CA  1 
ATOM   934  C C   . LYS A 1 123 ? -10.381 11.447  -2.361  1.00 89.58  ? 149 LYS A C   1 
ATOM   935  O O   . LYS A 1 123 ? -10.711 10.273  -2.148  1.00 87.74  ? 149 LYS A O   1 
ATOM   936  C CB  . LYS A 1 123 ? -7.897  11.093  -2.255  1.00 83.61  ? 149 LYS A CB  1 
ATOM   937  C CG  . LYS A 1 123 ? -7.516  11.164  -3.722  1.00 82.50  ? 149 LYS A CG  1 
ATOM   938  C CD  . LYS A 1 123 ? -6.209  10.433  -3.961  1.00 73.67  ? 149 LYS A CD  1 
ATOM   939  C CE  . LYS A 1 123 ? -5.810  10.506  -5.410  1.00 77.23  ? 149 LYS A CE  1 
ATOM   940  N NZ  . LYS A 1 123 ? -5.784  11.918  -5.859  1.00 81.20  ? 149 LYS A NZ  1 
ATOM   941  N N   . PRO A 1 124 ? -11.163 12.303  -3.041  1.00 91.58  ? 150 PRO A N   1 
ATOM   942  C CA  . PRO A 1 124 ? -12.464 11.958  -3.625  1.00 94.10  ? 150 PRO A CA  1 
ATOM   943  C C   . PRO A 1 124 ? -12.252 11.083  -4.866  1.00 91.81  ? 150 PRO A C   1 
ATOM   944  O O   . PRO A 1 124 ? -13.106 10.271  -5.243  1.00 90.17  ? 150 PRO A O   1 
ATOM   945  C CB  . PRO A 1 124 ? -13.047 13.327  -3.964  1.00 95.16  ? 150 PRO A CB  1 
ATOM   946  C CG  . PRO A 1 124 ? -11.829 14.086  -4.392  1.00 94.47  ? 150 PRO A CG  1 
ATOM   947  C CD  . PRO A 1 124 ? -10.817 13.707  -3.332  1.00 91.07  ? 150 PRO A CD  1 
ATOM   948  N N   . GLU A 1 125 ? -11.087 11.266  -5.479  1.00 92.38  ? 151 GLU A N   1 
ATOM   949  C CA  . GLU A 1 125 ? -10.684 10.532  -6.667  1.00 97.03  ? 151 GLU A CA  1 
ATOM   950  C C   . GLU A 1 125 ? -10.554 9.028   -6.388  1.00 92.87  ? 151 GLU A C   1 
ATOM   951  O O   . GLU A 1 125 ? -10.609 8.214   -7.309  1.00 89.44  ? 151 GLU A O   1 
ATOM   952  C CB  . GLU A 1 125 ? -9.343  11.090  -7.151  1.00 98.32  ? 151 GLU A CB  1 
ATOM   953  C CG  . GLU A 1 125 ? -9.072  10.898  -8.617  1.00 100.47 ? 151 GLU A CG  1 
ATOM   954  C CD  . GLU A 1 125 ? -10.156 11.507  -9.460  1.00 108.99 ? 151 GLU A CD  1 
ATOM   955  O OE1 . GLU A 1 125 ? -11.175 10.825  -9.698  1.00 102.70 ? 151 GLU A OE1 1 
ATOM   956  O OE2 . GLU A 1 125 ? -9.994  12.676  -9.864  1.00 112.47 ? 151 GLU A OE2 1 
ATOM   957  N N   . ALA A 1 126 ? -10.389 8.676   -5.113  1.00 91.25  ? 152 ALA A N   1 
ATOM   958  C CA  . ALA A 1 126 ? -10.221 7.287   -4.661  1.00 85.61  ? 152 ALA A CA  1 
ATOM   959  C C   . ALA A 1 126 ? -11.182 6.246   -5.257  1.00 83.99  ? 152 ALA A C   1 
ATOM   960  O O   . ALA A 1 126 ? -12.308 6.085   -4.774  1.00 80.57  ? 152 ALA A O   1 
ATOM   961  C CB  . ALA A 1 126 ? -10.295 7.236   -3.126  1.00 84.16  ? 152 ALA A CB  1 
ATOM   962  N N   . LYS A 1 127 ? -10.718 5.528   -6.284  1.00 83.97  ? 153 LYS A N   1 
ATOM   963  C CA  . LYS A 1 127 ? -11.510 4.489   -6.954  1.00 83.17  ? 153 LYS A CA  1 
ATOM   964  C C   . LYS A 1 127 ? -10.801 3.131   -6.935  1.00 78.66  ? 153 LYS A C   1 
ATOM   965  O O   . LYS A 1 127 ? -10.172 2.735   -7.917  1.00 73.58  ? 153 LYS A O   1 
ATOM   966  C CB  . LYS A 1 127 ? -11.800 4.902   -8.408  1.00 84.04  ? 153 LYS A CB  1 
ATOM   967  C CG  . LYS A 1 127 ? -12.305 3.777   -9.332  1.00 86.08  ? 153 LYS A CG  1 
ATOM   968  C CD  . LYS A 1 127 ? -13.728 3.311   -9.005  1.00 94.58  ? 153 LYS A CD  1 
ATOM   969  C CE  . LYS A 1 127 ? -14.170 2.132   -9.898  1.00 101.19 ? 153 LYS A CE  1 
ATOM   970  N NZ  . LYS A 1 127 ? -14.334 2.465   -11.348 1.00 104.37 ? 153 LYS A NZ  1 
ATOM   971  N N   . MET A 1 128 ? -10.906 2.427   -5.807  1.00 75.88  ? 154 MET A N   1 
ATOM   972  C CA  . MET A 1 128 ? -10.292 1.105   -5.647  1.00 72.63  ? 154 MET A CA  1 
ATOM   973  C C   . MET A 1 128 ? -11.205 0.020   -6.222  1.00 70.62  ? 154 MET A C   1 
ATOM   974  O O   . MET A 1 128 ? -12.339 -0.132  -5.757  1.00 79.57  ? 154 MET A O   1 
ATOM   975  C CB  . MET A 1 128 ? -10.064 0.815   -4.169  1.00 65.65  ? 154 MET A CB  1 
ATOM   976  C CG  . MET A 1 128 ? -10.286 -0.643  -3.798  1.00 60.93  ? 154 MET A CG  1 
ATOM   977  S SD  . MET A 1 128 ? -9.843  -1.041  -2.086  1.00 63.35  ? 154 MET A SD  1 
ATOM   978  C CE  . MET A 1 128 ? -11.050 -0.108  -1.219  1.00 65.97  ? 154 MET A CE  1 
ATOM   979  N N   . ASN A 1 129 ? -10.719 -0.745  -7.205  1.00 66.99  ? 155 ASN A N   1 
ATOM   980  C CA  . ASN A 1 129 ? -11.549 -1.791  -7.820  1.00 69.43  ? 155 ASN A CA  1 
ATOM   981  C C   . ASN A 1 129 ? -12.181 -2.772  -6.807  1.00 66.96  ? 155 ASN A C   1 
ATOM   982  O O   . ASN A 1 129 ? -11.761 -2.849  -5.642  1.00 65.81  ? 155 ASN A O   1 
ATOM   983  C CB  . ASN A 1 129 ? -10.767 -2.533  -8.933  1.00 67.98  ? 155 ASN A CB  1 
ATOM   984  C CG  . ASN A 1 129 ? -10.135 -3.844  -8.469  1.00 71.88  ? 155 ASN A CG  1 
ATOM   985  O OD1 . ASN A 1 129 ? -10.339 -4.303  -7.348  1.00 72.01  ? 155 ASN A OD1 1 
ATOM   986  N ND2 . ASN A 1 129 ? -9.366  -4.458  -9.356  1.00 68.76  ? 155 ASN A ND2 1 
ATOM   987  N N   . GLU A 1 130 ? -13.199 -3.504  -7.264  1.00 67.48  ? 156 GLU A N   1 
ATOM   988  C CA  . GLU A 1 130 ? -13.938 -4.439  -6.426  1.00 69.50  ? 156 GLU A CA  1 
ATOM   989  C C   . GLU A 1 130 ? -13.097 -5.610  -5.912  1.00 67.00  ? 156 GLU A C   1 
ATOM   990  O O   . GLU A 1 130 ? -13.294 -6.063  -4.781  1.00 64.29  ? 156 GLU A O   1 
ATOM   991  C CB  . GLU A 1 130 ? -15.179 -4.940  -7.189  1.00 80.62  ? 156 GLU A CB  1 
ATOM   992  C CG  . GLU A 1 130 ? -16.194 -5.763  -6.361  1.00 88.53  ? 156 GLU A CG  1 
ATOM   993  C CD  . GLU A 1 130 ? -17.572 -5.096  -6.231  1.00 82.67  ? 156 GLU A CD  1 
ATOM   994  O OE1 . GLU A 1 130 ? -18.079 -4.565  -7.247  1.00 81.88  ? 156 GLU A OE1 1 
ATOM   995  O OE2 . GLU A 1 130 ? -18.151 -5.118  -5.117  1.00 75.30  ? 156 GLU A OE2 1 
ATOM   996  N N   . GLY A 1 131 ? -12.163 -6.105  -6.723  1.00 67.44  ? 157 GLY A N   1 
ATOM   997  C CA  . GLY A 1 131 ? -11.321 -7.199  -6.263  1.00 66.73  ? 157 GLY A CA  1 
ATOM   998  C C   . GLY A 1 131 ? -10.597 -6.817  -4.973  1.00 68.80  ? 157 GLY A C   1 
ATOM   999  O O   . GLY A 1 131 ? -10.705 -7.512  -3.950  1.00 63.95  ? 157 GLY A O   1 
ATOM   1000 N N   . PHE A 1 132 ? -9.866  -5.701  -5.015  1.00 63.61  ? 158 PHE A N   1 
ATOM   1001 C CA  . PHE A 1 132 ? -9.140  -5.242  -3.838  1.00 61.19  ? 158 PHE A CA  1 
ATOM   1002 C C   . PHE A 1 132 ? -10.143 -4.974  -2.730  1.00 62.39  ? 158 PHE A C   1 
ATOM   1003 O O   . PHE A 1 132 ? -9.842  -5.132  -1.553  1.00 63.33  ? 158 PHE A O   1 
ATOM   1004 C CB  . PHE A 1 132 ? -8.342  -3.959  -4.125  1.00 64.84  ? 158 PHE A CB  1 
ATOM   1005 C CG  . PHE A 1 132 ? -7.425  -4.057  -5.310  1.00 62.61  ? 158 PHE A CG  1 
ATOM   1006 C CD1 . PHE A 1 132 ? -6.855  -5.267  -5.677  1.00 61.19  ? 158 PHE A CD1 1 
ATOM   1007 C CD2 . PHE A 1 132 ? -7.156  -2.936  -6.080  1.00 61.50  ? 158 PHE A CD2 1 
ATOM   1008 C CE1 . PHE A 1 132 ? -6.032  -5.357  -6.802  1.00 63.36  ? 158 PHE A CE1 1 
ATOM   1009 C CE2 . PHE A 1 132 ? -6.331  -3.014  -7.209  1.00 62.42  ? 158 PHE A CE2 1 
ATOM   1010 C CZ  . PHE A 1 132 ? -5.773  -4.226  -7.571  1.00 63.08  ? 158 PHE A CZ  1 
ATOM   1011 N N   . GLU A 1 133 ? -11.346 -4.577  -3.115  1.00 64.56  ? 159 GLU A N   1 
ATOM   1012 C CA  . GLU A 1 133 ? -12.379 -4.292  -2.140  1.00 64.92  ? 159 GLU A CA  1 
ATOM   1013 C C   . GLU A 1 133 ? -12.772 -5.516  -1.327  1.00 63.23  ? 159 GLU A C   1 
ATOM   1014 O O   . GLU A 1 133 ? -12.681 -5.495  -0.096  1.00 57.15  ? 159 GLU A O   1 
ATOM   1015 C CB  . GLU A 1 133 ? -13.611 -3.715  -2.824  1.00 64.07  ? 159 GLU A CB  1 
ATOM   1016 C CG  . GLU A 1 133 ? -14.037 -2.409  -2.208  1.00 66.60  ? 159 GLU A CG  1 
ATOM   1017 C CD  . GLU A 1 133 ? -15.422 -1.988  -2.622  1.00 78.89  ? 159 GLU A CD  1 
ATOM   1018 O OE1 . GLU A 1 133 ? -16.259 -2.886  -2.858  1.00 83.22  ? 159 GLU A OE1 1 
ATOM   1019 O OE2 . GLU A 1 133 ? -15.677 -0.764  -2.691  1.00 78.18  ? 159 GLU A OE2 1 
ATOM   1020 N N   . TRP A 1 134 ? -13.218 -6.578  -1.997  1.00 61.57  ? 160 TRP A N   1 
ATOM   1021 C CA  . TRP A 1 134 ? -13.606 -7.780  -1.264  1.00 63.94  ? 160 TRP A CA  1 
ATOM   1022 C C   . TRP A 1 134 ? -12.396 -8.473  -0.654  1.00 68.06  ? 160 TRP A C   1 
ATOM   1023 O O   . TRP A 1 134 ? -12.515 -9.178  0.356   1.00 65.21  ? 160 TRP A O   1 
ATOM   1024 C CB  . TRP A 1 134 ? -14.395 -8.753  -2.147  1.00 60.66  ? 160 TRP A CB  1 
ATOM   1025 C CG  . TRP A 1 134 ? -15.762 -8.249  -2.428  1.00 66.21  ? 160 TRP A CG  1 
ATOM   1026 C CD1 . TRP A 1 134 ? -16.161 -7.527  -3.516  1.00 70.93  ? 160 TRP A CD1 1 
ATOM   1027 C CD2 . TRP A 1 134 ? -16.886 -8.296  -1.545  1.00 67.59  ? 160 TRP A CD2 1 
ATOM   1028 N NE1 . TRP A 1 134 ? -17.462 -7.112  -3.361  1.00 69.16  ? 160 TRP A NE1 1 
ATOM   1029 C CE2 . TRP A 1 134 ? -17.932 -7.570  -2.159  1.00 64.71  ? 160 TRP A CE2 1 
ATOM   1030 C CE3 . TRP A 1 134 ? -17.111 -8.874  -0.289  1.00 65.77  ? 160 TRP A CE3 1 
ATOM   1031 C CZ2 . TRP A 1 134 ? -19.183 -7.406  -1.561  1.00 62.69  ? 160 TRP A CZ2 1 
ATOM   1032 C CZ3 . TRP A 1 134 ? -18.360 -8.710  0.307   1.00 63.58  ? 160 TRP A CZ3 1 
ATOM   1033 C CH2 . TRP A 1 134 ? -19.378 -7.980  -0.331  1.00 62.42  ? 160 TRP A CH2 1 
ATOM   1034 N N   . GLN A 1 135 ? -11.228 -8.278  -1.260  1.00 63.35  ? 161 GLN A N   1 
ATOM   1035 C CA  . GLN A 1 135 ? -10.024 -8.875  -0.709  1.00 56.98  ? 161 GLN A CA  1 
ATOM   1036 C C   . GLN A 1 135 ? -9.811  -8.213  0.646   1.00 57.01  ? 161 GLN A C   1 
ATOM   1037 O O   . GLN A 1 135 ? -9.541  -8.886  1.628   1.00 59.74  ? 161 GLN A O   1 
ATOM   1038 C CB  . GLN A 1 135 ? -8.829  -8.654  -1.644  1.00 58.28  ? 161 GLN A CB  1 
ATOM   1039 C CG  . GLN A 1 135 ? -8.824  -9.602  -2.846  1.00 55.30  ? 161 GLN A CG  1 
ATOM   1040 C CD  . GLN A 1 135 ? -7.566  -9.515  -3.691  1.00 54.88  ? 161 GLN A CD  1 
ATOM   1041 O OE1 . GLN A 1 135 ? -6.447  -9.693  -3.205  1.00 56.63  ? 161 GLN A OE1 1 
ATOM   1042 N NE2 . GLN A 1 135 ? -7.750  -9.254  -4.972  1.00 56.29  ? 161 GLN A NE2 1 
ATOM   1043 N N   . LEU A 1 136 ? -9.967  -6.893  0.700   1.00 58.49  ? 162 LEU A N   1 
ATOM   1044 C CA  . LEU A 1 136 ? -9.822  -6.166  1.953   1.00 59.10  ? 162 LEU A CA  1 
ATOM   1045 C C   . LEU A 1 136 ? -10.937 -6.556  2.913   1.00 59.62  ? 162 LEU A C   1 
ATOM   1046 O O   . LEU A 1 136 ? -10.716 -6.702  4.116   1.00 57.82  ? 162 LEU A O   1 
ATOM   1047 C CB  . LEU A 1 136 ? -9.873  -4.658  1.723   1.00 61.03  ? 162 LEU A CB  1 
ATOM   1048 C CG  . LEU A 1 136 ? -8.607  -4.005  1.183   1.00 55.45  ? 162 LEU A CG  1 
ATOM   1049 C CD1 . LEU A 1 136 ? -8.765  -2.500  1.180   1.00 61.60  ? 162 LEU A CD1 1 
ATOM   1050 C CD2 . LEU A 1 136 ? -7.444  -4.395  2.046   1.00 57.10  ? 162 LEU A CD2 1 
ATOM   1051 N N   . LYS A 1 137 ? -12.145 -6.706  2.389   1.00 63.27  ? 163 LYS A N   1 
ATOM   1052 C CA  . LYS A 1 137 ? -13.257 -7.100  3.235   1.00 65.67  ? 163 LYS A CA  1 
ATOM   1053 C C   . LYS A 1 137 ? -12.915 -8.436  3.900   1.00 63.78  ? 163 LYS A C   1 
ATOM   1054 O O   . LYS A 1 137 ? -13.107 -8.626  5.108   1.00 62.98  ? 163 LYS A O   1 
ATOM   1055 C CB  . LYS A 1 137 ? -14.522 -7.232  2.396   1.00 63.85  ? 163 LYS A CB  1 
ATOM   1056 C CG  . LYS A 1 137 ? -15.029 -5.915  1.847   1.00 64.91  ? 163 LYS A CG  1 
ATOM   1057 C CD  . LYS A 1 137 ? -16.517 -5.750  2.162   1.00 67.08  ? 163 LYS A CD  1 
ATOM   1058 C CE  . LYS A 1 137 ? -17.115 -4.474  1.566   1.00 64.48  ? 163 LYS A CE  1 
ATOM   1059 N NZ  . LYS A 1 137 ? -18.561 -4.344  1.917   1.00 66.05  ? 163 LYS A NZ  1 
ATOM   1060 N N   . LEU A 1 138 ? -12.379 -9.344  3.088   1.00 60.05  ? 164 LEU A N   1 
ATOM   1061 C CA  . LEU A 1 138 ? -11.977 -10.685 3.519   1.00 64.72  ? 164 LEU A CA  1 
ATOM   1062 C C   . LEU A 1 138 ? -10.921 -10.623 4.626   1.00 62.69  ? 164 LEU A C   1 
ATOM   1063 O O   . LEU A 1 138 ? -10.826 -11.510 5.481   1.00 62.65  ? 164 LEU A O   1 
ATOM   1064 C CB  . LEU A 1 138 ? -11.406 -11.445 2.315   1.00 62.88  ? 164 LEU A CB  1 
ATOM   1065 C CG  . LEU A 1 138 ? -11.735 -12.929 2.139   1.00 59.71  ? 164 LEU A CG  1 
ATOM   1066 C CD1 . LEU A 1 138 ? -10.950 -13.443 0.951   1.00 61.27  ? 164 LEU A CD1 1 
ATOM   1067 C CD2 . LEU A 1 138 ? -11.408 -13.728 3.401   1.00 57.49  ? 164 LEU A CD2 1 
ATOM   1068 N N   . TYR A 1 139 ? -10.122 -9.565  4.574   1.00 61.63  ? 165 TYR A N   1 
ATOM   1069 C CA  . TYR A 1 139 ? -9.056  -9.326  5.531   1.00 63.52  ? 165 TYR A CA  1 
ATOM   1070 C C   . TYR A 1 139 ? -9.702  -9.095  6.899   1.00 69.55  ? 165 TYR A C   1 
ATOM   1071 O O   . TYR A 1 139 ? -9.275  -9.679  7.900   1.00 68.08  ? 165 TYR A O   1 
ATOM   1072 C CB  . TYR A 1 139 ? -8.253  -8.105  5.069   1.00 64.05  ? 165 TYR A CB  1 
ATOM   1073 C CG  . TYR A 1 139 ? -6.848  -7.971  5.622   1.00 68.77  ? 165 TYR A CG  1 
ATOM   1074 C CD1 . TYR A 1 139 ? -5.931  -9.017  5.527   1.00 68.74  ? 165 TYR A CD1 1 
ATOM   1075 C CD2 . TYR A 1 139 ? -6.415  -6.768  6.188   1.00 69.71  ? 165 TYR A CD2 1 
ATOM   1076 C CE1 . TYR A 1 139 ? -4.625  -8.866  5.979   1.00 66.27  ? 165 TYR A CE1 1 
ATOM   1077 C CE2 . TYR A 1 139 ? -5.113  -6.608  6.639   1.00 67.81  ? 165 TYR A CE2 1 
ATOM   1078 C CZ  . TYR A 1 139 ? -4.226  -7.659  6.529   1.00 68.04  ? 165 TYR A CZ  1 
ATOM   1079 O OH  . TYR A 1 139 ? -2.935  -7.503  6.959   1.00 71.87  ? 165 TYR A OH  1 
ATOM   1080 N N   . GLN A 1 140 ? -10.735 -8.252  6.933   1.00 67.41  ? 166 GLN A N   1 
ATOM   1081 C CA  . GLN A 1 140 ? -11.449 -7.974  8.176   1.00 68.74  ? 166 GLN A CA  1 
ATOM   1082 C C   . GLN A 1 140 ? -11.726 -9.302  8.869   1.00 73.34  ? 166 GLN A C   1 
ATOM   1083 O O   . GLN A 1 140 ? -11.296 -9.540  10.004  1.00 73.02  ? 166 GLN A O   1 
ATOM   1084 C CB  . GLN A 1 140 ? -12.792 -7.295  7.896   1.00 71.92  ? 166 GLN A CB  1 
ATOM   1085 C CG  . GLN A 1 140 ? -12.796 -5.780  7.918   1.00 70.96  ? 166 GLN A CG  1 
ATOM   1086 C CD  . GLN A 1 140 ? -14.211 -5.217  7.835   1.00 71.34  ? 166 GLN A CD  1 
ATOM   1087 O OE1 . GLN A 1 140 ? -14.751 -4.988  6.745   1.00 72.50  ? 166 GLN A OE1 1 
ATOM   1088 N NE2 . GLN A 1 140 ? -14.826 -5.014  8.991   1.00 71.58  ? 166 GLN A NE2 1 
ATOM   1089 N N   . ALA A 1 141 ? -12.448 -10.162 8.153   1.00 75.59  ? 167 ALA A N   1 
ATOM   1090 C CA  . ALA A 1 141 ? -12.843 -11.484 8.636   1.00 76.32  ? 167 ALA A CA  1 
ATOM   1091 C C   . ALA A 1 141 ? -11.696 -12.302 9.229   1.00 71.54  ? 167 ALA A C   1 
ATOM   1092 O O   . ALA A 1 141 ? -11.777 -12.772 10.369  1.00 68.87  ? 167 ALA A O   1 
ATOM   1093 C CB  . ALA A 1 141 ? -13.509 -12.266 7.497   1.00 70.50  ? 167 ALA A CB  1 
ATOM   1094 N N   . MET A 1 142 ? -10.630 -12.463 8.454   1.00 66.62  ? 168 MET A N   1 
ATOM   1095 C CA  . MET A 1 142 ? -9.477  -13.244 8.879   1.00 69.81  ? 168 MET A CA  1 
ATOM   1096 C C   . MET A 1 142 ? -8.777  -12.698 10.125  1.00 72.20  ? 168 MET A C   1 
ATOM   1097 O O   . MET A 1 142 ? -7.855  -13.323 10.661  1.00 73.57  ? 168 MET A O   1 
ATOM   1098 C CB  . MET A 1 142 ? -8.495  -13.341 7.719   1.00 68.78  ? 168 MET A CB  1 
ATOM   1099 C CG  . MET A 1 142 ? -9.159  -13.722 6.413   1.00 66.07  ? 168 MET A CG  1 
ATOM   1100 S SD  . MET A 1 142 ? -7.953  -14.155 5.159   1.00 77.57  ? 168 MET A SD  1 
ATOM   1101 C CE  . MET A 1 142 ? -7.247  -15.706 5.916   1.00 73.91  ? 168 MET A CE  1 
ATOM   1102 N N   . GLY A 1 143 ? -9.221  -11.535 10.590  1.00 72.37  ? 169 GLY A N   1 
ATOM   1103 C CA  . GLY A 1 143 ? -8.617  -10.941 11.769  1.00 73.11  ? 169 GLY A CA  1 
ATOM   1104 C C   . GLY A 1 143 ? -7.512  -9.972  11.405  1.00 69.49  ? 169 GLY A C   1 
ATOM   1105 O O   . GLY A 1 143 ? -6.524  -9.837  12.130  1.00 69.40  ? 169 GLY A O   1 
ATOM   1106 N N   . TYR A 1 144 ? -7.695  -9.294  10.274  1.00 71.94  ? 170 TYR A N   1 
ATOM   1107 C CA  . TYR A 1 144 ? -6.725  -8.335  9.766   1.00 70.20  ? 170 TYR A CA  1 
ATOM   1108 C C   . TYR A 1 144 ? -5.367  -9.007  9.676   1.00 72.67  ? 170 TYR A C   1 
ATOM   1109 O O   . TYR A 1 144 ? -4.330  -8.356  9.750   1.00 76.78  ? 170 TYR A O   1 
ATOM   1110 C CB  . TYR A 1 144 ? -6.648  -7.113  10.678  1.00 68.77  ? 170 TYR A CB  1 
ATOM   1111 C CG  . TYR A 1 144 ? -7.944  -6.336  10.797  1.00 70.98  ? 170 TYR A CG  1 
ATOM   1112 C CD1 . TYR A 1 144 ? -8.442  -5.578  9.729   1.00 71.40  ? 170 TYR A CD1 1 
ATOM   1113 C CD2 . TYR A 1 144 ? -8.675  -6.353  11.988  1.00 74.79  ? 170 TYR A CD2 1 
ATOM   1114 C CE1 . TYR A 1 144 ? -9.646  -4.850  9.855   1.00 75.97  ? 170 TYR A CE1 1 
ATOM   1115 C CE2 . TYR A 1 144 ? -9.870  -5.635  12.124  1.00 82.10  ? 170 TYR A CE2 1 
ATOM   1116 C CZ  . TYR A 1 144 ? -10.351 -4.888  11.060  1.00 80.58  ? 170 TYR A CZ  1 
ATOM   1117 O OH  . TYR A 1 144 ? -11.534 -4.200  11.232  1.00 76.29  ? 170 TYR A OH  1 
ATOM   1118 N N   . GLU A 1 145 ? -5.394  -10.325 9.519   1.00 72.83  ? 171 GLU A N   1 
ATOM   1119 C CA  . GLU A 1 145 ? -4.191  -11.145 9.413   1.00 73.11  ? 171 GLU A CA  1 
ATOM   1120 C C   . GLU A 1 145 ? -4.482  -12.172 8.333   1.00 69.15  ? 171 GLU A C   1 
ATOM   1121 O O   . GLU A 1 145 ? -5.642  -12.397 8.005   1.00 71.57  ? 171 GLU A O   1 
ATOM   1122 C CB  . GLU A 1 145 ? -3.919  -11.875 10.735  1.00 74.60  ? 171 GLU A CB  1 
ATOM   1123 C CG  . GLU A 1 145 ? -3.791  -13.403 10.583  1.00 85.11  ? 171 GLU A CG  1 
ATOM   1124 C CD  . GLU A 1 145 ? -3.787  -14.137 11.906  1.00 98.76  ? 171 GLU A CD  1 
ATOM   1125 O OE1 . GLU A 1 145 ? -3.127  -13.648 12.854  1.00 89.15  ? 171 GLU A OE1 1 
ATOM   1126 O OE2 . GLU A 1 145 ? -4.434  -15.208 11.986  1.00 102.21 ? 171 GLU A OE2 1 
ATOM   1127 N N   . VAL A 1 146 ? -3.440  -12.806 7.800   1.00 67.11  ? 172 VAL A N   1 
ATOM   1128 C CA  . VAL A 1 146 ? -3.616  -13.812 6.756   1.00 71.36  ? 172 VAL A CA  1 
ATOM   1129 C C   . VAL A 1 146 ? -2.870  -15.115 7.094   1.00 72.98  ? 172 VAL A C   1 
ATOM   1130 O O   . VAL A 1 146 ? -1.666  -15.243 6.845   1.00 70.40  ? 172 VAL A O   1 
ATOM   1131 C CB  . VAL A 1 146 ? -3.136  -13.264 5.369   1.00 71.11  ? 172 VAL A CB  1 
ATOM   1132 C CG1 . VAL A 1 146 ? -3.522  -14.225 4.261   1.00 67.85  ? 172 VAL A CG1 1 
ATOM   1133 C CG2 . VAL A 1 146 ? -3.738  -11.892 5.104   1.00 61.18  ? 172 VAL A CG2 1 
ATOM   1134 N N   . ASP A 1 147 ? -3.585  -16.078 7.672   1.00 73.93  ? 173 ASP A N   1 
ATOM   1135 C CA  . ASP A 1 147 ? -2.968  -17.350 8.017   1.00 69.73  ? 173 ASP A CA  1 
ATOM   1136 C C   . ASP A 1 147 ? -2.862  -18.184 6.758   1.00 65.53  ? 173 ASP A C   1 
ATOM   1137 O O   . ASP A 1 147 ? -3.819  -18.836 6.357   1.00 65.38  ? 173 ASP A O   1 
ATOM   1138 C CB  . ASP A 1 147 ? -3.792  -18.082 9.086   1.00 70.37  ? 173 ASP A CB  1 
ATOM   1139 C CG  . ASP A 1 147 ? -3.248  -19.474 9.398   1.00 71.25  ? 173 ASP A CG  1 
ATOM   1140 O OD1 . ASP A 1 147 ? -2.006  -19.666 9.344   1.00 71.05  ? 173 ASP A OD1 1 
ATOM   1141 O OD2 . ASP A 1 147 ? -4.065  -20.377 9.709   1.00 63.85  ? 173 ASP A OD2 1 
ATOM   1142 N N   . THR A 1 148 ? -1.689  -18.141 6.137   1.00 68.40  ? 174 THR A N   1 
ATOM   1143 C CA  . THR A 1 148 ? -1.415  -18.871 4.898   1.00 70.44  ? 174 THR A CA  1 
ATOM   1144 C C   . THR A 1 148 ? -1.784  -20.349 4.951   1.00 72.15  ? 174 THR A C   1 
ATOM   1145 O O   . THR A 1 148 ? -2.086  -20.969 3.926   1.00 72.29  ? 174 THR A O   1 
ATOM   1146 C CB  . THR A 1 148 ? 0.075   -18.727 4.502   1.00 66.45  ? 174 THR A CB  1 
ATOM   1147 O OG1 . THR A 1 148 ? 0.192   -17.724 3.487   1.00 64.66  ? 174 THR A OG1 1 
ATOM   1148 C CG2 . THR A 1 148 ? 0.648   -20.049 3.994   1.00 67.98  ? 174 THR A CG2 1 
ATOM   1149 N N   . SER A 1 149 ? -1.758  -20.918 6.146   1.00 72.19  ? 175 SER A N   1 
ATOM   1150 C CA  . SER A 1 149 ? -2.110  -22.313 6.289   1.00 70.65  ? 175 SER A CA  1 
ATOM   1151 C C   . SER A 1 149 ? -3.567  -22.406 6.710   1.00 66.52  ? 175 SER A C   1 
ATOM   1152 O O   . SER A 1 149 ? -3.945  -23.304 7.471   1.00 71.07  ? 175 SER A O   1 
ATOM   1153 C CB  . SER A 1 149 ? -1.219  -22.979 7.336   1.00 75.15  ? 175 SER A CB  1 
ATOM   1154 O OG  . SER A 1 149 ? -1.452  -24.378 7.378   1.00 77.23  ? 175 SER A OG  1 
ATOM   1155 N N   . SER A 1 150 ? -4.385  -21.467 6.231   1.00 67.11  ? 176 SER A N   1 
ATOM   1156 C CA  . SER A 1 150 ? -5.805  -21.471 6.574   1.00 68.65  ? 176 SER A CA  1 
ATOM   1157 C C   . SER A 1 150 ? -6.597  -21.955 5.377   1.00 66.22  ? 176 SER A C   1 
ATOM   1158 O O   . SER A 1 150 ? -6.225  -21.689 4.236   1.00 67.34  ? 176 SER A O   1 
ATOM   1159 C CB  . SER A 1 150 ? -6.291  -20.071 6.980   1.00 66.74  ? 176 SER A CB  1 
ATOM   1160 O OG  . SER A 1 150 ? -6.481  -19.225 5.858   1.00 61.24  ? 176 SER A OG  1 
ATOM   1161 N N   . ALA A 1 151 ? -7.681  -22.673 5.640   1.00 59.14  ? 177 ALA A N   1 
ATOM   1162 C CA  . ALA A 1 151 ? -8.520  -23.191 4.572   1.00 63.03  ? 177 ALA A CA  1 
ATOM   1163 C C   . ALA A 1 151 ? -9.133  -22.051 3.749   1.00 63.36  ? 177 ALA A C   1 
ATOM   1164 O O   . ALA A 1 151 ? -9.337  -22.184 2.536   1.00 61.25  ? 177 ALA A O   1 
ATOM   1165 C CB  . ALA A 1 151 ? -9.623  -24.084 5.154   1.00 63.22  ? 177 ALA A CB  1 
ATOM   1166 N N   . ILE A 1 152 ? -9.438  -20.933 4.401   1.00 62.61  ? 178 ILE A N   1 
ATOM   1167 C CA  . ILE A 1 152 ? -10.011 -19.804 3.674   1.00 57.72  ? 178 ILE A CA  1 
ATOM   1168 C C   . ILE A 1 152 ? -8.950  -19.355 2.684   1.00 63.21  ? 178 ILE A C   1 
ATOM   1169 O O   . ILE A 1 152 ? -9.221  -19.212 1.492   1.00 63.08  ? 178 ILE A O   1 
ATOM   1170 C CB  . ILE A 1 152 ? -10.311 -18.601 4.583   1.00 65.14  ? 178 ILE A CB  1 
ATOM   1171 C CG1 . ILE A 1 152 ? -10.587 -19.075 6.016   1.00 68.39  ? 178 ILE A CG1 1 
ATOM   1172 C CG2 . ILE A 1 152 ? -11.485 -17.797 3.993   1.00 64.89  ? 178 ILE A CG2 1 
ATOM   1173 C CD1 . ILE A 1 152 ? -10.604 -17.948 7.037   1.00 69.62  ? 178 ILE A CD1 1 
ATOM   1174 N N   . TYR A 1 153 ? -7.735  -19.138 3.188   1.00 64.22  ? 179 TYR A N   1 
ATOM   1175 C CA  . TYR A 1 153 ? -6.656  -18.705 2.325   1.00 61.56  ? 179 TYR A CA  1 
ATOM   1176 C C   . TYR A 1 153 ? -6.425  -19.716 1.222   1.00 63.43  ? 179 TYR A C   1 
ATOM   1177 O O   . TYR A 1 153 ? -6.523  -19.393 0.038   1.00 62.87  ? 179 TYR A O   1 
ATOM   1178 C CB  . TYR A 1 153 ? -5.340  -18.510 3.093   1.00 60.72  ? 179 TYR A CB  1 
ATOM   1179 C CG  . TYR A 1 153 ? -4.199  -18.076 2.180   1.00 66.28  ? 179 TYR A CG  1 
ATOM   1180 C CD1 . TYR A 1 153 ? -3.727  -18.917 1.159   1.00 66.69  ? 179 TYR A CD1 1 
ATOM   1181 C CD2 . TYR A 1 153 ? -3.647  -16.798 2.273   1.00 66.17  ? 179 TYR A CD2 1 
ATOM   1182 C CE1 . TYR A 1 153 ? -2.744  -18.498 0.254   1.00 64.96  ? 179 TYR A CE1 1 
ATOM   1183 C CE2 . TYR A 1 153 ? -2.657  -16.369 1.370   1.00 69.15  ? 179 TYR A CE2 1 
ATOM   1184 C CZ  . TYR A 1 153 ? -2.214  -17.228 0.363   1.00 66.30  ? 179 TYR A CZ  1 
ATOM   1185 O OH  . TYR A 1 153 ? -1.234  -16.831 -0.521  1.00 63.24  ? 179 TYR A OH  1 
ATOM   1186 N N   . LYS A 1 154 ? -6.108  -20.945 1.607   1.00 60.06  ? 180 LYS A N   1 
ATOM   1187 C CA  . LYS A 1 154 ? -5.823  -21.967 0.619   1.00 61.24  ? 180 LYS A CA  1 
ATOM   1188 C C   . LYS A 1 154 ? -6.877  -22.047 -0.465  1.00 58.97  ? 180 LYS A C   1 
ATOM   1189 O O   . LYS A 1 154 ? -6.560  -22.324 -1.619  1.00 60.51  ? 180 LYS A O   1 
ATOM   1190 C CB  . LYS A 1 154 ? -5.622  -23.318 1.304   1.00 65.10  ? 180 LYS A CB  1 
ATOM   1191 C CG  . LYS A 1 154 ? -4.540  -23.243 2.370   1.00 66.56  ? 180 LYS A CG  1 
ATOM   1192 C CD  . LYS A 1 154 ? -3.839  -24.559 2.609   1.00 65.52  ? 180 LYS A CD  1 
ATOM   1193 C CE  . LYS A 1 154 ? -2.762  -24.378 3.678   1.00 69.73  ? 180 LYS A CE  1 
ATOM   1194 N NZ  . LYS A 1 154 ? -1.842  -25.548 3.766   1.00 66.41  ? 180 LYS A NZ  1 
ATOM   1195 N N   . GLN A 1 155 ? -8.129  -21.781 -0.124  1.00 59.16  ? 181 GLN A N   1 
ATOM   1196 C CA  . GLN A 1 155 ? -9.159  -21.840 -1.147  1.00 59.62  ? 181 GLN A CA  1 
ATOM   1197 C C   . GLN A 1 155 ? -9.138  -20.610 -2.023  1.00 62.04  ? 181 GLN A C   1 
ATOM   1198 O O   . GLN A 1 155 ? -9.201  -20.712 -3.256  1.00 58.92  ? 181 GLN A O   1 
ATOM   1199 C CB  . GLN A 1 155 ? -10.534 -21.960 -0.538  1.00 58.20  ? 181 GLN A CB  1 
ATOM   1200 C CG  . GLN A 1 155 ? -11.575 -22.045 -1.605  1.00 64.10  ? 181 GLN A CG  1 
ATOM   1201 C CD  . GLN A 1 155 ? -12.797 -22.757 -1.122  1.00 67.44  ? 181 GLN A CD  1 
ATOM   1202 O OE1 . GLN A 1 155 ? -13.516 -22.259 -0.253  1.00 75.49  ? 181 GLN A OE1 1 
ATOM   1203 N NE2 . GLN A 1 155 ? -13.042 -23.946 -1.669  1.00 63.82  ? 181 GLN A NE2 1 
ATOM   1204 N N   . TYR A 1 156 ? -9.081  -19.448 -1.366  1.00 61.81  ? 182 TYR A N   1 
ATOM   1205 C CA  . TYR A 1 156 ? -9.030  -18.157 -2.045  1.00 60.24  ? 182 TYR A CA  1 
ATOM   1206 C C   . TYR A 1 156 ? -8.005  -18.288 -3.153  1.00 63.30  ? 182 TYR A C   1 
ATOM   1207 O O   . TYR A 1 156 ? -8.317  -18.128 -4.341  1.00 64.06  ? 182 TYR A O   1 
ATOM   1208 C CB  . TYR A 1 156 ? -8.608  -17.051 -1.055  1.00 63.08  ? 182 TYR A CB  1 
ATOM   1209 C CG  . TYR A 1 156 ? -7.936  -15.824 -1.681  1.00 68.94  ? 182 TYR A CG  1 
ATOM   1210 C CD1 . TYR A 1 156 ? -6.569  -15.574 -1.488  1.00 64.21  ? 182 TYR A CD1 1 
ATOM   1211 C CD2 . TYR A 1 156 ? -8.661  -14.916 -2.472  1.00 67.63  ? 182 TYR A CD2 1 
ATOM   1212 C CE1 . TYR A 1 156 ? -5.941  -14.452 -2.068  1.00 61.84  ? 182 TYR A CE1 1 
ATOM   1213 C CE2 . TYR A 1 156 ? -8.036  -13.790 -3.056  1.00 64.64  ? 182 TYR A CE2 1 
ATOM   1214 C CZ  . TYR A 1 156 ? -6.680  -13.569 -2.848  1.00 59.35  ? 182 TYR A CZ  1 
ATOM   1215 O OH  . TYR A 1 156 ? -6.068  -12.470 -3.405  1.00 56.02  ? 182 TYR A OH  1 
ATOM   1216 N N   . ARG A 1 157 ? -6.784  -18.613 -2.735  1.00 64.51  ? 183 ARG A N   1 
ATOM   1217 C CA  . ARG A 1 157 ? -5.666  -18.777 -3.637  1.00 62.11  ? 183 ARG A CA  1 
ATOM   1218 C C   . ARG A 1 157 ? -5.963  -19.826 -4.678  1.00 65.95  ? 183 ARG A C   1 
ATOM   1219 O O   . ARG A 1 157 ? -5.663  -19.631 -5.856  1.00 67.29  ? 183 ARG A O   1 
ATOM   1220 C CB  . ARG A 1 157 ? -4.429  -19.177 -2.867  1.00 58.96  ? 183 ARG A CB  1 
ATOM   1221 C CG  . ARG A 1 157 ? -3.230  -19.305 -3.750  1.00 62.02  ? 183 ARG A CG  1 
ATOM   1222 C CD  . ARG A 1 157 ? -2.876  -18.002 -4.459  1.00 59.63  ? 183 ARG A CD  1 
ATOM   1223 N NE  . ARG A 1 157 ? -1.449  -17.995 -4.772  1.00 64.46  ? 183 ARG A NE  1 
ATOM   1224 C CZ  . ARG A 1 157 ? -0.492  -18.079 -3.848  1.00 71.25  ? 183 ARG A CZ  1 
ATOM   1225 N NH1 . ARG A 1 157 ? 0.793   -18.078 -4.197  1.00 71.81  ? 183 ARG A NH1 1 
ATOM   1226 N NH2 . ARG A 1 157 ? -0.820  -18.149 -2.562  1.00 65.24  ? 183 ARG A NH2 1 
ATOM   1227 N N   . LEU A 1 158 ? -6.546  -20.940 -4.248  1.00 58.19  ? 184 LEU A N   1 
ATOM   1228 C CA  . LEU A 1 158 ? -6.885  -22.006 -5.175  1.00 60.94  ? 184 LEU A CA  1 
ATOM   1229 C C   . LEU A 1 158 ? -7.559  -21.393 -6.409  1.00 66.21  ? 184 LEU A C   1 
ATOM   1230 O O   . LEU A 1 158 ? -7.084  -21.560 -7.535  1.00 66.72  ? 184 LEU A O   1 
ATOM   1231 C CB  . LEU A 1 158 ? -7.825  -23.013 -4.507  1.00 65.53  ? 184 LEU A CB  1 
ATOM   1232 C CG  . LEU A 1 158 ? -8.066  -24.330 -5.260  1.00 61.99  ? 184 LEU A CG  1 
ATOM   1233 C CD1 . LEU A 1 158 ? -9.131  -25.111 -4.513  1.00 58.42  ? 184 LEU A CD1 1 
ATOM   1234 C CD2 . LEU A 1 158 ? -8.506  -24.084 -6.715  1.00 62.26  ? 184 LEU A CD2 1 
ATOM   1235 N N   . GLN A 1 159 ? -8.668  -20.693 -6.193  1.00 67.19  ? 185 GLN A N   1 
ATOM   1236 C CA  . GLN A 1 159 ? -9.372  -20.048 -7.290  1.00 67.98  ? 185 GLN A CA  1 
ATOM   1237 C C   . GLN A 1 159 ? -8.412  -19.118 -8.021  1.00 71.16  ? 185 GLN A C   1 
ATOM   1238 O O   . GLN A 1 159 ? -7.986  -19.396 -9.146  1.00 73.05  ? 185 GLN A O   1 
ATOM   1239 C CB  . GLN A 1 159 ? -10.547 -19.218 -6.777  1.00 66.26  ? 185 GLN A CB  1 
ATOM   1240 C CG  . GLN A 1 159 ? -11.113 -18.316 -7.862  1.00 76.05  ? 185 GLN A CG  1 
ATOM   1241 C CD  . GLN A 1 159 ? -11.840 -17.099 -7.326  1.00 78.79  ? 185 GLN A CD  1 
ATOM   1242 O OE1 . GLN A 1 159 ? -13.043 -17.145 -7.056  1.00 80.66  ? 185 GLN A OE1 1 
ATOM   1243 N NE2 . GLN A 1 159 ? -11.108 -15.997 -7.162  1.00 70.56  ? 185 GLN A NE2 1 
ATOM   1244 N N   . LYS A 1 160 ? -8.075  -18.005 -7.371  1.00 71.83  ? 186 LYS A N   1 
ATOM   1245 C CA  . LYS A 1 160 ? -7.171  -17.015 -7.952  1.00 76.52  ? 186 LYS A CA  1 
ATOM   1246 C C   . LYS A 1 160 ? -5.822  -17.618 -8.329  1.00 80.93  ? 186 LYS A C   1 
ATOM   1247 O O   . LYS A 1 160 ? -5.701  -18.866 -8.375  1.00 77.16  ? 186 LYS A O   1 
ATOM   1248 C CB  . LYS A 1 160 ? -6.951  -15.832 -6.989  1.00 73.89  ? 186 LYS A CB  1 
ATOM   1249 C CG  . LYS A 1 160 ? -8.161  -14.940 -6.804  1.00 69.09  ? 186 LYS A CG  1 
ATOM   1250 C CD  . LYS A 1 160 ? -7.765  -13.482 -6.764  1.00 60.92  ? 186 LYS A CD  1 
ATOM   1251 C CE  . LYS A 1 160 ? -8.998  -12.605 -6.862  1.00 71.46  ? 186 LYS A CE  1 
ATOM   1252 N NZ  . LYS A 1 160 ? -8.623  -11.168 -6.937  1.00 75.82  ? 186 LYS A NZ  1 
HETATM 1253 S S   . SO4 B 2 .   ? -3.914  2.798   -9.639  1.00 75.01  ? 201 SO4 A S   1 
HETATM 1254 O O1  . SO4 B 2 .   ? -3.506  3.761   -8.606  1.00 68.61  ? 201 SO4 A O1  1 
HETATM 1255 O O2  . SO4 B 2 .   ? -4.066  1.478   -9.012  1.00 65.78  ? 201 SO4 A O2  1 
HETATM 1256 O O3  . SO4 B 2 .   ? -5.193  3.238   -10.240 1.00 67.46  ? 201 SO4 A O3  1 
HETATM 1257 O O4  . SO4 B 2 .   ? -2.877  2.710   -10.682 1.00 69.34  ? 201 SO4 A O4  1 
# 
